data_476D
# 
_entry.id   476D 
# 
_audit_conform.dict_name       mmcif_pdbx.dic 
_audit_conform.dict_version    5.387 
_audit_conform.dict_location   http://mmcif.pdb.org/dictionaries/ascii/mmcif_pdbx.dic 
# 
loop_
_database_2.database_id 
_database_2.database_code 
_database_2.pdbx_database_accession 
_database_2.pdbx_DOI 
PDB   476D         pdb_0000476d 10.2210/pdb476d/pdb 
RCSB  BD0018       ?            ?                   
WWPDB D_1000179251 ?            ?                   
# 
loop_
_pdbx_audit_revision_history.ordinal 
_pdbx_audit_revision_history.data_content_type 
_pdbx_audit_revision_history.major_revision 
_pdbx_audit_revision_history.minor_revision 
_pdbx_audit_revision_history.revision_date 
1 'Structure model' 1 0 1999-07-19 
2 'Structure model' 1 1 2008-05-22 
3 'Structure model' 1 2 2011-07-13 
4 'Structure model' 1 3 2024-02-28 
# 
_pdbx_audit_revision_details.ordinal             1 
_pdbx_audit_revision_details.revision_ordinal    1 
_pdbx_audit_revision_details.data_content_type   'Structure model' 
_pdbx_audit_revision_details.provider            repository 
_pdbx_audit_revision_details.type                'Initial release' 
_pdbx_audit_revision_details.description         ? 
_pdbx_audit_revision_details.details             ? 
# 
loop_
_pdbx_audit_revision_group.ordinal 
_pdbx_audit_revision_group.revision_ordinal 
_pdbx_audit_revision_group.data_content_type 
_pdbx_audit_revision_group.group 
1 2 'Structure model' 'Version format compliance' 
2 3 'Structure model' 'Version format compliance' 
3 4 'Structure model' 'Data collection'           
4 4 'Structure model' 'Database references'       
5 4 'Structure model' 'Derived calculations'      
# 
loop_
_pdbx_audit_revision_category.ordinal 
_pdbx_audit_revision_category.revision_ordinal 
_pdbx_audit_revision_category.data_content_type 
_pdbx_audit_revision_category.category 
1 4 'Structure model' chem_comp_atom         
2 4 'Structure model' chem_comp_bond         
3 4 'Structure model' database_2             
4 4 'Structure model' pdbx_struct_conn_angle 
5 4 'Structure model' struct_conn            
6 4 'Structure model' struct_site            
# 
loop_
_pdbx_audit_revision_item.ordinal 
_pdbx_audit_revision_item.revision_ordinal 
_pdbx_audit_revision_item.data_content_type 
_pdbx_audit_revision_item.item 
1  4 'Structure model' '_database_2.pdbx_DOI'                        
2  4 'Structure model' '_database_2.pdbx_database_accession'         
3  4 'Structure model' '_pdbx_struct_conn_angle.ptnr1_auth_asym_id'  
4  4 'Structure model' '_pdbx_struct_conn_angle.ptnr1_auth_comp_id'  
5  4 'Structure model' '_pdbx_struct_conn_angle.ptnr1_auth_seq_id'   
6  4 'Structure model' '_pdbx_struct_conn_angle.ptnr1_label_asym_id' 
7  4 'Structure model' '_pdbx_struct_conn_angle.ptnr1_label_atom_id' 
8  4 'Structure model' '_pdbx_struct_conn_angle.ptnr1_label_comp_id' 
9  4 'Structure model' '_pdbx_struct_conn_angle.ptnr1_label_seq_id'  
10 4 'Structure model' '_pdbx_struct_conn_angle.ptnr1_symmetry'      
11 4 'Structure model' '_pdbx_struct_conn_angle.ptnr2_auth_asym_id'  
12 4 'Structure model' '_pdbx_struct_conn_angle.ptnr2_auth_seq_id'   
13 4 'Structure model' '_pdbx_struct_conn_angle.ptnr2_label_alt_id'  
14 4 'Structure model' '_pdbx_struct_conn_angle.ptnr2_label_asym_id' 
15 4 'Structure model' '_pdbx_struct_conn_angle.ptnr3_auth_asym_id'  
16 4 'Structure model' '_pdbx_struct_conn_angle.ptnr3_auth_comp_id'  
17 4 'Structure model' '_pdbx_struct_conn_angle.ptnr3_auth_seq_id'   
18 4 'Structure model' '_pdbx_struct_conn_angle.ptnr3_label_asym_id' 
19 4 'Structure model' '_pdbx_struct_conn_angle.ptnr3_label_atom_id' 
20 4 'Structure model' '_pdbx_struct_conn_angle.ptnr3_label_comp_id' 
21 4 'Structure model' '_pdbx_struct_conn_angle.ptnr3_label_seq_id'  
22 4 'Structure model' '_pdbx_struct_conn_angle.ptnr3_symmetry'      
23 4 'Structure model' '_pdbx_struct_conn_angle.value'               
24 4 'Structure model' '_struct_conn.pdbx_dist_value'                
25 4 'Structure model' '_struct_conn.pdbx_ptnr1_label_alt_id'        
26 4 'Structure model' '_struct_conn.pdbx_ptnr2_label_alt_id'        
27 4 'Structure model' '_struct_conn.ptnr1_auth_asym_id'             
28 4 'Structure model' '_struct_conn.ptnr1_auth_comp_id'             
29 4 'Structure model' '_struct_conn.ptnr1_auth_seq_id'              
30 4 'Structure model' '_struct_conn.ptnr1_label_asym_id'            
31 4 'Structure model' '_struct_conn.ptnr1_label_atom_id'            
32 4 'Structure model' '_struct_conn.ptnr1_label_comp_id'            
33 4 'Structure model' '_struct_conn.ptnr1_label_seq_id'             
34 4 'Structure model' '_struct_conn.ptnr1_symmetry'                 
35 4 'Structure model' '_struct_conn.ptnr2_auth_asym_id'             
36 4 'Structure model' '_struct_conn.ptnr2_auth_comp_id'             
37 4 'Structure model' '_struct_conn.ptnr2_auth_seq_id'              
38 4 'Structure model' '_struct_conn.ptnr2_label_asym_id'            
39 4 'Structure model' '_struct_conn.ptnr2_label_atom_id'            
40 4 'Structure model' '_struct_conn.ptnr2_label_comp_id'            
41 4 'Structure model' '_struct_conn.ptnr2_label_seq_id'             
42 4 'Structure model' '_struct_conn.ptnr2_symmetry'                 
43 4 'Structure model' '_struct_site.pdbx_auth_asym_id'              
44 4 'Structure model' '_struct_site.pdbx_auth_comp_id'              
45 4 'Structure model' '_struct_site.pdbx_auth_seq_id'               
# 
_pdbx_database_status.status_code                     REL 
_pdbx_database_status.entry_id                        476D 
_pdbx_database_status.recvd_initial_deposition_date   1999-06-25 
_pdbx_database_status.deposit_site                    NDB 
_pdbx_database_status.process_site                    NDB 
_pdbx_database_status.status_code_sf                  REL 
_pdbx_database_status.status_code_mr                  ? 
_pdbx_database_status.SG_entry                        ? 
_pdbx_database_status.pdb_format_compatible           Y 
_pdbx_database_status.status_code_cs                  ? 
_pdbx_database_status.status_code_nmr_data            ? 
_pdbx_database_status.methods_development_category    ? 
# 
loop_
_audit_author.name 
_audit_author.pdbx_ordinal 
'Minasov, G.'  1 
'Tereshko, V.' 2 
'Egli, M.'     3 
# 
_citation.id                        primary 
_citation.title                     
'Atomic-resolution crystal structures of B-DNA reveal specific influences of divalent metal ions on conformation and packing.' 
_citation.journal_abbrev            J.Mol.Biol. 
_citation.journal_volume            291 
_citation.page_first                83 
_citation.page_last                 99 
_citation.year                      1999 
_citation.journal_id_ASTM           JMOBAK 
_citation.country                   UK 
_citation.journal_id_ISSN           0022-2836 
_citation.journal_id_CSD            0070 
_citation.book_publisher            ? 
_citation.pdbx_database_id_PubMed   10438608 
_citation.pdbx_database_id_DOI      10.1006/jmbi.1999.2934 
# 
loop_
_citation_author.citation_id 
_citation_author.name 
_citation_author.ordinal 
_citation_author.identifier_ORCID 
primary 'Minasov, G.'  1 ? 
primary 'Tereshko, V.' 2 ? 
primary 'Egli, M.'     3 ? 
# 
loop_
_entity.id 
_entity.type 
_entity.src_method 
_entity.pdbx_description 
_entity.formula_weight 
_entity.pdbx_number_of_molecules 
_entity.pdbx_ec 
_entity.pdbx_mutation 
_entity.pdbx_fragment 
_entity.details 
1 polymer     syn "5'-D(*GP*CP*GP*AP*AP*TP*TP*CP*GP*CP*G)-3'" 3374.210 2   ? ? ? ? 
2 non-polymer syn 'CALCIUM ION'                               40.078   6   ? ? ? ? 
3 water       nat water                                       18.015   121 ? ? ? ? 
# 
_entity_poly.entity_id                      1 
_entity_poly.type                           polydeoxyribonucleotide 
_entity_poly.nstd_linkage                   no 
_entity_poly.nstd_monomer                   no 
_entity_poly.pdbx_seq_one_letter_code       '(DG)(DC)(DG)(DA)(DA)(DT)(DT)(DC)(DG)(DC)(DG)' 
_entity_poly.pdbx_seq_one_letter_code_can   GCGAATTCGCG 
_entity_poly.pdbx_strand_id                 A,B 
_entity_poly.pdbx_target_identifier         ? 
# 
loop_
_pdbx_entity_nonpoly.entity_id 
_pdbx_entity_nonpoly.name 
_pdbx_entity_nonpoly.comp_id 
2 'CALCIUM ION' CA  
3 water         HOH 
# 
loop_
_entity_poly_seq.entity_id 
_entity_poly_seq.num 
_entity_poly_seq.mon_id 
_entity_poly_seq.hetero 
1 1  DG n 
1 2  DC n 
1 3  DG n 
1 4  DA n 
1 5  DA n 
1 6  DT n 
1 7  DT n 
1 8  DC n 
1 9  DG n 
1 10 DC n 
1 11 DG n 
# 
loop_
_chem_comp.id 
_chem_comp.type 
_chem_comp.mon_nstd_flag 
_chem_comp.name 
_chem_comp.pdbx_synonyms 
_chem_comp.formula 
_chem_comp.formula_weight 
CA  non-polymer   . 'CALCIUM ION'                        ? 'Ca 2'            40.078  
DA  'DNA linking' y "2'-DEOXYADENOSINE-5'-MONOPHOSPHATE" ? 'C10 H14 N5 O6 P' 331.222 
DC  'DNA linking' y "2'-DEOXYCYTIDINE-5'-MONOPHOSPHATE"  ? 'C9 H14 N3 O7 P'  307.197 
DG  'DNA linking' y "2'-DEOXYGUANOSINE-5'-MONOPHOSPHATE" ? 'C10 H14 N5 O7 P' 347.221 
DT  'DNA linking' y "THYMIDINE-5'-MONOPHOSPHATE"         ? 'C10 H15 N2 O8 P' 322.208 
HOH non-polymer   . WATER                                ? 'H2 O'            18.015  
# 
loop_
_pdbx_poly_seq_scheme.asym_id 
_pdbx_poly_seq_scheme.entity_id 
_pdbx_poly_seq_scheme.seq_id 
_pdbx_poly_seq_scheme.mon_id 
_pdbx_poly_seq_scheme.ndb_seq_num 
_pdbx_poly_seq_scheme.pdb_seq_num 
_pdbx_poly_seq_scheme.auth_seq_num 
_pdbx_poly_seq_scheme.pdb_mon_id 
_pdbx_poly_seq_scheme.auth_mon_id 
_pdbx_poly_seq_scheme.pdb_strand_id 
_pdbx_poly_seq_scheme.pdb_ins_code 
_pdbx_poly_seq_scheme.hetero 
A 1 1  DG 1  2  2  DG G A . n 
A 1 2  DC 2  3  3  DC C A . n 
A 1 3  DG 3  4  4  DG G A . n 
A 1 4  DA 4  5  5  DA A A . n 
A 1 5  DA 5  6  6  DA A A . n 
A 1 6  DT 6  7  7  DT T A . n 
A 1 7  DT 7  8  8  DT T A . n 
A 1 8  DC 8  9  9  DC C A . n 
A 1 9  DG 9  10 10 DG G A . n 
A 1 10 DC 10 11 11 DC C A . n 
A 1 11 DG 11 12 12 DG G A . n 
B 1 1  DG 1  14 14 DG G B . n 
B 1 2  DC 2  15 15 DC C B . n 
B 1 3  DG 3  16 16 DG G B . n 
B 1 4  DA 4  17 17 DA A B . n 
B 1 5  DA 5  18 18 DA A B . n 
B 1 6  DT 6  19 19 DT T B . n 
B 1 7  DT 7  20 20 DT T B . n 
B 1 8  DC 8  21 21 DC C B . n 
B 1 9  DG 9  22 22 DG G B . n 
B 1 10 DC 10 23 23 DC C B . n 
B 1 11 DG 11 24 24 DG G B . n 
# 
loop_
_pdbx_nonpoly_scheme.asym_id 
_pdbx_nonpoly_scheme.entity_id 
_pdbx_nonpoly_scheme.mon_id 
_pdbx_nonpoly_scheme.ndb_seq_num 
_pdbx_nonpoly_scheme.pdb_seq_num 
_pdbx_nonpoly_scheme.auth_seq_num 
_pdbx_nonpoly_scheme.pdb_mon_id 
_pdbx_nonpoly_scheme.auth_mon_id 
_pdbx_nonpoly_scheme.pdb_strand_id 
_pdbx_nonpoly_scheme.pdb_ins_code 
C 2 CA  1  112 112 CA  CA  A . 
D 2 CA  1  120 120 CA  CA  A . 
E 2 CA  1  124 124 CA  CA  A . 
F 2 CA  1  101 101 CA  CA  B . 
G 2 CA  1  104 104 CA  CA  B . 
H 2 CA  1  122 122 CA  CA  B . 
I 3 HOH 1  125 124 HOH HOH A . 
I 3 HOH 2  126 114 HOH HOH A . 
I 3 HOH 3  127 115 HOH HOH A . 
I 3 HOH 4  128 117 HOH HOH A . 
I 3 HOH 5  129 118 HOH HOH A . 
I 3 HOH 6  130 121 HOH HOH A . 
I 3 HOH 7  131 127 HOH HOH A . 
I 3 HOH 8  132 128 HOH HOH A . 
I 3 HOH 9  133 131 HOH HOH A . 
I 3 HOH 10 134 133 HOH HOH A . 
I 3 HOH 11 135 135 HOH HOH A . 
I 3 HOH 12 136 137 HOH HOH A . 
I 3 HOH 13 137 140 HOH HOH A . 
I 3 HOH 14 138 141 HOH HOH A . 
I 3 HOH 15 139 143 HOH HOH A . 
I 3 HOH 16 140 144 HOH HOH A . 
I 3 HOH 17 141 145 HOH HOH A . 
I 3 HOH 18 142 146 HOH HOH A . 
I 3 HOH 19 143 147 HOH HOH A . 
I 3 HOH 20 144 148 HOH HOH A . 
I 3 HOH 21 145 149 HOH HOH A . 
I 3 HOH 22 146 150 HOH HOH A . 
I 3 HOH 23 147 151 HOH HOH A . 
I 3 HOH 24 148 152 HOH HOH A . 
I 3 HOH 25 149 154 HOH HOH A . 
I 3 HOH 26 150 159 HOH HOH A . 
I 3 HOH 27 151 161 HOH HOH A . 
I 3 HOH 28 152 165 HOH HOH A . 
I 3 HOH 29 153 166 HOH HOH A . 
I 3 HOH 30 154 167 HOH HOH A . 
I 3 HOH 31 155 168 HOH HOH A . 
I 3 HOH 32 156 172 HOH HOH A . 
I 3 HOH 33 157 173 HOH HOH A . 
I 3 HOH 34 158 174 HOH HOH A . 
I 3 HOH 35 159 178 HOH HOH A . 
I 3 HOH 36 160 180 HOH HOH A . 
I 3 HOH 37 161 183 HOH HOH A . 
I 3 HOH 38 162 185 HOH HOH A . 
I 3 HOH 39 163 186 HOH HOH A . 
I 3 HOH 40 164 187 HOH HOH A . 
I 3 HOH 41 165 190 HOH HOH A . 
I 3 HOH 42 166 192 HOH HOH A . 
I 3 HOH 43 167 196 HOH HOH A . 
I 3 HOH 44 168 197 HOH HOH A . 
I 3 HOH 45 169 198 HOH HOH A . 
I 3 HOH 46 170 200 HOH HOH A . 
I 3 HOH 47 171 202 HOH HOH A . 
I 3 HOH 48 172 203 HOH HOH A . 
I 3 HOH 49 173 205 HOH HOH A . 
I 3 HOH 50 174 211 HOH HOH A . 
I 3 HOH 51 175 212 HOH HOH A . 
I 3 HOH 52 176 213 HOH HOH A . 
I 3 HOH 53 177 215 HOH HOH A . 
I 3 HOH 54 178 217 HOH HOH A . 
I 3 HOH 55 179 218 HOH HOH A . 
I 3 HOH 56 180 219 HOH HOH A . 
I 3 HOH 57 181 221 HOH HOH A . 
I 3 HOH 58 182 223 HOH HOH A . 
I 3 HOH 59 183 225 HOH HOH A . 
I 3 HOH 60 184 226 HOH HOH A . 
I 3 HOH 61 185 229 HOH HOH A . 
J 3 HOH 1  102 102 HOH HOH B . 
J 3 HOH 2  103 103 HOH HOH B . 
J 3 HOH 3  105 105 HOH HOH B . 
J 3 HOH 4  106 106 HOH HOH B . 
J 3 HOH 5  107 107 HOH HOH B . 
J 3 HOH 6  108 108 HOH HOH B . 
J 3 HOH 7  109 109 HOH HOH B . 
J 3 HOH 8  110 110 HOH HOH B . 
J 3 HOH 9  111 111 HOH HOH B . 
J 3 HOH 10 113 113 HOH HOH B . 
J 3 HOH 11 116 116 HOH HOH B . 
J 3 HOH 12 119 119 HOH HOH B . 
J 3 HOH 13 123 123 HOH HOH B . 
J 3 HOH 14 125 125 HOH HOH B . 
J 3 HOH 15 126 126 HOH HOH B . 
J 3 HOH 16 129 129 HOH HOH B . 
J 3 HOH 17 130 130 HOH HOH B . 
J 3 HOH 18 132 132 HOH HOH B . 
J 3 HOH 19 134 134 HOH HOH B . 
J 3 HOH 20 136 136 HOH HOH B . 
J 3 HOH 21 138 138 HOH HOH B . 
J 3 HOH 22 139 139 HOH HOH B . 
J 3 HOH 23 142 142 HOH HOH B . 
J 3 HOH 24 153 153 HOH HOH B . 
J 3 HOH 25 155 155 HOH HOH B . 
J 3 HOH 26 156 156 HOH HOH B . 
J 3 HOH 27 157 157 HOH HOH B . 
J 3 HOH 28 158 158 HOH HOH B . 
J 3 HOH 29 160 160 HOH HOH B . 
J 3 HOH 30 162 162 HOH HOH B . 
J 3 HOH 31 163 163 HOH HOH B . 
J 3 HOH 32 164 164 HOH HOH B . 
J 3 HOH 33 169 169 HOH HOH B . 
J 3 HOH 34 170 170 HOH HOH B . 
J 3 HOH 35 171 171 HOH HOH B . 
J 3 HOH 36 175 175 HOH HOH B . 
J 3 HOH 37 176 176 HOH HOH B . 
J 3 HOH 38 177 177 HOH HOH B . 
J 3 HOH 39 179 179 HOH HOH B . 
J 3 HOH 40 181 181 HOH HOH B . 
J 3 HOH 41 182 182 HOH HOH B . 
J 3 HOH 42 184 184 HOH HOH B . 
J 3 HOH 43 188 188 HOH HOH B . 
J 3 HOH 44 189 189 HOH HOH B . 
J 3 HOH 45 191 191 HOH HOH B . 
J 3 HOH 46 193 193 HOH HOH B . 
J 3 HOH 47 194 194 HOH HOH B . 
J 3 HOH 48 195 195 HOH HOH B . 
J 3 HOH 49 199 199 HOH HOH B . 
J 3 HOH 50 201 201 HOH HOH B . 
J 3 HOH 51 204 204 HOH HOH B . 
J 3 HOH 52 206 206 HOH HOH B . 
J 3 HOH 53 207 207 HOH HOH B . 
J 3 HOH 54 208 208 HOH HOH B . 
J 3 HOH 55 209 209 HOH HOH B . 
J 3 HOH 56 214 214 HOH HOH B . 
J 3 HOH 57 216 216 HOH HOH B . 
J 3 HOH 58 222 222 HOH HOH B . 
J 3 HOH 59 224 224 HOH HOH B . 
J 3 HOH 60 230 230 HOH HOH B . 
# 
loop_
_software.name 
_software.classification 
_software.version 
_software.citation_id 
_software.pdbx_ordinal 
AMoRE     phasing          . ? 1 
SHELXL-97 refinement       . ? 2 
DENZO     'data reduction' . ? 3 
SCALEPACK 'data scaling'   . ? 4 
# 
_cell.entry_id           476D 
_cell.length_a           38.764 
_cell.length_b           38.764 
_cell.length_c           99.084 
_cell.angle_alpha        90.00 
_cell.angle_beta         90.00 
_cell.angle_gamma        120.00 
_cell.Z_PDB              18 
_cell.pdbx_unique_axis   ? 
# 
_symmetry.entry_id                         476D 
_symmetry.space_group_name_H-M             'H 3' 
_symmetry.pdbx_full_space_group_name_H-M   ? 
_symmetry.cell_setting                     trigonal 
_symmetry.Int_Tables_number                146 
# 
_exptl.entry_id          476D 
_exptl.method            'X-RAY DIFFRACTION' 
_exptl.crystals_number   1 
# 
_exptl_crystal.id                    1 
_exptl_crystal.density_meas          ? 
_exptl_crystal.density_Matthews      2.12 
_exptl_crystal.density_percent_sol   42.06 
_exptl_crystal.description           ? 
# 
_exptl_crystal_grow.crystal_id      1 
_exptl_crystal_grow.method          'VAPOR DIFFUSION, SITTING DROP' 
_exptl_crystal_grow.temp            295 
_exptl_crystal_grow.temp_details    ? 
_exptl_crystal_grow.pH              6.9 
_exptl_crystal_grow.pdbx_details    
;SITTING DROPS CONTAIN 1.0 MM SINGLE STRAND OLIGONUCLEOTIDE,20 MM SODIUM CACODYLATE BUFFER PH 6.9, 20 MM CALCIUM CLORIDE,AGAINST RESERVOIR OF 40% MPD, VAPOR DIFFUSION, SITTING DROP, temperature 295K
;
_exptl_crystal_grow.pdbx_pH_range   ? 
# 
loop_
_exptl_crystal_grow_comp.crystal_id 
_exptl_crystal_grow_comp.id 
_exptl_crystal_grow_comp.sol_id 
_exptl_crystal_grow_comp.name 
_exptl_crystal_grow_comp.volume 
_exptl_crystal_grow_comp.conc 
_exptl_crystal_grow_comp.details 
1 1 1 'SODIUM CACODYLATE' ? ? ? 
1 2 1 CACL2               ? ? ? 
1 3 2 MPD                 ? ? ? 
# 
_diffrn.id                     1 
_diffrn.ambient_temp           120 
_diffrn.ambient_temp_details   ? 
_diffrn.crystal_id             1 
# 
_diffrn_detector.diffrn_id              1 
_diffrn_detector.detector               CCD 
_diffrn_detector.type                   MARRESEARCH 
_diffrn_detector.pdbx_collection_date   1998-09-05 
_diffrn_detector.details                ? 
# 
_diffrn_radiation.diffrn_id                        1 
_diffrn_radiation.wavelength_id                    1 
_diffrn_radiation.pdbx_monochromatic_or_laue_m_l   M 
_diffrn_radiation.monochromator                    ? 
_diffrn_radiation.pdbx_diffrn_protocol             'SINGLE WAVELENGTH' 
_diffrn_radiation.pdbx_scattering_type             x-ray 
# 
_diffrn_radiation_wavelength.id           1 
_diffrn_radiation_wavelength.wavelength   1.10012 
_diffrn_radiation_wavelength.wt           1.0 
# 
_diffrn_source.diffrn_id                   1 
_diffrn_source.source                      SYNCHROTRON 
_diffrn_source.type                        'APS BEAMLINE 5ID-B' 
_diffrn_source.pdbx_synchrotron_site       APS 
_diffrn_source.pdbx_synchrotron_beamline   5ID-B 
_diffrn_source.pdbx_wavelength             1.10012 
_diffrn_source.pdbx_wavelength_list        ? 
# 
_reflns.entry_id                     476D 
_reflns.observed_criterion_sigma_I   -3.0 
_reflns.observed_criterion_sigma_F   ? 
_reflns.d_resolution_low             25.0 
_reflns.d_resolution_high            1.29 
_reflns.number_obs                   13911 
_reflns.number_all                   13911 
_reflns.percent_possible_obs         99.5 
_reflns.pdbx_Rmerge_I_obs            0.0890000 
_reflns.pdbx_Rsym_value              ? 
_reflns.pdbx_netI_over_sigmaI        28.9 
_reflns.B_iso_Wilson_estimate        ? 
_reflns.pdbx_redundancy              3.9 
_reflns.pdbx_diffrn_id               1 
_reflns.pdbx_ordinal                 1 
# 
_reflns_shell.d_res_high             1.29 
_reflns_shell.d_res_low              1.34 
_reflns_shell.percent_possible_all   99.1 
_reflns_shell.Rmerge_I_obs           0.3090000 
_reflns_shell.pdbx_Rsym_value        ? 
_reflns_shell.meanI_over_sigI_obs    ? 
_reflns_shell.pdbx_redundancy        3.40 
_reflns_shell.pdbx_diffrn_id         ? 
_reflns_shell.pdbx_ordinal           1 
# 
_refine.entry_id                                 476D 
_refine.ls_number_reflns_obs                     13120 
_refine.ls_number_reflns_all                     13395 
_refine.pdbx_ls_sigma_I                          0.0 
_refine.pdbx_ls_sigma_F                          0.0 
_refine.pdbx_data_cutoff_high_absF               ? 
_refine.pdbx_data_cutoff_low_absF                ? 
_refine.pdbx_data_cutoff_high_rms_absF           ? 
_refine.ls_d_res_low                             15.0 
_refine.ls_d_res_high                            1.30 
_refine.ls_percent_reflns_obs                    95.9 
_refine.ls_R_factor_obs                          ? 
_refine.ls_R_factor_all                          0.1820000 
_refine.ls_R_factor_R_work                       0.1820000 
_refine.ls_R_factor_R_free                       0.2200000 
_refine.ls_R_factor_R_free_error                 ? 
_refine.ls_R_factor_R_free_error_details         ? 
_refine.ls_percent_reflns_R_free                 10 
_refine.ls_number_reflns_R_free                  1343 
_refine.ls_number_parameters                     ? 
_refine.ls_number_restraints                     ? 
_refine.occupancy_min                            ? 
_refine.occupancy_max                            ? 
_refine.B_iso_mean                               ? 
_refine.aniso_B[1][1]                            ? 
_refine.aniso_B[2][2]                            ? 
_refine.aniso_B[3][3]                            ? 
_refine.aniso_B[1][2]                            ? 
_refine.aniso_B[1][3]                            ? 
_refine.aniso_B[2][3]                            ? 
_refine.solvent_model_details                    ? 
_refine.solvent_model_param_ksol                 ? 
_refine.solvent_model_param_bsol                 ? 
_refine.pdbx_ls_cross_valid_method               THROUGHOUT 
_refine.details                                  ? 
_refine.pdbx_starting_model                      ? 
_refine.pdbx_method_to_determine_struct          ? 
_refine.pdbx_isotropic_thermal_model             ? 
_refine.pdbx_stereochemistry_target_values       ? 
_refine.pdbx_stereochem_target_val_spec_case     ? 
_refine.pdbx_R_Free_selection_details            RANDOM 
_refine.pdbx_overall_ESU_R                       ? 
_refine.pdbx_overall_ESU_R_Free                  ? 
_refine.overall_SU_ML                            ? 
_refine.overall_SU_B                             ? 
_refine.pdbx_refine_id                           'X-RAY DIFFRACTION' 
_refine.pdbx_diffrn_id                           1 
_refine.pdbx_TLS_residual_ADP_flag               ? 
_refine.correlation_coeff_Fo_to_Fc               ? 
_refine.correlation_coeff_Fo_to_Fc_free          ? 
_refine.pdbx_solvent_vdw_probe_radii             ? 
_refine.pdbx_solvent_ion_probe_radii             ? 
_refine.pdbx_solvent_shrinkage_radii             ? 
_refine.pdbx_overall_phase_error                 ? 
_refine.overall_SU_R_Cruickshank_DPI             ? 
_refine.pdbx_overall_SU_R_free_Cruickshank_DPI   ? 
_refine.pdbx_overall_SU_R_Blow_DPI               ? 
_refine.pdbx_overall_SU_R_free_Blow_DPI          ? 
# 
_refine_hist.pdbx_refine_id                   'X-RAY DIFFRACTION' 
_refine_hist.cycle_id                         LAST 
_refine_hist.pdbx_number_atoms_protein        0 
_refine_hist.pdbx_number_atoms_nucleic_acid   448 
_refine_hist.pdbx_number_atoms_ligand         6 
_refine_hist.number_atoms_solvent             125 
_refine_hist.number_atoms_total               579 
_refine_hist.d_res_high                       1.30 
_refine_hist.d_res_low                        15.0 
# 
loop_
_refine_ls_restr.type 
_refine_ls_restr.dev_ideal 
_refine_ls_restr.dev_ideal_target 
_refine_ls_restr.weight 
_refine_ls_restr.number 
_refine_ls_restr.pdbx_refine_id 
_refine_ls_restr.pdbx_restraint_function 
s_bond_d               0.005 ? ? ? 'X-RAY DIFFRACTION' ? 
s_angle_d              0.006 ? ? ? 'X-RAY DIFFRACTION' ? 
s_similar_dist         ?     ? ? ? 'X-RAY DIFFRACTION' ? 
s_from_restr_planes    ?     ? ? ? 'X-RAY DIFFRACTION' ? 
s_zero_chiral_vol      ?     ? ? ? 'X-RAY DIFFRACTION' ? 
s_non_zero_chiral_vol  ?     ? ? ? 'X-RAY DIFFRACTION' ? 
s_anti_bump_dis_restr  ?     ? ? ? 'X-RAY DIFFRACTION' ? 
s_rigid_bond_adp_cmpnt ?     ? ? ? 'X-RAY DIFFRACTION' ? 
s_similar_adp_cmpnt    ?     ? ? ? 'X-RAY DIFFRACTION' ? 
s_approx_iso_adps      ?     ? ? ? 'X-RAY DIFFRACTION' ? 
# 
_pdbx_refine.entry_id                                    476D 
_pdbx_refine.R_factor_all_no_cutoff                      ? 
_pdbx_refine.R_factor_obs_no_cutoff                      ? 
_pdbx_refine.free_R_factor_no_cutoff                     ? 
_pdbx_refine.free_R_val_test_set_size_perc_no_cutoff     ? 
_pdbx_refine.free_R_val_test_set_ct_no_cutoff            ? 
_pdbx_refine.R_factor_all_4sig_cutoff                    ? 
_pdbx_refine.R_factor_obs_4sig_cutoff                    ? 
_pdbx_refine.free_R_factor_4sig_cutoff                   ? 
_pdbx_refine.free_R_val_test_set_size_perc_4sig_cutoff   ? 
_pdbx_refine.free_R_val_test_set_ct_4sig_cutoff          ? 
_pdbx_refine.number_reflns_obs_4sig_cutoff               13120 
_pdbx_refine.pdbx_refine_id                              'X-RAY DIFFRACTION' 
_pdbx_refine.free_R_error_no_cutoff                      ? 
# 
_struct.entry_id                  476D 
_struct.title                     'CALCIUM FORM OF B-DNA UNDECAMER GCGAATTCGCG' 
_struct.pdbx_model_details        ? 
_struct.pdbx_CASP_flag            ? 
_struct.pdbx_model_type_details   ? 
# 
_struct_keywords.entry_id        476D 
_struct_keywords.pdbx_keywords   DNA 
_struct_keywords.text            'B-DNA DODECAMER, CALCIUM FORM, DNA' 
# 
loop_
_struct_asym.id 
_struct_asym.pdbx_blank_PDB_chainid_flag 
_struct_asym.pdbx_modified 
_struct_asym.entity_id 
_struct_asym.details 
A N N 1 ? 
B N N 1 ? 
C N N 2 ? 
D N N 2 ? 
E N N 2 ? 
F N N 2 ? 
G N N 2 ? 
H N N 2 ? 
I N N 3 ? 
J N N 3 ? 
# 
_struct_ref.id                         1 
_struct_ref.entity_id                  1 
_struct_ref.db_name                    PDB 
_struct_ref.db_code                    476D 
_struct_ref.pdbx_db_accession          476D 
_struct_ref.pdbx_db_isoform            ? 
_struct_ref.pdbx_seq_one_letter_code   ? 
_struct_ref.pdbx_align_begin           ? 
# 
loop_
_struct_ref_seq.align_id 
_struct_ref_seq.ref_id 
_struct_ref_seq.pdbx_PDB_id_code 
_struct_ref_seq.pdbx_strand_id 
_struct_ref_seq.seq_align_beg 
_struct_ref_seq.pdbx_seq_align_beg_ins_code 
_struct_ref_seq.seq_align_end 
_struct_ref_seq.pdbx_seq_align_end_ins_code 
_struct_ref_seq.pdbx_db_accession 
_struct_ref_seq.db_align_beg 
_struct_ref_seq.pdbx_db_align_beg_ins_code 
_struct_ref_seq.db_align_end 
_struct_ref_seq.pdbx_db_align_end_ins_code 
_struct_ref_seq.pdbx_auth_seq_align_beg 
_struct_ref_seq.pdbx_auth_seq_align_end 
1 1 476D A 1 ? 11 ? 476D 2  ? 12 ? 2  12 
2 1 476D B 1 ? 11 ? 476D 14 ? 24 ? 14 24 
# 
_pdbx_struct_assembly.id                   1 
_pdbx_struct_assembly.details              author_defined_assembly 
_pdbx_struct_assembly.method_details       ? 
_pdbx_struct_assembly.oligomeric_details   dimeric 
_pdbx_struct_assembly.oligomeric_count     2 
# 
_pdbx_struct_assembly_gen.assembly_id       1 
_pdbx_struct_assembly_gen.oper_expression   1 
_pdbx_struct_assembly_gen.asym_id_list      A,B,C,D,E,F,G,H,I,J 
# 
_pdbx_struct_oper_list.id                   1 
_pdbx_struct_oper_list.type                 'identity operation' 
_pdbx_struct_oper_list.name                 1_555 
_pdbx_struct_oper_list.symmetry_operation   x,y,z 
_pdbx_struct_oper_list.matrix[1][1]         1.0000000000 
_pdbx_struct_oper_list.matrix[1][2]         0.0000000000 
_pdbx_struct_oper_list.matrix[1][3]         0.0000000000 
_pdbx_struct_oper_list.vector[1]            0.0000000000 
_pdbx_struct_oper_list.matrix[2][1]         0.0000000000 
_pdbx_struct_oper_list.matrix[2][2]         1.0000000000 
_pdbx_struct_oper_list.matrix[2][3]         0.0000000000 
_pdbx_struct_oper_list.vector[2]            0.0000000000 
_pdbx_struct_oper_list.matrix[3][1]         0.0000000000 
_pdbx_struct_oper_list.matrix[3][2]         0.0000000000 
_pdbx_struct_oper_list.matrix[3][3]         1.0000000000 
_pdbx_struct_oper_list.vector[3]            0.0000000000 
# 
_struct_biol.id   1 
# 
loop_
_struct_conn.id 
_struct_conn.conn_type_id 
_struct_conn.pdbx_leaving_atom_flag 
_struct_conn.pdbx_PDB_id 
_struct_conn.ptnr1_label_asym_id 
_struct_conn.ptnr1_label_comp_id 
_struct_conn.ptnr1_label_seq_id 
_struct_conn.ptnr1_label_atom_id 
_struct_conn.pdbx_ptnr1_label_alt_id 
_struct_conn.pdbx_ptnr1_PDB_ins_code 
_struct_conn.pdbx_ptnr1_standard_comp_id 
_struct_conn.ptnr1_symmetry 
_struct_conn.ptnr2_label_asym_id 
_struct_conn.ptnr2_label_comp_id 
_struct_conn.ptnr2_label_seq_id 
_struct_conn.ptnr2_label_atom_id 
_struct_conn.pdbx_ptnr2_label_alt_id 
_struct_conn.pdbx_ptnr2_PDB_ins_code 
_struct_conn.ptnr1_auth_asym_id 
_struct_conn.ptnr1_auth_comp_id 
_struct_conn.ptnr1_auth_seq_id 
_struct_conn.ptnr2_auth_asym_id 
_struct_conn.ptnr2_auth_comp_id 
_struct_conn.ptnr2_auth_seq_id 
_struct_conn.ptnr2_symmetry 
_struct_conn.pdbx_ptnr3_label_atom_id 
_struct_conn.pdbx_ptnr3_label_seq_id 
_struct_conn.pdbx_ptnr3_label_comp_id 
_struct_conn.pdbx_ptnr3_label_asym_id 
_struct_conn.pdbx_ptnr3_label_alt_id 
_struct_conn.pdbx_ptnr3_PDB_ins_code 
_struct_conn.details 
_struct_conn.pdbx_dist_value 
_struct_conn.pdbx_value_order 
_struct_conn.pdbx_role 
metalc1  metalc ? ? A DA 4  OP1 ? ? ? 1_555 D CA  .  CA ? ? A DA 5   A CA  120 1_555 ? ? ? ? ? ? ?            2.286 ? ? 
metalc2  metalc ? ? A DA 4  OP1 ? ? ? 2_645 D CA  .  CA ? ? A DA 5   A CA  120 1_555 ? ? ? ? ? ? ?            2.286 ? ? 
metalc3  metalc ? ? A DA 4  OP1 ? ? ? 3_765 D CA  .  CA ? ? A DA 5   A CA  120 1_555 ? ? ? ? ? ? ?            2.286 ? ? 
metalc4  metalc ? ? A DC 10 OP1 ? ? ? 4_445 F CA  .  CA ? ? A DC 11  B CA  101 1_555 ? ? ? ? ? ? ?            2.346 ? ? 
metalc5  metalc ? ? A DG 11 OP2 ? ? ? 1_555 E CA  .  CA A ? A DG 12  A CA  124 1_555 ? ? ? ? ? ? ?            2.528 ? ? 
metalc6  metalc ? ? A DG 11 O6  ? ? ? 4_445 F CA  .  CA ? ? A DG 12  B CA  101 1_555 ? ? ? ? ? ? ?            2.358 ? ? 
metalc7  metalc ? ? A DG 11 OP1 ? ? ? 6_665 F CA  .  CA ? ? A DG 12  B CA  101 1_555 ? ? ? ? ? ? ?            2.354 ? ? 
metalc8  metalc ? ? C CA .  CA  ? ? ? 1_555 I HOH .  O  ? ? A CA 112 A HOH 126 1_555 ? ? ? ? ? ? ?            2.530 ? ? 
metalc9  metalc ? ? C CA .  CA  ? ? ? 1_555 I HOH .  O  ? ? A CA 112 A HOH 127 1_555 ? ? ? ? ? ? ?            2.436 ? ? 
metalc10 metalc ? ? C CA .  CA  ? ? ? 1_555 I HOH .  O  ? ? A CA 112 A HOH 128 1_555 ? ? ? ? ? ? ?            2.284 ? ? 
metalc11 metalc ? ? C CA .  CA  ? ? ? 1_555 I HOH .  O  ? ? A CA 112 A HOH 129 1_555 ? ? ? ? ? ? ?            2.364 ? ? 
metalc12 metalc ? ? C CA .  CA  ? ? ? 1_555 J HOH .  O  ? ? A CA 112 B HOH 113 1_555 ? ? ? ? ? ? ?            2.315 ? ? 
metalc13 metalc ? ? C CA .  CA  ? ? ? 1_555 J HOH .  O  ? ? A CA 112 B HOH 116 1_555 ? ? ? ? ? ? ?            2.397 ? ? 
metalc14 metalc ? ? C CA .  CA  ? ? ? 1_555 J HOH .  O  ? ? A CA 112 B HOH 119 1_555 ? ? ? ? ? ? ?            2.567 ? ? 
metalc15 metalc ? ? D CA .  CA  ? ? ? 1_555 I HOH .  O  ? ? A CA 120 A HOH 130 1_555 ? ? ? ? ? ? ?            2.335 ? ? 
metalc16 metalc ? ? D CA .  CA  ? ? ? 1_555 I HOH .  O  ? ? A CA 120 A HOH 130 2_645 ? ? ? ? ? ? ?            2.335 ? ? 
metalc17 metalc ? ? D CA .  CA  ? ? ? 1_555 I HOH .  O  ? ? A CA 120 A HOH 130 3_765 ? ? ? ? ? ? ?            2.335 ? ? 
metalc18 metalc ? ? E CA .  CA  A ? ? 1_555 I HOH .  O  ? ? A CA 124 A HOH 134 1_555 ? ? ? ? ? ? ?            2.568 ? ? 
metalc19 metalc ? ? E CA .  CA  A ? ? 1_555 I HOH .  O  ? ? A CA 124 A HOH 146 1_555 ? ? ? ? ? ? ?            3.182 ? ? 
metalc20 metalc ? ? E CA .  CA  A ? ? 1_555 I HOH .  O  ? ? A CA 124 A HOH 168 1_555 ? ? ? ? ? ? ?            2.580 ? ? 
metalc21 metalc ? ? E CA .  CA  A ? ? 1_555 I HOH .  O  ? ? A CA 124 A HOH 168 2_755 ? ? ? ? ? ? ?            2.446 ? ? 
metalc22 metalc ? ? B DC 2  OP2 ? ? ? 1_555 H CA  .  CA ? ? B DC 15  B CA  122 1_555 ? ? ? ? ? ? ?            2.216 ? ? 
metalc23 metalc ? ? B DC 2  OP2 ? ? ? 3_765 H CA  .  CA ? ? B DC 15  B CA  122 1_555 ? ? ? ? ? ? ?            2.216 ? ? 
metalc24 metalc ? ? B DC 2  OP2 ? ? ? 2_645 H CA  .  CA ? ? B DC 15  B CA  122 1_555 ? ? ? ? ? ? ?            2.216 ? ? 
metalc25 metalc ? ? B DG 11 OP1 ? ? ? 1_555 F CA  .  CA ? ? B DG 24  B CA  101 1_555 ? ? ? ? ? ? ?            2.226 ? ? 
metalc26 metalc ? ? B DG 11 OP2 ? ? ? 1_555 G CA  .  CA ? ? B DG 24  B CA  104 1_555 ? ? ? ? ? ? ?            2.337 ? ? 
metalc27 metalc ? ? F CA .  CA  ? ? ? 1_555 J HOH .  O  ? ? B CA 101 B HOH 102 1_555 ? ? ? ? ? ? ?            2.333 ? ? 
metalc28 metalc ? ? F CA .  CA  ? ? ? 1_555 J HOH .  O  ? ? B CA 101 B HOH 103 1_555 ? ? ? ? ? ? ?            2.427 ? ? 
metalc29 metalc ? ? G CA .  CA  ? ? ? 1_555 J HOH .  O  ? ? B CA 104 B HOH 105 1_555 ? ? ? ? ? ? ?            2.379 ? ? 
metalc30 metalc ? ? G CA .  CA  ? ? ? 1_555 J HOH .  O  ? ? B CA 104 B HOH 106 1_555 ? ? ? ? ? ? ?            2.511 ? ? 
metalc31 metalc ? ? G CA .  CA  ? ? ? 1_555 J HOH .  O  ? ? B CA 104 B HOH 107 1_555 ? ? ? ? ? ? ?            2.378 ? ? 
metalc32 metalc ? ? G CA .  CA  ? ? ? 1_555 J HOH .  O  ? ? B CA 104 B HOH 108 1_555 ? ? ? ? ? ? ?            2.261 ? ? 
metalc33 metalc ? ? G CA .  CA  ? ? ? 1_555 J HOH .  O  ? ? B CA 104 B HOH 109 1_555 ? ? ? ? ? ? ?            2.581 ? ? 
metalc34 metalc ? ? G CA .  CA  ? ? ? 1_555 J HOH .  O  ? ? B CA 104 B HOH 110 1_555 ? ? ? ? ? ? ?            2.212 ? ? 
metalc35 metalc ? ? G CA .  CA  ? ? ? 1_555 J HOH .  O  ? ? B CA 104 B HOH 111 1_555 ? ? ? ? ? ? ?            2.233 ? ? 
metalc36 metalc ? ? H CA .  CA  ? ? ? 1_555 J HOH .  O  ? ? B CA 122 B HOH 216 1_555 ? ? ? ? ? ? ?            2.568 ? ? 
metalc37 metalc ? ? H CA .  CA  ? ? ? 1_555 J HOH .  O  ? ? B CA 122 B HOH 216 2_645 ? ? ? ? ? ? ?            2.568 ? ? 
metalc38 metalc ? ? H CA .  CA  ? ? ? 1_555 J HOH .  O  ? ? B CA 122 B HOH 216 3_765 ? ? ? ? ? ? ?            2.568 ? ? 
hydrog1  hydrog ? ? A DG 1  N1  ? ? ? 1_555 B DC  10 N3 ? ? A DG 2   B DC  23  1_555 ? ? ? ? ? ? WATSON-CRICK ?     ? ? 
hydrog2  hydrog ? ? A DG 1  N2  ? ? ? 1_555 B DC  10 O2 ? ? A DG 2   B DC  23  1_555 ? ? ? ? ? ? WATSON-CRICK ?     ? ? 
hydrog3  hydrog ? ? A DG 1  O6  ? ? ? 1_555 B DC  10 N4 ? ? A DG 2   B DC  23  1_555 ? ? ? ? ? ? WATSON-CRICK ?     ? ? 
hydrog4  hydrog ? ? A DC 2  N3  ? ? ? 1_555 B DG  9  N1 ? ? A DC 3   B DG  22  1_555 ? ? ? ? ? ? WATSON-CRICK ?     ? ? 
hydrog5  hydrog ? ? A DC 2  N4  ? ? ? 1_555 B DG  9  O6 ? ? A DC 3   B DG  22  1_555 ? ? ? ? ? ? WATSON-CRICK ?     ? ? 
hydrog6  hydrog ? ? A DC 2  O2  ? ? ? 1_555 B DG  9  N2 ? ? A DC 3   B DG  22  1_555 ? ? ? ? ? ? WATSON-CRICK ?     ? ? 
hydrog7  hydrog ? ? A DG 3  N1  ? ? ? 1_555 B DC  8  N3 ? ? A DG 4   B DC  21  1_555 ? ? ? ? ? ? WATSON-CRICK ?     ? ? 
hydrog8  hydrog ? ? A DG 3  N2  ? ? ? 1_555 B DC  8  O2 ? ? A DG 4   B DC  21  1_555 ? ? ? ? ? ? WATSON-CRICK ?     ? ? 
hydrog9  hydrog ? ? A DG 3  O6  ? ? ? 1_555 B DC  8  N4 ? ? A DG 4   B DC  21  1_555 ? ? ? ? ? ? WATSON-CRICK ?     ? ? 
hydrog10 hydrog ? ? A DA 4  N1  ? ? ? 1_555 B DT  7  N3 ? ? A DA 5   B DT  20  1_555 ? ? ? ? ? ? WATSON-CRICK ?     ? ? 
hydrog11 hydrog ? ? A DA 4  N6  ? ? ? 1_555 B DT  7  O4 ? ? A DA 5   B DT  20  1_555 ? ? ? ? ? ? WATSON-CRICK ?     ? ? 
hydrog12 hydrog ? ? A DA 5  N1  ? ? ? 1_555 B DT  6  N3 ? ? A DA 6   B DT  19  1_555 ? ? ? ? ? ? WATSON-CRICK ?     ? ? 
hydrog13 hydrog ? ? A DA 5  N6  ? ? ? 1_555 B DT  6  O4 ? ? A DA 6   B DT  19  1_555 ? ? ? ? ? ? WATSON-CRICK ?     ? ? 
hydrog14 hydrog ? ? A DT 6  N3  ? ? ? 1_555 B DA  5  N1 ? ? A DT 7   B DA  18  1_555 ? ? ? ? ? ? WATSON-CRICK ?     ? ? 
hydrog15 hydrog ? ? A DT 6  O4  ? ? ? 1_555 B DA  5  N6 ? ? A DT 7   B DA  18  1_555 ? ? ? ? ? ? WATSON-CRICK ?     ? ? 
hydrog16 hydrog ? ? A DT 7  N3  ? ? ? 1_555 B DA  4  N1 ? ? A DT 8   B DA  17  1_555 ? ? ? ? ? ? WATSON-CRICK ?     ? ? 
hydrog17 hydrog ? ? A DT 7  O4  ? ? ? 1_555 B DA  4  N6 ? ? A DT 8   B DA  17  1_555 ? ? ? ? ? ? WATSON-CRICK ?     ? ? 
hydrog18 hydrog ? ? A DC 8  N3  ? ? ? 1_555 B DG  3  N1 ? ? A DC 9   B DG  16  1_555 ? ? ? ? ? ? WATSON-CRICK ?     ? ? 
hydrog19 hydrog ? ? A DC 8  N4  ? ? ? 1_555 B DG  3  O6 ? ? A DC 9   B DG  16  1_555 ? ? ? ? ? ? WATSON-CRICK ?     ? ? 
hydrog20 hydrog ? ? A DC 8  O2  ? ? ? 1_555 B DG  3  N2 ? ? A DC 9   B DG  16  1_555 ? ? ? ? ? ? WATSON-CRICK ?     ? ? 
hydrog21 hydrog ? ? A DG 9  N1  ? ? ? 1_555 B DC  2  N3 ? ? A DG 10  B DC  15  1_555 ? ? ? ? ? ? WATSON-CRICK ?     ? ? 
hydrog22 hydrog ? ? A DG 9  N2  ? ? ? 1_555 B DC  2  O2 ? ? A DG 10  B DC  15  1_555 ? ? ? ? ? ? WATSON-CRICK ?     ? ? 
hydrog23 hydrog ? ? A DG 9  O6  ? ? ? 1_555 B DC  2  N4 ? ? A DG 10  B DC  15  1_555 ? ? ? ? ? ? WATSON-CRICK ?     ? ? 
hydrog24 hydrog ? ? A DC 10 N3  ? ? ? 1_555 B DG  1  N1 ? ? A DC 11  B DG  14  1_555 ? ? ? ? ? ? WATSON-CRICK ?     ? ? 
hydrog25 hydrog ? ? A DC 10 N4  ? ? ? 1_555 B DG  1  O6 ? ? A DC 11  B DG  14  1_555 ? ? ? ? ? ? WATSON-CRICK ?     ? ? 
hydrog26 hydrog ? ? A DC 10 O2  ? ? ? 1_555 B DG  1  N2 ? ? A DC 11  B DG  14  1_555 ? ? ? ? ? ? WATSON-CRICK ?     ? ? 
# 
loop_
_struct_conn_type.id 
_struct_conn_type.criteria 
_struct_conn_type.reference 
metalc ? ? 
hydrog ? ? 
# 
loop_
_pdbx_struct_conn_angle.id 
_pdbx_struct_conn_angle.ptnr1_label_atom_id 
_pdbx_struct_conn_angle.ptnr1_label_alt_id 
_pdbx_struct_conn_angle.ptnr1_label_asym_id 
_pdbx_struct_conn_angle.ptnr1_label_comp_id 
_pdbx_struct_conn_angle.ptnr1_label_seq_id 
_pdbx_struct_conn_angle.ptnr1_auth_atom_id 
_pdbx_struct_conn_angle.ptnr1_auth_asym_id 
_pdbx_struct_conn_angle.ptnr1_auth_comp_id 
_pdbx_struct_conn_angle.ptnr1_auth_seq_id 
_pdbx_struct_conn_angle.ptnr1_PDB_ins_code 
_pdbx_struct_conn_angle.ptnr1_symmetry 
_pdbx_struct_conn_angle.ptnr2_label_atom_id 
_pdbx_struct_conn_angle.ptnr2_label_alt_id 
_pdbx_struct_conn_angle.ptnr2_label_asym_id 
_pdbx_struct_conn_angle.ptnr2_label_comp_id 
_pdbx_struct_conn_angle.ptnr2_label_seq_id 
_pdbx_struct_conn_angle.ptnr2_auth_atom_id 
_pdbx_struct_conn_angle.ptnr2_auth_asym_id 
_pdbx_struct_conn_angle.ptnr2_auth_comp_id 
_pdbx_struct_conn_angle.ptnr2_auth_seq_id 
_pdbx_struct_conn_angle.ptnr2_PDB_ins_code 
_pdbx_struct_conn_angle.ptnr2_symmetry 
_pdbx_struct_conn_angle.ptnr3_label_atom_id 
_pdbx_struct_conn_angle.ptnr3_label_alt_id 
_pdbx_struct_conn_angle.ptnr3_label_asym_id 
_pdbx_struct_conn_angle.ptnr3_label_comp_id 
_pdbx_struct_conn_angle.ptnr3_label_seq_id 
_pdbx_struct_conn_angle.ptnr3_auth_atom_id 
_pdbx_struct_conn_angle.ptnr3_auth_asym_id 
_pdbx_struct_conn_angle.ptnr3_auth_comp_id 
_pdbx_struct_conn_angle.ptnr3_auth_seq_id 
_pdbx_struct_conn_angle.ptnr3_PDB_ins_code 
_pdbx_struct_conn_angle.ptnr3_symmetry 
_pdbx_struct_conn_angle.value 
_pdbx_struct_conn_angle.value_esd 
1   OP1 ? A DA  4  ? A DA  5   ? 1_555 CA ? D CA . ? A CA 120 ? 1_555 OP1 ? A DA  4  ? A DA  5   ? 2_645 94.1  ? 
2   OP1 ? A DA  4  ? A DA  5   ? 1_555 CA ? D CA . ? A CA 120 ? 1_555 OP1 ? A DA  4  ? A DA  5   ? 3_765 94.1  ? 
3   OP1 ? A DA  4  ? A DA  5   ? 2_645 CA ? D CA . ? A CA 120 ? 1_555 OP1 ? A DA  4  ? A DA  5   ? 3_765 94.1  ? 
4   OP1 ? A DA  4  ? A DA  5   ? 1_555 CA ? D CA . ? A CA 120 ? 1_555 O   ? I HOH .  ? A HOH 130 ? 1_555 82.9  ? 
5   OP1 ? A DA  4  ? A DA  5   ? 2_645 CA ? D CA . ? A CA 120 ? 1_555 O   ? I HOH .  ? A HOH 130 ? 1_555 167.0 ? 
6   OP1 ? A DA  4  ? A DA  5   ? 3_765 CA ? D CA . ? A CA 120 ? 1_555 O   ? I HOH .  ? A HOH 130 ? 1_555 98.7  ? 
7   OP1 ? A DA  4  ? A DA  5   ? 1_555 CA ? D CA . ? A CA 120 ? 1_555 O   ? I HOH .  ? A HOH 130 ? 2_645 98.7  ? 
8   OP1 ? A DA  4  ? A DA  5   ? 2_645 CA ? D CA . ? A CA 120 ? 1_555 O   ? I HOH .  ? A HOH 130 ? 2_645 82.9  ? 
9   OP1 ? A DA  4  ? A DA  5   ? 3_765 CA ? D CA . ? A CA 120 ? 1_555 O   ? I HOH .  ? A HOH 130 ? 2_645 167.0 ? 
10  O   ? I HOH .  ? A HOH 130 ? 1_555 CA ? D CA . ? A CA 120 ? 1_555 O   ? I HOH .  ? A HOH 130 ? 2_645 85.1  ? 
11  OP1 ? A DA  4  ? A DA  5   ? 1_555 CA ? D CA . ? A CA 120 ? 1_555 O   ? I HOH .  ? A HOH 130 ? 3_765 167.0 ? 
12  OP1 ? A DA  4  ? A DA  5   ? 2_645 CA ? D CA . ? A CA 120 ? 1_555 O   ? I HOH .  ? A HOH 130 ? 3_765 98.7  ? 
13  OP1 ? A DA  4  ? A DA  5   ? 3_765 CA ? D CA . ? A CA 120 ? 1_555 O   ? I HOH .  ? A HOH 130 ? 3_765 82.9  ? 
14  O   ? I HOH .  ? A HOH 130 ? 1_555 CA ? D CA . ? A CA 120 ? 1_555 O   ? I HOH .  ? A HOH 130 ? 3_765 85.1  ? 
15  O   ? I HOH .  ? A HOH 130 ? 2_645 CA ? D CA . ? A CA 120 ? 1_555 O   ? I HOH .  ? A HOH 130 ? 3_765 85.1  ? 
16  OP1 ? A DC  10 ? A DC  11  ? 4_445 CA ? F CA . ? B CA 101 ? 1_555 O6  ? A DG  11 ? A DG  12  ? 4_445 92.1  ? 
17  OP1 ? A DC  10 ? A DC  11  ? 4_445 CA ? F CA . ? B CA 101 ? 1_555 OP1 ? A DG  11 ? A DG  12  ? 6_665 176.3 ? 
18  O6  ? A DG  11 ? A DG  12  ? 4_445 CA ? F CA . ? B CA 101 ? 1_555 OP1 ? A DG  11 ? A DG  12  ? 6_665 91.5  ? 
19  OP1 ? A DC  10 ? A DC  11  ? 4_445 CA ? F CA . ? B CA 101 ? 1_555 OP1 ? B DG  11 ? B DG  24  ? 1_555 87.1  ? 
20  O6  ? A DG  11 ? A DG  12  ? 4_445 CA ? F CA . ? B CA 101 ? 1_555 OP1 ? B DG  11 ? B DG  24  ? 1_555 98.9  ? 
21  OP1 ? A DG  11 ? A DG  12  ? 6_665 CA ? F CA . ? B CA 101 ? 1_555 OP1 ? B DG  11 ? B DG  24  ? 1_555 91.9  ? 
22  OP1 ? A DC  10 ? A DC  11  ? 4_445 CA ? F CA . ? B CA 101 ? 1_555 O   ? J HOH .  ? B HOH 102 ? 1_555 83.2  ? 
23  O6  ? A DG  11 ? A DG  12  ? 4_445 CA ? F CA . ? B CA 101 ? 1_555 O   ? J HOH .  ? B HOH 102 ? 1_555 165.7 ? 
24  OP1 ? A DG  11 ? A DG  12  ? 6_665 CA ? F CA . ? B CA 101 ? 1_555 O   ? J HOH .  ? B HOH 102 ? 1_555 93.3  ? 
25  OP1 ? B DG  11 ? B DG  24  ? 1_555 CA ? F CA . ? B CA 101 ? 1_555 O   ? J HOH .  ? B HOH 102 ? 1_555 94.3  ? 
26  OP1 ? A DC  10 ? A DC  11  ? 4_445 CA ? F CA . ? B CA 101 ? 1_555 O   ? J HOH .  ? B HOH 103 ? 1_555 88.6  ? 
27  O6  ? A DG  11 ? A DG  12  ? 4_445 CA ? F CA . ? B CA 101 ? 1_555 O   ? J HOH .  ? B HOH 103 ? 1_555 86.2  ? 
28  OP1 ? A DG  11 ? A DG  12  ? 6_665 CA ? F CA . ? B CA 101 ? 1_555 O   ? J HOH .  ? B HOH 103 ? 1_555 92.1  ? 
29  OP1 ? B DG  11 ? B DG  24  ? 1_555 CA ? F CA . ? B CA 101 ? 1_555 O   ? J HOH .  ? B HOH 103 ? 1_555 173.4 ? 
30  O   ? J HOH .  ? B HOH 102 ? 1_555 CA ? F CA . ? B CA 101 ? 1_555 O   ? J HOH .  ? B HOH 103 ? 1_555 80.3  ? 
31  OP2 ? A DG  11 ? A DG  12  ? 1_555 CA A E CA . ? A CA 124 ? 1_555 O   ? I HOH .  ? A HOH 134 ? 1_555 76.8  ? 
32  OP2 ? A DG  11 ? A DG  12  ? 1_555 CA A E CA . ? A CA 124 ? 1_555 O   ? I HOH .  ? A HOH 146 ? 1_555 112.6 ? 
33  O   ? I HOH .  ? A HOH 134 ? 1_555 CA A E CA . ? A CA 124 ? 1_555 O   ? I HOH .  ? A HOH 146 ? 1_555 168.3 ? 
34  OP2 ? A DG  11 ? A DG  12  ? 1_555 CA A E CA . ? A CA 124 ? 1_555 O   ? I HOH .  ? A HOH 168 ? 1_555 82.0  ? 
35  O   ? I HOH .  ? A HOH 134 ? 1_555 CA A E CA . ? A CA 124 ? 1_555 O   ? I HOH .  ? A HOH 168 ? 1_555 78.9  ? 
36  O   ? I HOH .  ? A HOH 146 ? 1_555 CA A E CA . ? A CA 124 ? 1_555 O   ? I HOH .  ? A HOH 168 ? 1_555 95.1  ? 
37  OP2 ? A DG  11 ? A DG  12  ? 1_555 CA A E CA . ? A CA 124 ? 1_555 O   ? I HOH .  ? A HOH 168 ? 2_755 78.2  ? 
38  O   ? I HOH .  ? A HOH 134 ? 1_555 CA A E CA . ? A CA 124 ? 1_555 O   ? I HOH .  ? A HOH 168 ? 2_755 81.4  ? 
39  O   ? I HOH .  ? A HOH 146 ? 1_555 CA A E CA . ? A CA 124 ? 1_555 O   ? I HOH .  ? A HOH 168 ? 2_755 106.8 ? 
40  O   ? I HOH .  ? A HOH 168 ? 1_555 CA A E CA . ? A CA 124 ? 1_555 O   ? I HOH .  ? A HOH 168 ? 2_755 154.8 ? 
41  O   ? I HOH .  ? A HOH 126 ? 1_555 CA ? C CA . ? A CA 112 ? 1_555 O   ? I HOH .  ? A HOH 127 ? 1_555 146.0 ? 
42  O   ? I HOH .  ? A HOH 126 ? 1_555 CA ? C CA . ? A CA 112 ? 1_555 O   ? I HOH .  ? A HOH 128 ? 1_555 87.1  ? 
43  O   ? I HOH .  ? A HOH 127 ? 1_555 CA ? C CA . ? A CA 112 ? 1_555 O   ? I HOH .  ? A HOH 128 ? 1_555 91.8  ? 
44  O   ? I HOH .  ? A HOH 126 ? 1_555 CA ? C CA . ? A CA 112 ? 1_555 O   ? I HOH .  ? A HOH 129 ? 1_555 76.2  ? 
45  O   ? I HOH .  ? A HOH 127 ? 1_555 CA ? C CA . ? A CA 112 ? 1_555 O   ? I HOH .  ? A HOH 129 ? 1_555 70.2  ? 
46  O   ? I HOH .  ? A HOH 128 ? 1_555 CA ? C CA . ? A CA 112 ? 1_555 O   ? I HOH .  ? A HOH 129 ? 1_555 96.8  ? 
47  O   ? I HOH .  ? A HOH 126 ? 1_555 CA ? C CA . ? A CA 112 ? 1_555 O   ? J HOH .  ? B HOH 113 ? 1_555 89.1  ? 
48  O   ? I HOH .  ? A HOH 127 ? 1_555 CA ? C CA . ? A CA 112 ? 1_555 O   ? J HOH .  ? B HOH 113 ? 1_555 93.2  ? 
49  O   ? I HOH .  ? A HOH 128 ? 1_555 CA ? C CA . ? A CA 112 ? 1_555 O   ? J HOH .  ? B HOH 113 ? 1_555 174.9 ? 
50  O   ? I HOH .  ? A HOH 129 ? 1_555 CA ? C CA . ? A CA 112 ? 1_555 O   ? J HOH .  ? B HOH 113 ? 1_555 85.6  ? 
51  O   ? I HOH .  ? A HOH 126 ? 1_555 CA ? C CA . ? A CA 112 ? 1_555 O   ? J HOH .  ? B HOH 116 ? 1_555 72.0  ? 
52  O   ? I HOH .  ? A HOH 127 ? 1_555 CA ? C CA . ? A CA 112 ? 1_555 O   ? J HOH .  ? B HOH 116 ? 1_555 141.9 ? 
53  O   ? I HOH .  ? A HOH 128 ? 1_555 CA ? C CA . ? A CA 112 ? 1_555 O   ? J HOH .  ? B HOH 116 ? 1_555 93.0  ? 
54  O   ? I HOH .  ? A HOH 129 ? 1_555 CA ? C CA . ? A CA 112 ? 1_555 O   ? J HOH .  ? B HOH 116 ? 1_555 146.1 ? 
55  O   ? J HOH .  ? B HOH 113 ? 1_555 CA ? C CA . ? A CA 112 ? 1_555 O   ? J HOH .  ? B HOH 116 ? 1_555 82.6  ? 
56  O   ? I HOH .  ? A HOH 126 ? 1_555 CA ? C CA . ? A CA 112 ? 1_555 O   ? J HOH .  ? B HOH 119 ? 1_555 144.8 ? 
57  O   ? I HOH .  ? A HOH 127 ? 1_555 CA ? C CA . ? A CA 112 ? 1_555 O   ? J HOH .  ? B HOH 119 ? 1_555 69.2  ? 
58  O   ? I HOH .  ? A HOH 128 ? 1_555 CA ? C CA . ? A CA 112 ? 1_555 O   ? J HOH .  ? B HOH 119 ? 1_555 90.3  ? 
59  O   ? I HOH .  ? A HOH 129 ? 1_555 CA ? C CA . ? A CA 112 ? 1_555 O   ? J HOH .  ? B HOH 119 ? 1_555 138.9 ? 
60  O   ? J HOH .  ? B HOH 113 ? 1_555 CA ? C CA . ? A CA 112 ? 1_555 O   ? J HOH .  ? B HOH 119 ? 1_555 90.8  ? 
61  O   ? J HOH .  ? B HOH 116 ? 1_555 CA ? C CA . ? A CA 112 ? 1_555 O   ? J HOH .  ? B HOH 119 ? 1_555 73.1  ? 
62  OP2 ? B DC  2  ? B DC  15  ? 1_555 CA ? H CA . ? B CA 122 ? 1_555 OP2 ? B DC  2  ? B DC  15  ? 3_765 99.4  ? 
63  OP2 ? B DC  2  ? B DC  15  ? 1_555 CA ? H CA . ? B CA 122 ? 1_555 OP2 ? B DC  2  ? B DC  15  ? 2_645 99.4  ? 
64  OP2 ? B DC  2  ? B DC  15  ? 3_765 CA ? H CA . ? B CA 122 ? 1_555 OP2 ? B DC  2  ? B DC  15  ? 2_645 99.4  ? 
65  OP2 ? B DC  2  ? B DC  15  ? 1_555 CA ? H CA . ? B CA 122 ? 1_555 O   ? J HOH .  ? B HOH 216 ? 1_555 60.7  ? 
66  OP2 ? B DC  2  ? B DC  15  ? 3_765 CA ? H CA . ? B CA 122 ? 1_555 O   ? J HOH .  ? B HOH 216 ? 1_555 101.3 ? 
67  OP2 ? B DC  2  ? B DC  15  ? 2_645 CA ? H CA . ? B CA 122 ? 1_555 O   ? J HOH .  ? B HOH 216 ? 1_555 153.3 ? 
68  OP2 ? B DC  2  ? B DC  15  ? 1_555 CA ? H CA . ? B CA 122 ? 1_555 O   ? J HOH .  ? B HOH 216 ? 2_645 101.3 ? 
69  OP2 ? B DC  2  ? B DC  15  ? 3_765 CA ? H CA . ? B CA 122 ? 1_555 O   ? J HOH .  ? B HOH 216 ? 2_645 153.3 ? 
70  OP2 ? B DC  2  ? B DC  15  ? 2_645 CA ? H CA . ? B CA 122 ? 1_555 O   ? J HOH .  ? B HOH 216 ? 2_645 60.7  ? 
71  O   ? J HOH .  ? B HOH 216 ? 1_555 CA ? H CA . ? B CA 122 ? 1_555 O   ? J HOH .  ? B HOH 216 ? 2_645 103.4 ? 
72  OP2 ? B DC  2  ? B DC  15  ? 1_555 CA ? H CA . ? B CA 122 ? 1_555 O   ? J HOH .  ? B HOH 216 ? 3_765 153.3 ? 
73  OP2 ? B DC  2  ? B DC  15  ? 3_765 CA ? H CA . ? B CA 122 ? 1_555 O   ? J HOH .  ? B HOH 216 ? 3_765 60.7  ? 
74  OP2 ? B DC  2  ? B DC  15  ? 2_645 CA ? H CA . ? B CA 122 ? 1_555 O   ? J HOH .  ? B HOH 216 ? 3_765 101.3 ? 
75  O   ? J HOH .  ? B HOH 216 ? 1_555 CA ? H CA . ? B CA 122 ? 1_555 O   ? J HOH .  ? B HOH 216 ? 3_765 103.4 ? 
76  O   ? J HOH .  ? B HOH 216 ? 2_645 CA ? H CA . ? B CA 122 ? 1_555 O   ? J HOH .  ? B HOH 216 ? 3_765 103.4 ? 
77  OP2 ? B DG  11 ? B DG  24  ? 1_555 CA ? G CA . ? B CA 104 ? 1_555 O   ? J HOH .  ? B HOH 105 ? 1_555 82.4  ? 
78  OP2 ? B DG  11 ? B DG  24  ? 1_555 CA ? G CA . ? B CA 104 ? 1_555 O   ? J HOH .  ? B HOH 106 ? 1_555 102.4 ? 
79  O   ? J HOH .  ? B HOH 105 ? 1_555 CA ? G CA . ? B CA 104 ? 1_555 O   ? J HOH .  ? B HOH 106 ? 1_555 68.0  ? 
80  OP2 ? B DG  11 ? B DG  24  ? 1_555 CA ? G CA . ? B CA 104 ? 1_555 O   ? J HOH .  ? B HOH 107 ? 1_555 93.7  ? 
81  O   ? J HOH .  ? B HOH 105 ? 1_555 CA ? G CA . ? B CA 104 ? 1_555 O   ? J HOH .  ? B HOH 107 ? 1_555 137.9 ? 
82  O   ? J HOH .  ? B HOH 106 ? 1_555 CA ? G CA . ? B CA 104 ? 1_555 O   ? J HOH .  ? B HOH 107 ? 1_555 72.2  ? 
83  OP2 ? B DG  11 ? B DG  24  ? 1_555 CA ? G CA . ? B CA 104 ? 1_555 O   ? J HOH .  ? B HOH 108 ? 1_555 83.0  ? 
84  O   ? J HOH .  ? B HOH 105 ? 1_555 CA ? G CA . ? B CA 104 ? 1_555 O   ? J HOH .  ? B HOH 108 ? 1_555 148.7 ? 
85  O   ? J HOH .  ? B HOH 106 ? 1_555 CA ? G CA . ? B CA 104 ? 1_555 O   ? J HOH .  ? B HOH 108 ? 1_555 142.6 ? 
86  O   ? J HOH .  ? B HOH 107 ? 1_555 CA ? G CA . ? B CA 104 ? 1_555 O   ? J HOH .  ? B HOH 108 ? 1_555 70.5  ? 
87  OP2 ? B DG  11 ? B DG  24  ? 1_555 CA ? G CA . ? B CA 104 ? 1_555 O   ? J HOH .  ? B HOH 109 ? 1_555 51.3  ? 
88  O   ? J HOH .  ? B HOH 105 ? 1_555 CA ? G CA . ? B CA 104 ? 1_555 O   ? J HOH .  ? B HOH 109 ? 1_555 107.3 ? 
89  O   ? J HOH .  ? B HOH 106 ? 1_555 CA ? G CA . ? B CA 104 ? 1_555 O   ? J HOH .  ? B HOH 109 ? 1_555 153.4 ? 
90  O   ? J HOH .  ? B HOH 107 ? 1_555 CA ? G CA . ? B CA 104 ? 1_555 O   ? J HOH .  ? B HOH 109 ? 1_555 102.2 ? 
91  O   ? J HOH .  ? B HOH 108 ? 1_555 CA ? G CA . ? B CA 104 ? 1_555 O   ? J HOH .  ? B HOH 109 ? 1_555 43.4  ? 
92  OP2 ? B DG  11 ? B DG  24  ? 1_555 CA ? G CA . ? B CA 104 ? 1_555 O   ? J HOH .  ? B HOH 110 ? 1_555 167.6 ? 
93  O   ? J HOH .  ? B HOH 105 ? 1_555 CA ? G CA . ? B CA 104 ? 1_555 O   ? J HOH .  ? B HOH 110 ? 1_555 100.6 ? 
94  O   ? J HOH .  ? B HOH 106 ? 1_555 CA ? G CA . ? B CA 104 ? 1_555 O   ? J HOH .  ? B HOH 110 ? 1_555 89.8  ? 
95  O   ? J HOH .  ? B HOH 107 ? 1_555 CA ? G CA . ? B CA 104 ? 1_555 O   ? J HOH .  ? B HOH 110 ? 1_555 92.0  ? 
96  O   ? J HOH .  ? B HOH 108 ? 1_555 CA ? G CA . ? B CA 104 ? 1_555 O   ? J HOH .  ? B HOH 110 ? 1_555 88.5  ? 
97  O   ? J HOH .  ? B HOH 109 ? 1_555 CA ? G CA . ? B CA 104 ? 1_555 O   ? J HOH .  ? B HOH 110 ? 1_555 116.7 ? 
98  OP2 ? B DG  11 ? B DG  24  ? 1_555 CA ? G CA . ? B CA 104 ? 1_555 O   ? J HOH .  ? B HOH 111 ? 1_555 90.5  ? 
99  O   ? J HOH .  ? B HOH 105 ? 1_555 CA ? G CA . ? B CA 104 ? 1_555 O   ? J HOH .  ? B HOH 111 ? 1_555 70.4  ? 
100 O   ? J HOH .  ? B HOH 106 ? 1_555 CA ? G CA . ? B CA 104 ? 1_555 O   ? J HOH .  ? B HOH 111 ? 1_555 133.9 ? 
101 O   ? J HOH .  ? B HOH 107 ? 1_555 CA ? G CA . ? B CA 104 ? 1_555 O   ? J HOH .  ? B HOH 111 ? 1_555 151.7 ? 
102 O   ? J HOH .  ? B HOH 108 ? 1_555 CA ? G CA . ? B CA 104 ? 1_555 O   ? J HOH .  ? B HOH 111 ? 1_555 82.3  ? 
103 O   ? J HOH .  ? B HOH 109 ? 1_555 CA ? G CA . ? B CA 104 ? 1_555 O   ? J HOH .  ? B HOH 111 ? 1_555 59.8  ? 
104 O   ? J HOH .  ? B HOH 110 ? 1_555 CA ? G CA . ? B CA 104 ? 1_555 O   ? J HOH .  ? B HOH 111 ? 1_555 79.4  ? 
# 
loop_
_struct_site.id 
_struct_site.pdbx_evidence_code 
_struct_site.pdbx_auth_asym_id 
_struct_site.pdbx_auth_comp_id 
_struct_site.pdbx_auth_seq_id 
_struct_site.pdbx_auth_ins_code 
_struct_site.pdbx_num_residues 
_struct_site.details 
AC1 Software B CA 101 ? 6 'BINDING SITE FOR RESIDUE CA B 101' 
AC2 Software B CA 104 ? 8 'BINDING SITE FOR RESIDUE CA B 104' 
AC3 Software A CA 112 ? 7 'BINDING SITE FOR RESIDUE CA A 112' 
AC4 Software A CA 120 ? 6 'BINDING SITE FOR RESIDUE CA A 120' 
AC5 Software B CA 122 ? 6 'BINDING SITE FOR RESIDUE CA B 122' 
AC6 Software A CA 124 ? 8 'BINDING SITE FOR RESIDUE CA A 124' 
# 
loop_
_struct_site_gen.id 
_struct_site_gen.site_id 
_struct_site_gen.pdbx_num_res 
_struct_site_gen.label_comp_id 
_struct_site_gen.label_asym_id 
_struct_site_gen.label_seq_id 
_struct_site_gen.pdbx_auth_ins_code 
_struct_site_gen.auth_comp_id 
_struct_site_gen.auth_asym_id 
_struct_site_gen.auth_seq_id 
_struct_site_gen.label_atom_id 
_struct_site_gen.label_alt_id 
_struct_site_gen.symmetry 
_struct_site_gen.details 
1  AC1 6 DC  A 10 ? DC  A 11  . ? 4_445 ? 
2  AC1 6 DG  A 11 ? DG  A 12  . ? 4_445 ? 
3  AC1 6 DG  A 11 ? DG  A 12  . ? 6_665 ? 
4  AC1 6 DG  B 11 ? DG  B 24  . ? 1_555 ? 
5  AC1 6 HOH J .  ? HOH B 102 . ? 1_555 ? 
6  AC1 6 HOH J .  ? HOH B 103 . ? 1_555 ? 
7  AC2 8 DG  B 11 ? DG  B 24  . ? 1_555 ? 
8  AC2 8 HOH J .  ? HOH B 105 . ? 1_555 ? 
9  AC2 8 HOH J .  ? HOH B 106 . ? 1_555 ? 
10 AC2 8 HOH J .  ? HOH B 107 . ? 1_555 ? 
11 AC2 8 HOH J .  ? HOH B 108 . ? 1_555 ? 
12 AC2 8 HOH J .  ? HOH B 109 . ? 1_555 ? 
13 AC2 8 HOH J .  ? HOH B 110 . ? 1_555 ? 
14 AC2 8 HOH J .  ? HOH B 111 . ? 1_555 ? 
15 AC3 7 HOH I .  ? HOH A 126 . ? 1_555 ? 
16 AC3 7 HOH I .  ? HOH A 127 . ? 1_555 ? 
17 AC3 7 HOH I .  ? HOH A 128 . ? 1_555 ? 
18 AC3 7 HOH I .  ? HOH A 129 . ? 1_555 ? 
19 AC3 7 HOH J .  ? HOH B 113 . ? 1_555 ? 
20 AC3 7 HOH J .  ? HOH B 116 . ? 1_555 ? 
21 AC3 7 HOH J .  ? HOH B 119 . ? 1_555 ? 
22 AC4 6 DA  A 4  ? DA  A 5   . ? 2_645 ? 
23 AC4 6 DA  A 4  ? DA  A 5   . ? 3_765 ? 
24 AC4 6 DA  A 4  ? DA  A 5   . ? 1_555 ? 
25 AC4 6 HOH I .  ? HOH A 130 . ? 1_555 ? 
26 AC4 6 HOH I .  ? HOH A 130 . ? 3_765 ? 
27 AC4 6 HOH I .  ? HOH A 130 . ? 2_645 ? 
28 AC5 6 DC  B 2  ? DC  B 15  . ? 2_645 ? 
29 AC5 6 DC  B 2  ? DC  B 15  . ? 1_555 ? 
30 AC5 6 DC  B 2  ? DC  B 15  . ? 3_765 ? 
31 AC5 6 HOH J .  ? HOH B 216 . ? 1_555 ? 
32 AC5 6 HOH J .  ? HOH B 216 . ? 3_765 ? 
33 AC5 6 HOH J .  ? HOH B 216 . ? 2_645 ? 
34 AC6 8 DG  A 11 ? DG  A 12  . ? 1_555 ? 
35 AC6 8 HOH I .  ? HOH A 125 . ? 2_755 ? 
36 AC6 8 HOH I .  ? HOH A 125 . ? 3_775 ? 
37 AC6 8 HOH I .  ? HOH A 134 . ? 3_775 ? 
38 AC6 8 HOH I .  ? HOH A 134 . ? 1_555 ? 
39 AC6 8 HOH I .  ? HOH A 134 . ? 2_755 ? 
40 AC6 8 HOH I .  ? HOH A 168 . ? 2_755 ? 
41 AC6 8 HOH I .  ? HOH A 168 . ? 1_555 ? 
# 
loop_
_pdbx_validate_close_contact.id 
_pdbx_validate_close_contact.PDB_model_num 
_pdbx_validate_close_contact.auth_atom_id_1 
_pdbx_validate_close_contact.auth_asym_id_1 
_pdbx_validate_close_contact.auth_comp_id_1 
_pdbx_validate_close_contact.auth_seq_id_1 
_pdbx_validate_close_contact.PDB_ins_code_1 
_pdbx_validate_close_contact.label_alt_id_1 
_pdbx_validate_close_contact.auth_atom_id_2 
_pdbx_validate_close_contact.auth_asym_id_2 
_pdbx_validate_close_contact.auth_comp_id_2 
_pdbx_validate_close_contact.auth_seq_id_2 
_pdbx_validate_close_contact.PDB_ins_code_2 
_pdbx_validate_close_contact.label_alt_id_2 
_pdbx_validate_close_contact.dist 
1 1 O   B HOH 108 ? ? O B HOH 109 ? ? 1.82 
2 1 O   B HOH 109 ? ? O B HOH 169 ? ? 2.07 
3 1 OP2 B DG  24  ? ? O B HOH 109 ? ? 2.14 
# 
loop_
_pdbx_validate_rmsd_angle.id 
_pdbx_validate_rmsd_angle.PDB_model_num 
_pdbx_validate_rmsd_angle.auth_atom_id_1 
_pdbx_validate_rmsd_angle.auth_asym_id_1 
_pdbx_validate_rmsd_angle.auth_comp_id_1 
_pdbx_validate_rmsd_angle.auth_seq_id_1 
_pdbx_validate_rmsd_angle.PDB_ins_code_1 
_pdbx_validate_rmsd_angle.label_alt_id_1 
_pdbx_validate_rmsd_angle.auth_atom_id_2 
_pdbx_validate_rmsd_angle.auth_asym_id_2 
_pdbx_validate_rmsd_angle.auth_comp_id_2 
_pdbx_validate_rmsd_angle.auth_seq_id_2 
_pdbx_validate_rmsd_angle.PDB_ins_code_2 
_pdbx_validate_rmsd_angle.label_alt_id_2 
_pdbx_validate_rmsd_angle.auth_atom_id_3 
_pdbx_validate_rmsd_angle.auth_asym_id_3 
_pdbx_validate_rmsd_angle.auth_comp_id_3 
_pdbx_validate_rmsd_angle.auth_seq_id_3 
_pdbx_validate_rmsd_angle.PDB_ins_code_3 
_pdbx_validate_rmsd_angle.label_alt_id_3 
_pdbx_validate_rmsd_angle.angle_value 
_pdbx_validate_rmsd_angle.angle_target_value 
_pdbx_validate_rmsd_angle.angle_deviation 
_pdbx_validate_rmsd_angle.angle_standard_deviation 
_pdbx_validate_rmsd_angle.linker_flag 
1 1 "O4'" A DG 2  ? ? "C1'" A DG 2  ? ? N9    A DG 2  ? ? 101.57 108.00 -6.43 0.70 N 
2 1 "O4'" A DC 3  ? ? "C1'" A DC 3  ? ? N1    A DC 3  ? ? 103.70 108.00 -4.30 0.70 N 
3 1 "O4'" B DG 14 ? ? "C1'" B DG 14 ? ? N9    B DG 14 ? ? 102.57 108.00 -5.43 0.70 N 
4 1 "O4'" B DT 20 ? ? "C1'" B DT 20 ? ? N1    B DT 20 ? ? 103.68 108.00 -4.32 0.70 N 
5 1 "C3'" B DG 22 ? ? "C2'" B DG 22 ? ? "C1'" B DG 22 ? ? 97.19  102.40 -5.21 0.80 N 
# 
loop_
_pdbx_struct_special_symmetry.id 
_pdbx_struct_special_symmetry.PDB_model_num 
_pdbx_struct_special_symmetry.auth_asym_id 
_pdbx_struct_special_symmetry.auth_comp_id 
_pdbx_struct_special_symmetry.auth_seq_id 
_pdbx_struct_special_symmetry.PDB_ins_code 
_pdbx_struct_special_symmetry.label_asym_id 
_pdbx_struct_special_symmetry.label_comp_id 
_pdbx_struct_special_symmetry.label_seq_id 
1 1 A CA  120 ? D CA  . 
2 1 B CA  122 ? H CA  . 
3 1 A HOH 134 ? I HOH . 
4 1 B HOH 125 ? J HOH . 
5 1 B HOH 136 ? J HOH . 
6 1 B HOH 181 ? J HOH . 
# 
loop_
_chem_comp_atom.comp_id 
_chem_comp_atom.atom_id 
_chem_comp_atom.type_symbol 
_chem_comp_atom.pdbx_aromatic_flag 
_chem_comp_atom.pdbx_stereo_config 
_chem_comp_atom.pdbx_ordinal 
CA  CA     CA N N 1   
DA  OP3    O  N N 2   
DA  P      P  N N 3   
DA  OP1    O  N N 4   
DA  OP2    O  N N 5   
DA  "O5'"  O  N N 6   
DA  "C5'"  C  N N 7   
DA  "C4'"  C  N R 8   
DA  "O4'"  O  N N 9   
DA  "C3'"  C  N S 10  
DA  "O3'"  O  N N 11  
DA  "C2'"  C  N N 12  
DA  "C1'"  C  N R 13  
DA  N9     N  Y N 14  
DA  C8     C  Y N 15  
DA  N7     N  Y N 16  
DA  C5     C  Y N 17  
DA  C6     C  Y N 18  
DA  N6     N  N N 19  
DA  N1     N  Y N 20  
DA  C2     C  Y N 21  
DA  N3     N  Y N 22  
DA  C4     C  Y N 23  
DA  HOP3   H  N N 24  
DA  HOP2   H  N N 25  
DA  "H5'"  H  N N 26  
DA  "H5''" H  N N 27  
DA  "H4'"  H  N N 28  
DA  "H3'"  H  N N 29  
DA  "HO3'" H  N N 30  
DA  "H2'"  H  N N 31  
DA  "H2''" H  N N 32  
DA  "H1'"  H  N N 33  
DA  H8     H  N N 34  
DA  H61    H  N N 35  
DA  H62    H  N N 36  
DA  H2     H  N N 37  
DC  OP3    O  N N 38  
DC  P      P  N N 39  
DC  OP1    O  N N 40  
DC  OP2    O  N N 41  
DC  "O5'"  O  N N 42  
DC  "C5'"  C  N N 43  
DC  "C4'"  C  N R 44  
DC  "O4'"  O  N N 45  
DC  "C3'"  C  N S 46  
DC  "O3'"  O  N N 47  
DC  "C2'"  C  N N 48  
DC  "C1'"  C  N R 49  
DC  N1     N  N N 50  
DC  C2     C  N N 51  
DC  O2     O  N N 52  
DC  N3     N  N N 53  
DC  C4     C  N N 54  
DC  N4     N  N N 55  
DC  C5     C  N N 56  
DC  C6     C  N N 57  
DC  HOP3   H  N N 58  
DC  HOP2   H  N N 59  
DC  "H5'"  H  N N 60  
DC  "H5''" H  N N 61  
DC  "H4'"  H  N N 62  
DC  "H3'"  H  N N 63  
DC  "HO3'" H  N N 64  
DC  "H2'"  H  N N 65  
DC  "H2''" H  N N 66  
DC  "H1'"  H  N N 67  
DC  H41    H  N N 68  
DC  H42    H  N N 69  
DC  H5     H  N N 70  
DC  H6     H  N N 71  
DG  OP3    O  N N 72  
DG  P      P  N N 73  
DG  OP1    O  N N 74  
DG  OP2    O  N N 75  
DG  "O5'"  O  N N 76  
DG  "C5'"  C  N N 77  
DG  "C4'"  C  N R 78  
DG  "O4'"  O  N N 79  
DG  "C3'"  C  N S 80  
DG  "O3'"  O  N N 81  
DG  "C2'"  C  N N 82  
DG  "C1'"  C  N R 83  
DG  N9     N  Y N 84  
DG  C8     C  Y N 85  
DG  N7     N  Y N 86  
DG  C5     C  Y N 87  
DG  C6     C  N N 88  
DG  O6     O  N N 89  
DG  N1     N  N N 90  
DG  C2     C  N N 91  
DG  N2     N  N N 92  
DG  N3     N  N N 93  
DG  C4     C  Y N 94  
DG  HOP3   H  N N 95  
DG  HOP2   H  N N 96  
DG  "H5'"  H  N N 97  
DG  "H5''" H  N N 98  
DG  "H4'"  H  N N 99  
DG  "H3'"  H  N N 100 
DG  "HO3'" H  N N 101 
DG  "H2'"  H  N N 102 
DG  "H2''" H  N N 103 
DG  "H1'"  H  N N 104 
DG  H8     H  N N 105 
DG  H1     H  N N 106 
DG  H21    H  N N 107 
DG  H22    H  N N 108 
DT  OP3    O  N N 109 
DT  P      P  N N 110 
DT  OP1    O  N N 111 
DT  OP2    O  N N 112 
DT  "O5'"  O  N N 113 
DT  "C5'"  C  N N 114 
DT  "C4'"  C  N R 115 
DT  "O4'"  O  N N 116 
DT  "C3'"  C  N S 117 
DT  "O3'"  O  N N 118 
DT  "C2'"  C  N N 119 
DT  "C1'"  C  N R 120 
DT  N1     N  N N 121 
DT  C2     C  N N 122 
DT  O2     O  N N 123 
DT  N3     N  N N 124 
DT  C4     C  N N 125 
DT  O4     O  N N 126 
DT  C5     C  N N 127 
DT  C7     C  N N 128 
DT  C6     C  N N 129 
DT  HOP3   H  N N 130 
DT  HOP2   H  N N 131 
DT  "H5'"  H  N N 132 
DT  "H5''" H  N N 133 
DT  "H4'"  H  N N 134 
DT  "H3'"  H  N N 135 
DT  "HO3'" H  N N 136 
DT  "H2'"  H  N N 137 
DT  "H2''" H  N N 138 
DT  "H1'"  H  N N 139 
DT  H3     H  N N 140 
DT  H71    H  N N 141 
DT  H72    H  N N 142 
DT  H73    H  N N 143 
DT  H6     H  N N 144 
HOH O      O  N N 145 
HOH H1     H  N N 146 
HOH H2     H  N N 147 
# 
loop_
_chem_comp_bond.comp_id 
_chem_comp_bond.atom_id_1 
_chem_comp_bond.atom_id_2 
_chem_comp_bond.value_order 
_chem_comp_bond.pdbx_aromatic_flag 
_chem_comp_bond.pdbx_stereo_config 
_chem_comp_bond.pdbx_ordinal 
DA  OP3   P      sing N N 1   
DA  OP3   HOP3   sing N N 2   
DA  P     OP1    doub N N 3   
DA  P     OP2    sing N N 4   
DA  P     "O5'"  sing N N 5   
DA  OP2   HOP2   sing N N 6   
DA  "O5'" "C5'"  sing N N 7   
DA  "C5'" "C4'"  sing N N 8   
DA  "C5'" "H5'"  sing N N 9   
DA  "C5'" "H5''" sing N N 10  
DA  "C4'" "O4'"  sing N N 11  
DA  "C4'" "C3'"  sing N N 12  
DA  "C4'" "H4'"  sing N N 13  
DA  "O4'" "C1'"  sing N N 14  
DA  "C3'" "O3'"  sing N N 15  
DA  "C3'" "C2'"  sing N N 16  
DA  "C3'" "H3'"  sing N N 17  
DA  "O3'" "HO3'" sing N N 18  
DA  "C2'" "C1'"  sing N N 19  
DA  "C2'" "H2'"  sing N N 20  
DA  "C2'" "H2''" sing N N 21  
DA  "C1'" N9     sing N N 22  
DA  "C1'" "H1'"  sing N N 23  
DA  N9    C8     sing Y N 24  
DA  N9    C4     sing Y N 25  
DA  C8    N7     doub Y N 26  
DA  C8    H8     sing N N 27  
DA  N7    C5     sing Y N 28  
DA  C5    C6     sing Y N 29  
DA  C5    C4     doub Y N 30  
DA  C6    N6     sing N N 31  
DA  C6    N1     doub Y N 32  
DA  N6    H61    sing N N 33  
DA  N6    H62    sing N N 34  
DA  N1    C2     sing Y N 35  
DA  C2    N3     doub Y N 36  
DA  C2    H2     sing N N 37  
DA  N3    C4     sing Y N 38  
DC  OP3   P      sing N N 39  
DC  OP3   HOP3   sing N N 40  
DC  P     OP1    doub N N 41  
DC  P     OP2    sing N N 42  
DC  P     "O5'"  sing N N 43  
DC  OP2   HOP2   sing N N 44  
DC  "O5'" "C5'"  sing N N 45  
DC  "C5'" "C4'"  sing N N 46  
DC  "C5'" "H5'"  sing N N 47  
DC  "C5'" "H5''" sing N N 48  
DC  "C4'" "O4'"  sing N N 49  
DC  "C4'" "C3'"  sing N N 50  
DC  "C4'" "H4'"  sing N N 51  
DC  "O4'" "C1'"  sing N N 52  
DC  "C3'" "O3'"  sing N N 53  
DC  "C3'" "C2'"  sing N N 54  
DC  "C3'" "H3'"  sing N N 55  
DC  "O3'" "HO3'" sing N N 56  
DC  "C2'" "C1'"  sing N N 57  
DC  "C2'" "H2'"  sing N N 58  
DC  "C2'" "H2''" sing N N 59  
DC  "C1'" N1     sing N N 60  
DC  "C1'" "H1'"  sing N N 61  
DC  N1    C2     sing N N 62  
DC  N1    C6     sing N N 63  
DC  C2    O2     doub N N 64  
DC  C2    N3     sing N N 65  
DC  N3    C4     doub N N 66  
DC  C4    N4     sing N N 67  
DC  C4    C5     sing N N 68  
DC  N4    H41    sing N N 69  
DC  N4    H42    sing N N 70  
DC  C5    C6     doub N N 71  
DC  C5    H5     sing N N 72  
DC  C6    H6     sing N N 73  
DG  OP3   P      sing N N 74  
DG  OP3   HOP3   sing N N 75  
DG  P     OP1    doub N N 76  
DG  P     OP2    sing N N 77  
DG  P     "O5'"  sing N N 78  
DG  OP2   HOP2   sing N N 79  
DG  "O5'" "C5'"  sing N N 80  
DG  "C5'" "C4'"  sing N N 81  
DG  "C5'" "H5'"  sing N N 82  
DG  "C5'" "H5''" sing N N 83  
DG  "C4'" "O4'"  sing N N 84  
DG  "C4'" "C3'"  sing N N 85  
DG  "C4'" "H4'"  sing N N 86  
DG  "O4'" "C1'"  sing N N 87  
DG  "C3'" "O3'"  sing N N 88  
DG  "C3'" "C2'"  sing N N 89  
DG  "C3'" "H3'"  sing N N 90  
DG  "O3'" "HO3'" sing N N 91  
DG  "C2'" "C1'"  sing N N 92  
DG  "C2'" "H2'"  sing N N 93  
DG  "C2'" "H2''" sing N N 94  
DG  "C1'" N9     sing N N 95  
DG  "C1'" "H1'"  sing N N 96  
DG  N9    C8     sing Y N 97  
DG  N9    C4     sing Y N 98  
DG  C8    N7     doub Y N 99  
DG  C8    H8     sing N N 100 
DG  N7    C5     sing Y N 101 
DG  C5    C6     sing N N 102 
DG  C5    C4     doub Y N 103 
DG  C6    O6     doub N N 104 
DG  C6    N1     sing N N 105 
DG  N1    C2     sing N N 106 
DG  N1    H1     sing N N 107 
DG  C2    N2     sing N N 108 
DG  C2    N3     doub N N 109 
DG  N2    H21    sing N N 110 
DG  N2    H22    sing N N 111 
DG  N3    C4     sing N N 112 
DT  OP3   P      sing N N 113 
DT  OP3   HOP3   sing N N 114 
DT  P     OP1    doub N N 115 
DT  P     OP2    sing N N 116 
DT  P     "O5'"  sing N N 117 
DT  OP2   HOP2   sing N N 118 
DT  "O5'" "C5'"  sing N N 119 
DT  "C5'" "C4'"  sing N N 120 
DT  "C5'" "H5'"  sing N N 121 
DT  "C5'" "H5''" sing N N 122 
DT  "C4'" "O4'"  sing N N 123 
DT  "C4'" "C3'"  sing N N 124 
DT  "C4'" "H4'"  sing N N 125 
DT  "O4'" "C1'"  sing N N 126 
DT  "C3'" "O3'"  sing N N 127 
DT  "C3'" "C2'"  sing N N 128 
DT  "C3'" "H3'"  sing N N 129 
DT  "O3'" "HO3'" sing N N 130 
DT  "C2'" "C1'"  sing N N 131 
DT  "C2'" "H2'"  sing N N 132 
DT  "C2'" "H2''" sing N N 133 
DT  "C1'" N1     sing N N 134 
DT  "C1'" "H1'"  sing N N 135 
DT  N1    C2     sing N N 136 
DT  N1    C6     sing N N 137 
DT  C2    O2     doub N N 138 
DT  C2    N3     sing N N 139 
DT  N3    C4     sing N N 140 
DT  N3    H3     sing N N 141 
DT  C4    O4     doub N N 142 
DT  C4    C5     sing N N 143 
DT  C5    C7     sing N N 144 
DT  C5    C6     doub N N 145 
DT  C7    H71    sing N N 146 
DT  C7    H72    sing N N 147 
DT  C7    H73    sing N N 148 
DT  C6    H6     sing N N 149 
HOH O     H1     sing N N 150 
HOH O     H2     sing N N 151 
# 
_ndb_struct_conf_na.entry_id   476D 
_ndb_struct_conf_na.feature    'b-form double helix' 
# 
loop_
_ndb_struct_na_base_pair.model_number 
_ndb_struct_na_base_pair.i_label_asym_id 
_ndb_struct_na_base_pair.i_label_comp_id 
_ndb_struct_na_base_pair.i_label_seq_id 
_ndb_struct_na_base_pair.i_symmetry 
_ndb_struct_na_base_pair.j_label_asym_id 
_ndb_struct_na_base_pair.j_label_comp_id 
_ndb_struct_na_base_pair.j_label_seq_id 
_ndb_struct_na_base_pair.j_symmetry 
_ndb_struct_na_base_pair.shear 
_ndb_struct_na_base_pair.stretch 
_ndb_struct_na_base_pair.stagger 
_ndb_struct_na_base_pair.buckle 
_ndb_struct_na_base_pair.propeller 
_ndb_struct_na_base_pair.opening 
_ndb_struct_na_base_pair.pair_number 
_ndb_struct_na_base_pair.pair_name 
_ndb_struct_na_base_pair.i_auth_asym_id 
_ndb_struct_na_base_pair.i_auth_seq_id 
_ndb_struct_na_base_pair.i_PDB_ins_code 
_ndb_struct_na_base_pair.j_auth_asym_id 
_ndb_struct_na_base_pair.j_auth_seq_id 
_ndb_struct_na_base_pair.j_PDB_ins_code 
_ndb_struct_na_base_pair.hbond_type_28 
_ndb_struct_na_base_pair.hbond_type_12 
1 A DG 1  1_555 B DC 10 1_555 -0.176 -0.168 0.072  -14.278 -5.479  -3.232 1  A_DG2:DC23_B  A 2  ? B 23 ? 19 1 
1 A DC 2  1_555 B DG 9  1_555 0.239  -0.078 0.209  -6.169  4.569   -0.442 2  A_DC3:DG22_B  A 3  ? B 22 ? 19 1 
1 A DG 3  1_555 B DC 8  1_555 -0.263 -0.118 0.080  13.444  -12.453 1.235  3  A_DG4:DC21_B  A 4  ? B 21 ? 19 1 
1 A DA 4  1_555 B DT 7  1_555 0.099  -0.128 -0.072 8.686   -16.418 3.603  4  A_DA5:DT20_B  A 5  ? B 20 ? 20 1 
1 A DA 5  1_555 B DT 6  1_555 -0.059 -0.097 0.144  2.862   -15.987 5.984  5  A_DA6:DT19_B  A 6  ? B 19 ? 20 1 
1 A DT 6  1_555 B DA 5  1_555 -0.117 -0.167 0.109  0.537   -17.701 3.927  6  A_DT7:DA18_B  A 7  ? B 18 ? 20 1 
1 A DT 7  1_555 B DA 4  1_555 0.020  -0.140 -0.077 -3.011  -17.045 4.189  7  A_DT8:DA17_B  A 8  ? B 17 ? 20 1 
1 A DC 8  1_555 B DG 3  1_555 0.125  -0.105 0.046  -11.355 -10.532 0.606  8  A_DC9:DG16_B  A 9  ? B 16 ? 19 1 
1 A DG 9  1_555 B DC 2  1_555 -0.225 -0.105 0.138  1.774   4.801   0.806  9  A_DG10:DC15_B A 10 ? B 15 ? 19 1 
1 A DC 10 1_555 B DG 1  1_555 0.221  -0.151 0.004  8.821   2.932   -0.208 10 A_DC11:DG14_B A 11 ? B 14 ? 19 1 
# 
loop_
_ndb_struct_na_base_pair_step.model_number 
_ndb_struct_na_base_pair_step.i_label_asym_id_1 
_ndb_struct_na_base_pair_step.i_label_comp_id_1 
_ndb_struct_na_base_pair_step.i_label_seq_id_1 
_ndb_struct_na_base_pair_step.i_symmetry_1 
_ndb_struct_na_base_pair_step.j_label_asym_id_1 
_ndb_struct_na_base_pair_step.j_label_comp_id_1 
_ndb_struct_na_base_pair_step.j_label_seq_id_1 
_ndb_struct_na_base_pair_step.j_symmetry_1 
_ndb_struct_na_base_pair_step.i_label_asym_id_2 
_ndb_struct_na_base_pair_step.i_label_comp_id_2 
_ndb_struct_na_base_pair_step.i_label_seq_id_2 
_ndb_struct_na_base_pair_step.i_symmetry_2 
_ndb_struct_na_base_pair_step.j_label_asym_id_2 
_ndb_struct_na_base_pair_step.j_label_comp_id_2 
_ndb_struct_na_base_pair_step.j_label_seq_id_2 
_ndb_struct_na_base_pair_step.j_symmetry_2 
_ndb_struct_na_base_pair_step.shift 
_ndb_struct_na_base_pair_step.slide 
_ndb_struct_na_base_pair_step.rise 
_ndb_struct_na_base_pair_step.tilt 
_ndb_struct_na_base_pair_step.roll 
_ndb_struct_na_base_pair_step.twist 
_ndb_struct_na_base_pair_step.x_displacement 
_ndb_struct_na_base_pair_step.y_displacement 
_ndb_struct_na_base_pair_step.helical_rise 
_ndb_struct_na_base_pair_step.inclination 
_ndb_struct_na_base_pair_step.tip 
_ndb_struct_na_base_pair_step.helical_twist 
_ndb_struct_na_base_pair_step.step_number 
_ndb_struct_na_base_pair_step.step_name 
_ndb_struct_na_base_pair_step.i_auth_asym_id_1 
_ndb_struct_na_base_pair_step.i_auth_seq_id_1 
_ndb_struct_na_base_pair_step.i_PDB_ins_code_1 
_ndb_struct_na_base_pair_step.j_auth_asym_id_1 
_ndb_struct_na_base_pair_step.j_auth_seq_id_1 
_ndb_struct_na_base_pair_step.j_PDB_ins_code_1 
_ndb_struct_na_base_pair_step.i_auth_asym_id_2 
_ndb_struct_na_base_pair_step.i_auth_seq_id_2 
_ndb_struct_na_base_pair_step.i_PDB_ins_code_2 
_ndb_struct_na_base_pair_step.j_auth_asym_id_2 
_ndb_struct_na_base_pair_step.j_auth_seq_id_2 
_ndb_struct_na_base_pair_step.j_PDB_ins_code_2 
1 A DG 1 1_555 B DC 10 1_555 A DC 2  1_555 B DG 9 1_555 0.887  0.462  3.242 -1.059 -7.587 36.817 1.680  -1.511 3.064 -11.856 1.655 
37.579 1 AA_DG2DC3:DG22DC23_BB   A 2  ? B 23 ? A 3  ? B 22 ? 
1 A DC 2 1_555 B DG 9  1_555 A DG 3  1_555 B DC 8 1_555 -0.273 0.729  2.980 1.280  6.689  25.718 -0.063 0.909  3.052 14.701  
-2.814 26.590 2 AA_DC3DG4:DC21DG22_BB   A 3  ? B 22 ? A 4  ? B 21 ? 
1 A DG 3 1_555 B DC 8  1_555 A DA 4  1_555 B DT 7 1_555 -0.282 0.009  3.337 -0.275 2.173  38.849 -0.255 0.389  3.335 3.264   0.414 
38.909 3 AA_DG4DA5:DT20DC21_BB   A 4  ? B 21 ? A 5  ? B 20 ? 
1 A DA 4 1_555 B DT 7  1_555 A DA 5  1_555 B DT 6 1_555 -0.002 -0.141 3.291 -3.266 0.531  38.358 -0.280 -0.404 3.278 0.807   4.959 
38.495 4 AA_DA5DA6:DT19DT20_BB   A 5  ? B 20 ? A 6  ? B 19 ? 
1 A DA 5 1_555 B DT 6  1_555 A DT 6  1_555 B DA 5 1_555 -0.046 -0.549 3.287 -0.131 -3.223 33.991 -0.418 0.058  3.324 -5.498  0.224 
34.139 5 AA_DA6DT7:DA18DT19_BB   A 6  ? B 19 ? A 7  ? B 18 ? 
1 A DT 6 1_555 B DA 5  1_555 A DT 7  1_555 B DA 4 1_555 0.084  -0.266 3.205 2.734  -0.810 37.453 -0.309 0.220  3.207 -1.260  
-4.251 37.558 6 AA_DT7DT8:DA17DA18_BB   A 7  ? B 18 ? A 8  ? B 17 ? 
1 A DT 7 1_555 B DA 4  1_555 A DC 8  1_555 B DG 3 1_555 0.329  -0.082 3.469 -0.386 -0.566 40.790 -0.051 -0.517 3.467 -0.812  0.553 
40.796 7 AA_DT8DC9:DG16DA17_BB   A 8  ? B 17 ? A 9  ? B 16 ? 
1 A DC 8 1_555 B DG 3  1_555 A DG 9  1_555 B DC 2 1_555 0.190  0.399  3.052 -1.101 2.007  30.778 0.384  -0.557 3.062 3.775   2.072 
30.861 8 AA_DC9DG10:DC15DG16_BB  A 9  ? B 16 ? A 10 ? B 15 ? 
1 A DG 9 1_555 B DC 2  1_555 A DC 10 1_555 B DG 1 1_555 -0.511 -0.402 3.260 1.031  -0.366 30.246 -0.696 1.185  3.246 -0.701  
-1.975 30.266 9 AA_DG10DC11:DG14DC15_BB A 10 ? B 15 ? A 11 ? B 14 ? 
# 
_atom_sites.entry_id                    476D 
_atom_sites.fract_transf_matrix[1][1]   0.01769194 
_atom_sites.fract_transf_matrix[1][2]   -0.01982519 
_atom_sites.fract_transf_matrix[1][3]   -0.01346378 
_atom_sites.fract_transf_matrix[2][1]   0.02959752 
_atom_sites.fract_transf_matrix[2][2]   0.00299554 
_atom_sites.fract_transf_matrix[2][3]   0.00152914 
_atom_sites.fract_transf_matrix[3][1]   0.00013154 
_atom_sites.fract_transf_matrix[3][2]   -0.00558876 
_atom_sites.fract_transf_matrix[3][3]   0.00840220 
_atom_sites.fract_transf_vector[1]      0.983411 
_atom_sites.fract_transf_vector[2]      0.297681 
_atom_sites.fract_transf_vector[3]      -0.003843 
# 
loop_
_atom_type.symbol 
C  
CA 
N  
O  
P  
# 
loop_
_atom_site.group_PDB 
_atom_site.id 
_atom_site.type_symbol 
_atom_site.label_atom_id 
_atom_site.label_alt_id 
_atom_site.label_comp_id 
_atom_site.label_asym_id 
_atom_site.label_entity_id 
_atom_site.label_seq_id 
_atom_site.pdbx_PDB_ins_code 
_atom_site.Cartn_x 
_atom_site.Cartn_y 
_atom_site.Cartn_z 
_atom_site.occupancy 
_atom_site.B_iso_or_equiv 
_atom_site.pdbx_formal_charge 
_atom_site.auth_seq_id 
_atom_site.auth_comp_id 
_atom_site.auth_asym_id 
_atom_site.auth_atom_id 
_atom_site.pdbx_PDB_model_num 
ATOM   1   O  "O5'" . DG  A 1 1  ? 7.129   -11.372 11.089  1.00 28.94 ? 2   DG  A "O5'" 1 
ATOM   2   C  "C5'" . DG  A 1 1  ? 6.621   -12.668 11.384  1.00 24.45 ? 2   DG  A "C5'" 1 
ATOM   3   C  "C4'" . DG  A 1 1  ? 5.432   -13.002 10.519  1.00 20.71 ? 2   DG  A "C4'" 1 
ATOM   4   O  "O4'" . DG  A 1 1  ? 4.314   -12.156 10.867  1.00 17.49 ? 2   DG  A "O4'" 1 
ATOM   5   C  "C3'" . DG  A 1 1  ? 5.621   -12.800 9.016   1.00 18.25 ? 2   DG  A "C3'" 1 
ATOM   6   O  "O3'" . DG  A 1 1  ? 4.970   -13.872 8.354   1.00 19.91 ? 2   DG  A "O3'" 1 
ATOM   7   C  "C2'" . DG  A 1 1  ? 5.021   -11.447 8.737   1.00 16.25 ? 2   DG  A "C2'" 1 
ATOM   8   C  "C1'" . DG  A 1 1  ? 3.943   -11.300 9.776   1.00 15.26 ? 2   DG  A "C1'" 1 
ATOM   9   N  N9    . DG  A 1 1  ? 3.812   -10.013 10.445  1.00 14.29 ? 2   DG  A N9    1 
ATOM   10  C  C8    . DG  A 1 1  ? 4.848   -9.217  10.872  1.00 16.51 ? 2   DG  A C8    1 
ATOM   11  N  N7    . DG  A 1 1  ? 4.433   -8.125  11.453  1.00 14.77 ? 2   DG  A N7    1 
ATOM   12  C  C5    . DG  A 1 1  ? 3.054   -8.221  11.422  1.00 12.34 ? 2   DG  A C5    1 
ATOM   13  C  C6    . DG  A 1 1  ? 2.061   -7.327  11.903  1.00 11.47 ? 2   DG  A C6    1 
ATOM   14  O  O6    . DG  A 1 1  ? 2.232   -6.248  12.477  1.00 12.88 ? 2   DG  A O6    1 
ATOM   15  N  N1    . DG  A 1 1  ? 0.781   -7.800  11.674  1.00 11.33 ? 2   DG  A N1    1 
ATOM   16  C  C2    . DG  A 1 1  ? 0.479   -8.982  11.035  1.00 12.61 ? 2   DG  A C2    1 
ATOM   17  N  N2    . DG  A 1 1  ? -0.833  -9.246  10.912  1.00 11.14 ? 2   DG  A N2    1 
ATOM   18  N  N3    . DG  A 1 1  ? 1.394   -9.823  10.573  1.00 12.44 ? 2   DG  A N3    1 
ATOM   19  C  C4    . DG  A 1 1  ? 2.652   -9.384  10.802  1.00 12.21 ? 2   DG  A C4    1 
ATOM   20  P  P     . DC  A 1 2  ? 4.928   -14.056 6.764   1.00 19.87 ? 3   DC  A P     1 
ATOM   21  O  OP1   . DC  A 1 2  ? 4.716   -15.498 6.432   1.00 22.62 ? 3   DC  A OP1   1 
ATOM   22  O  OP2   . DC  A 1 2  ? 6.078   -13.364 6.124   1.00 24.11 ? 3   DC  A OP2   1 
ATOM   23  O  "O5'" . DC  A 1 2  ? 3.598   -13.273 6.366   1.00 17.14 ? 3   DC  A "O5'" 1 
ATOM   24  C  "C5'" . DC  A 1 2  ? 2.322   -13.667 6.883   1.00 15.62 ? 3   DC  A "C5'" 1 
ATOM   25  C  "C4'" . DC  A 1 2  ? 1.354   -12.538 6.614   1.00 13.80 ? 3   DC  A "C4'" 1 
ATOM   26  O  "O4'" . DC  A 1 2  ? 1.688   -11.365 7.380   1.00 13.18 ? 3   DC  A "O4'" 1 
ATOM   27  C  "C3'" . DC  A 1 2  ? 1.343   -12.032 5.168   1.00 15.42 ? 3   DC  A "C3'" 1 
ATOM   28  O  "O3'" . DC  A 1 2  ? 0.407   -12.814 4.436   1.00 17.96 ? 3   DC  A "O3'" 1 
ATOM   29  C  "C2'" . DC  A 1 2  ? 0.989   -10.570 5.267   1.00 14.87 ? 3   DC  A "C2'" 1 
ATOM   30  C  "C1'" . DC  A 1 2  ? 1.013   -10.271 6.745   1.00 13.49 ? 3   DC  A "C1'" 1 
ATOM   31  N  N1    . DC  A 1 2  ? 1.780   -9.092  7.173   1.00 12.72 ? 3   DC  A N1    1 
ATOM   32  C  C2    . DC  A 1 2  ? 1.105   -8.043  7.792   1.00 11.60 ? 3   DC  A C2    1 
ATOM   33  O  O2    . DC  A 1 2  ? -0.126  -8.129  7.942   1.00 12.27 ? 3   DC  A O2    1 
ATOM   34  N  N3    . DC  A 1 2  ? 1.812   -6.987  8.247   1.00 13.69 ? 3   DC  A N3    1 
ATOM   35  C  C4    . DC  A 1 2  ? 3.133   -6.941  8.058   1.00 13.38 ? 3   DC  A C4    1 
ATOM   36  N  N4    . DC  A 1 2  ? 3.774   -5.854  8.494   1.00 15.44 ? 3   DC  A N4    1 
ATOM   37  C  C5    . DC  A 1 2  ? 3.854   -8.008  7.439   1.00 15.05 ? 3   DC  A C5    1 
ATOM   38  C  C6    . DC  A 1 2  ? 3.139   -9.063  7.009   1.00 13.92 ? 3   DC  A C6    1 
ATOM   39  P  P     . DG  A 1 3  ? 0.050   -12.543 2.901   1.00 18.96 ? 4   DG  A P     1 
ATOM   40  O  OP1   . DG  A 1 3  ? -0.494  -13.790 2.292   1.00 25.95 ? 4   DG  A OP1   1 
ATOM   41  O  OP2   . DG  A 1 3  ? 1.174   -11.855 2.207   1.00 23.43 ? 4   DG  A OP2   1 
ATOM   42  O  "O5'" . DG  A 1 3  ? -1.164  -11.508 3.002   1.00 15.85 ? 4   DG  A "O5'" 1 
ATOM   43  C  "C5'" . DG  A 1 3  ? -2.300  -11.860 3.786   1.00 16.10 ? 4   DG  A "C5'" 1 
ATOM   44  C  "C4'" . DG  A 1 3  ? -3.201  -10.667 3.939   1.00 14.54 ? 4   DG  A "C4'" 1 
ATOM   45  O  "O4'" . DG  A 1 3  ? -2.517  -9.585  4.613   1.00 13.63 ? 4   DG  A "O4'" 1 
ATOM   46  C  "C3'" . DG  A 1 3  ? -3.685  -10.064 2.621   1.00 14.92 ? 4   DG  A "C3'" 1 
ATOM   47  O  "O3'" . DG  A 1 3  ? -5.014  -9.629  2.837   1.00 17.68 ? 4   DG  A "O3'" 1 
ATOM   48  C  "C2'" . DG  A 1 3  ? -2.697  -8.960  2.355   1.00 15.40 ? 4   DG  A "C2'" 1 
ATOM   49  C  "C1'" . DG  A 1 3  ? -2.477  -8.432  3.766   1.00 13.73 ? 4   DG  A "C1'" 1 
ATOM   50  N  N9    . DG  A 1 3  ? -1.202  -7.776  4.007   1.00 13.60 ? 4   DG  A N9    1 
ATOM   51  C  C8    . DG  A 1 3  ? 0.036   -8.097  3.500   1.00 15.99 ? 4   DG  A C8    1 
ATOM   52  N  N7    . DG  A 1 3  ? 0.990   -7.305  3.927   1.00 15.00 ? 4   DG  A N7    1 
ATOM   53  C  C5    . DG  A 1 3  ? 0.336   -6.413  4.768   1.00 14.19 ? 4   DG  A C5    1 
ATOM   54  C  C6    . DG  A 1 3  ? 0.837   -5.322  5.526   1.00 14.74 ? 4   DG  A C6    1 
ATOM   55  O  O6    . DG  A 1 3  ? 2.004   -4.917  5.599   1.00 15.68 ? 4   DG  A O6    1 
ATOM   56  N  N1    . DG  A 1 3  ? -0.172  -4.693  6.234   1.00 14.35 ? 4   DG  A N1    1 
ATOM   57  C  C2    . DG  A 1 3  ? -1.499  -5.049  6.228   1.00 13.26 ? 4   DG  A C2    1 
ATOM   58  N  N2    . DG  A 1 3  ? -2.316  -4.306  6.986   1.00 13.33 ? 4   DG  A N2    1 
ATOM   59  N  N3    . DG  A 1 3  ? -1.977  -6.063  5.534   1.00 13.14 ? 4   DG  A N3    1 
ATOM   60  C  C4    . DG  A 1 3  ? -1.011  -6.693  4.834   1.00 13.72 ? 4   DG  A C4    1 
ATOM   61  P  P     . DA  A 1 4  ? -5.918  -8.898  1.743   1.00 15.90 ? 5   DA  A P     1 
ATOM   62  O  OP1   . DA  A 1 4  ? -7.284  -9.507  1.835   1.00 16.56 ? 5   DA  A OP1   1 
ATOM   63  O  OP2   . DA  A 1 4  ? -5.250  -8.815  0.422   1.00 19.45 ? 5   DA  A OP2   1 
ATOM   64  O  "O5'" . DA  A 1 4  ? -6.012  -7.407  2.299   1.00 16.72 ? 5   DA  A "O5'" 1 
ATOM   65  C  "C5'" . DA  A 1 4  ? -6.750  -7.160  3.498   1.00 14.97 ? 5   DA  A "C5'" 1 
ATOM   66  C  "C4'" . DA  A 1 4  ? -6.882  -5.664  3.634   1.00 15.49 ? 5   DA  A "C4'" 1 
ATOM   67  O  "O4'" . DA  A 1 4  ? -5.588  -5.097  3.923   1.00 14.83 ? 5   DA  A "O4'" 1 
ATOM   68  C  "C3'" . DA  A 1 4  ? -7.370  -4.951  2.376   1.00 15.90 ? 5   DA  A "C3'" 1 
ATOM   69  O  "O3'" . DA  A 1 4  ? -8.236  -3.907  2.765   1.00 20.16 ? 5   DA  A "O3'" 1 
ATOM   70  C  "C2'" . DA  A 1 4  ? -6.101  -4.468  1.721   1.00 17.74 ? 5   DA  A "C2'" 1 
ATOM   71  C  "C1'" . DA  A 1 4  ? -5.186  -4.196  2.909   1.00 14.71 ? 5   DA  A "C1'" 1 
ATOM   72  N  N9    . DA  A 1 4  ? -3.763  -4.404  2.622   1.00 14.63 ? 5   DA  A N9    1 
ATOM   73  C  C8    . DA  A 1 4  ? -3.144  -5.313  1.808   1.00 15.70 ? 5   DA  A C8    1 
ATOM   74  N  N7    . DA  A 1 4  ? -1.838  -5.195  1.769   1.00 16.03 ? 5   DA  A N7    1 
ATOM   75  C  C5    . DA  A 1 4  ? -1.581  -4.113  2.603   1.00 16.69 ? 5   DA  A C5    1 
ATOM   76  C  C6    . DA  A 1 4  ? -0.384  -3.480  2.981   1.00 15.62 ? 5   DA  A C6    1 
ATOM   77  N  N6    . DA  A 1 4  ? 0.796   -3.897  2.536   1.00 18.29 ? 5   DA  A N6    1 
ATOM   78  N  N1    . DA  A 1 4  ? -0.466  -2.440  3.838   1.00 14.94 ? 5   DA  A N1    1 
ATOM   79  C  C2    . DA  A 1 4  ? -1.678  -2.058  4.259   1.00 15.11 ? 5   DA  A C2    1 
ATOM   80  N  N3    . DA  A 1 4  ? -2.877  -2.570  3.973   1.00 15.87 ? 5   DA  A N3    1 
ATOM   81  C  C4    . DA  A 1 4  ? -2.752  -3.611  3.132   1.00 14.70 ? 5   DA  A C4    1 
ATOM   82  P  P     . DA  A 1 5  ? -8.809  -2.798  1.752   1.00 19.74 ? 6   DA  A P     1 
ATOM   83  O  OP1   . DA  A 1 5  ? -10.237 -2.575  2.110   1.00 23.79 ? 6   DA  A OP1   1 
ATOM   84  O  OP2   . DA  A 1 5  ? -8.468  -3.150  0.351   1.00 21.01 ? 6   DA  A OP2   1 
ATOM   85  O  "O5'" . DA  A 1 5  ? -7.971  -1.507  2.151   1.00 18.03 ? 6   DA  A "O5'" 1 
ATOM   86  C  "C5'" . DA  A 1 5  ? -7.944  -1.076  3.516   1.00 19.95 ? 6   DA  A "C5'" 1 
ATOM   87  C  "C4'" . DA  A 1 5  ? -7.162  0.216   3.573   1.00 16.36 ? 6   DA  A "C4'" 1 
ATOM   88  O  "O4'" . DA  A 1 5  ? -5.758  -0.052  3.399   1.00 17.62 ? 6   DA  A "O4'" 1 
ATOM   89  C  "C3'" . DA  A 1 5  ? -7.546  1.221   2.488   1.00 16.87 ? 6   DA  A "C3'" 1 
ATOM   90  O  "O3'" . DA  A 1 5  ? -7.728  2.486   3.109   1.00 19.41 ? 6   DA  A "O3'" 1 
ATOM   91  C  "C2'" . DA  A 1 5  ? -6.412  1.172   1.495   1.00 15.97 ? 6   DA  A "C2'" 1 
ATOM   92  C  "C1'" . DA  A 1 5  ? -5.227  0.703   2.323   1.00 14.08 ? 6   DA  A "C1'" 1 
ATOM   93  N  N9    . DA  A 1 5  ? -4.300  -0.176  1.611   1.00 15.49 ? 6   DA  A N9    1 
ATOM   94  C  C8    . DA  A 1 5  ? -4.606  -1.275  0.839   1.00 14.93 ? 6   DA  A C8    1 
ATOM   95  N  N7    . DA  A 1 5  ? -3.553  -1.857  0.315   1.00 15.33 ? 6   DA  A N7    1 
ATOM   96  C  C5    . DA  A 1 5  ? -2.483  -1.103  0.775   1.00 15.66 ? 6   DA  A C5    1 
ATOM   97  C  C6    . DA  A 1 5  ? -1.099  -1.201  0.569   1.00 15.34 ? 6   DA  A C6    1 
ATOM   98  N  N6    . DA  A 1 5  ? -0.499  -2.146  -0.160  1.00 15.58 ? 6   DA  A N6    1 
ATOM   99  N  N1    . DA  A 1 5  ? -0.312  -0.277  1.172   1.00 14.95 ? 6   DA  A N1    1 
ATOM   100 C  C2    . DA  A 1 5  ? -0.891  0.669   1.913   1.00 15.11 ? 6   DA  A C2    1 
ATOM   101 N  N3    . DA  A 1 5  ? -2.182  0.872   2.173   1.00 16.30 ? 6   DA  A N3    1 
ATOM   102 C  C4    . DA  A 1 5  ? -2.931  -0.060  1.566   1.00 15.54 ? 6   DA  A C4    1 
ATOM   103 P  P     . DT  A 1 6  ? -7.933  3.842   2.282   1.00 20.61 ? 7   DT  A P     1 
ATOM   104 O  OP1   . DT  A 1 6  ? -8.633  4.840   3.140   1.00 26.08 ? 7   DT  A OP1   1 
ATOM   105 O  OP2   . DT  A 1 6  ? -8.482  3.545   0.928   1.00 26.04 ? 7   DT  A OP2   1 
ATOM   106 O  "O5'" . DT  A 1 6  ? -6.440  4.364   2.073   1.00 19.61 ? 7   DT  A "O5'" 1 
ATOM   107 C  "C5'" . DT  A 1 6  ? -5.578  4.493   3.210   1.00 20.84 ? 7   DT  A "C5'" 1 
ATOM   108 C  "C4'" . DT  A 1 6  ? -4.219  4.947   2.740   1.00 20.22 ? 7   DT  A "C4'" 1 
ATOM   109 O  "O4'" . DT  A 1 6  ? -3.579  3.892   1.982   1.00 19.28 ? 7   DT  A "O4'" 1 
ATOM   110 C  "C3'" . DT  A 1 6  ? -4.231  6.177   1.826   1.00 22.87 ? 7   DT  A "C3'" 1 
ATOM   111 O  "O3'" . DT  A 1 6  ? -3.392  7.159   2.412   1.00 27.48 ? 7   DT  A "O3'" 1 
ATOM   112 C  "C2'" . DT  A 1 6  ? -3.757  5.664   0.488   1.00 21.09 ? 7   DT  A "C2'" 1 
ATOM   113 C  "C1'" . DT  A 1 6  ? -2.887  4.491   0.870   1.00 18.87 ? 7   DT  A "C1'" 1 
ATOM   114 N  N1    . DT  A 1 6  ? -2.708  3.385   -0.083  1.00 17.58 ? 7   DT  A N1    1 
ATOM   115 C  C2    . DT  A 1 6  ? -1.425  2.974   -0.375  1.00 18.06 ? 7   DT  A C2    1 
ATOM   116 O  O2    . DT  A 1 6  ? -0.422  3.518   0.063   1.00 19.29 ? 7   DT  A O2    1 
ATOM   117 N  N3    . DT  A 1 6  ? -1.350  1.925   -1.261  1.00 17.14 ? 7   DT  A N3    1 
ATOM   118 C  C4    . DT  A 1 6  ? -2.401  1.214   -1.811  1.00 16.31 ? 7   DT  A C4    1 
ATOM   119 O  O4    . DT  A 1 6  ? -2.180  0.282   -2.584  1.00 17.18 ? 7   DT  A O4    1 
ATOM   120 C  C5    . DT  A 1 6  ? -3.717  1.681   -1.440  1.00 16.51 ? 7   DT  A C5    1 
ATOM   121 C  C7    . DT  A 1 6  ? -4.911  0.986   -2.010  1.00 19.62 ? 7   DT  A C7    1 
ATOM   122 C  C6    . DT  A 1 6  ? -3.804  2.720   -0.596  1.00 16.88 ? 7   DT  A C6    1 
ATOM   123 P  P     . DT  A 1 7  ? -3.191  8.642   1.833   1.00 29.85 ? 8   DT  A P     1 
ATOM   124 O  OP1   . DT  A 1 7  ? -2.850  9.582   2.936   1.00 33.82 ? 8   DT  A OP1   1 
ATOM   125 O  OP2   . DT  A 1 7  ? -4.310  8.995   0.917   1.00 35.69 ? 8   DT  A OP2   1 
ATOM   126 O  "O5'" . DT  A 1 7  ? -1.861  8.474   0.952   1.00 28.81 ? 8   DT  A "O5'" 1 
ATOM   127 C  "C5'" . DT  A 1 7  ? -0.717  7.895   1.588   1.00 25.26 ? 8   DT  A "C5'" 1 
ATOM   128 C  "C4'" . DT  A 1 7  ? 0.424   7.763   0.614   1.00 25.40 ? 8   DT  A "C4'" 1 
ATOM   129 O  "O4'" . DT  A 1 7  ? 0.213   6.612   -0.232  1.00 26.14 ? 8   DT  A "O4'" 1 
ATOM   130 C  "C3'" . DT  A 1 7  ? 0.603   8.951   -0.332  1.00 24.53 ? 8   DT  A "C3'" 1 
ATOM   131 O  "O3'" . DT  A 1 7  ? 1.939   9.420   -0.197  1.00 28.48 ? 8   DT  A "O3'" 1 
ATOM   132 C  "C2'" . DT  A 1 7  ? 0.272   8.404   -1.702  1.00 23.63 ? 8   DT  A "C2'" 1 
ATOM   133 C  "C1'" . DT  A 1 7  ? 0.585   6.930   -1.582  1.00 22.34 ? 8   DT  A "C1'" 1 
ATOM   134 N  N1    . DT  A 1 7  ? -0.157  5.952   -2.401  1.00 20.41 ? 8   DT  A N1    1 
ATOM   135 C  C2    . DT  A 1 7  ? 0.553   4.934   -3.004  1.00 18.84 ? 8   DT  A C2    1 
ATOM   136 O  O2    . DT  A 1 7  ? 1.769   4.821   -2.939  1.00 19.05 ? 8   DT  A O2    1 
ATOM   137 N  N3    . DT  A 1 7  ? -0.208  4.031   -3.715  1.00 19.13 ? 8   DT  A N3    1 
ATOM   138 C  C4    . DT  A 1 7  ? -1.580  4.045   -3.880  1.00 19.95 ? 8   DT  A C4    1 
ATOM   139 O  O4    . DT  A 1 7  ? -2.164  3.195   -4.544  1.00 20.49 ? 8   DT  A O4    1 
ATOM   140 C  C5    . DT  A 1 7  ? -2.266  5.122   -3.197  1.00 19.33 ? 8   DT  A C5    1 
ATOM   141 C  C7    . DT  A 1 7  ? -3.753  5.197   -3.335  1.00 20.86 ? 8   DT  A C7    1 
ATOM   142 C  C6    . DT  A 1 7  ? -1.531  5.992   -2.493  1.00 21.12 ? 8   DT  A C6    1 
ATOM   143 P  P     . DC  A 1 8  ? 2.518   10.656  -1.043  1.00 32.68 ? 9   DC  A P     1 
ATOM   144 O  OP1   . DC  A 1 8  ? 3.541   11.365  -0.224  1.00 39.65 ? 9   DC  A OP1   1 
ATOM   145 O  OP2   . DC  A 1 8  ? 1.398   11.424  -1.647  1.00 40.71 ? 9   DC  A OP2   1 
ATOM   146 O  "O5'" . DC  A 1 8  ? 3.295   9.926   -2.243  1.00 29.59 ? 9   DC  A "O5'" 1 
ATOM   147 C  "C5'" . DC  A 1 8  ? 4.135   8.814   -1.931  1.00 28.41 ? 9   DC  A "C5'" 1 
ATOM   148 C  "C4'" . DC  A 1 8  ? 4.696   8.168   -3.173  1.00 24.89 ? 9   DC  A "C4'" 1 
ATOM   149 O  "O4'" . DC  A 1 8  ? 3.708   7.284   -3.747  1.00 25.37 ? 9   DC  A "O4'" 1 
ATOM   150 C  "C3'" . DC  A 1 8  ? 5.091   9.139   -4.287  1.00 25.18 ? 9   DC  A "C3'" 1 
ATOM   151 O  "O3'" . DC  A 1 8  ? 6.491   9.005   -4.531  1.00 34.06 ? 9   DC  A "O3'" 1 
ATOM   152 C  "C2'" . DC  A 1 8  ? 4.237   8.775   -5.474  1.00 25.71 ? 9   DC  A "C2'" 1 
ATOM   153 C  "C1'" . DC  A 1 8  ? 3.759   7.375   -5.174  1.00 22.79 ? 9   DC  A "C1'" 1 
ATOM   154 N  N1    . DC  A 1 8  ? 2.401   7.012   -5.608  1.00 22.59 ? 9   DC  A N1    1 
ATOM   155 C  C2    . DC  A 1 8  ? 2.227   5.875   -6.399  1.00 19.48 ? 9   DC  A C2    1 
ATOM   156 O  O2    . DC  A 1 8  ? 3.213   5.201   -6.737  1.00 21.33 ? 9   DC  A O2    1 
ATOM   157 N  N3    . DC  A 1 8  ? 0.976   5.525   -6.778  1.00 19.76 ? 9   DC  A N3    1 
ATOM   158 C  C4    . DC  A 1 8  ? -0.074  6.255   -6.401  1.00 19.38 ? 9   DC  A C4    1 
ATOM   159 N  N4    . DC  A 1 8  ? -1.288  5.868   -6.810  1.00 19.10 ? 9   DC  A N4    1 
ATOM   160 C  C5    . DC  A 1 8  ? 0.071   7.419   -5.592  1.00 22.02 ? 9   DC  A C5    1 
ATOM   161 C  C6    . DC  A 1 8  ? 1.318   7.749   -5.219  1.00 21.87 ? 9   DC  A C6    1 
ATOM   162 P  P     . DG  A 1 9  ? 7.292   9.979   -5.525  1.00 30.89 ? 10  DG  A P     1 
ATOM   163 O  OP1   . DG  A 1 9  ? 8.727   10.058  -5.139  1.00 38.83 ? 10  DG  A OP1   1 
ATOM   164 O  OP2   . DG  A 1 9  ? 6.540   11.254  -5.712  1.00 37.68 ? 10  DG  A OP2   1 
ATOM   165 O  "O5'" . DG  A 1 9  ? 7.201   9.189   -6.910  1.00 26.44 ? 10  DG  A "O5'" 1 
ATOM   166 C  "C5'" . DG  A 1 9  ? 7.772   7.887   -7.038  1.00 21.68 ? 10  DG  A "C5'" 1 
ATOM   167 C  "C4'" . DG  A 1 9  ? 7.533   7.427   -8.454  1.00 17.19 ? 10  DG  A "C4'" 1 
ATOM   168 O  "O4'" . DG  A 1 9  ? 6.142   7.065   -8.616  1.00 17.79 ? 10  DG  A "O4'" 1 
ATOM   169 C  "C3'" . DG  A 1 9  ? 7.820   8.478   -9.532  1.00 15.73 ? 10  DG  A "C3'" 1 
ATOM   170 O  "O3'" . DG  A 1 9  ? 8.704   7.883   -10.469 1.00 14.90 ? 10  DG  A "O3'" 1 
ATOM   171 C  "C2'" . DG  A 1 9  ? 6.462   8.849   -10.072 1.00 15.25 ? 10  DG  A "C2'" 1 
ATOM   172 C  "C1'" . DG  A 1 9  ? 5.645   7.594   -9.845  1.00 15.22 ? 10  DG  A "C1'" 1 
ATOM   173 N  N9    . DG  A 1 9  ? 4.215   7.754   -9.620  1.00 14.70 ? 10  DG  A N9    1 
ATOM   174 C  C8    . DG  A 1 9  ? 3.596   8.747   -8.898  1.00 14.66 ? 10  DG  A C8    1 
ATOM   175 N  N7    . DG  A 1 9  ? 2.302   8.620   -8.850  1.00 14.79 ? 10  DG  A N7    1 
ATOM   176 C  C5    . DG  A 1 9  ? 2.032   7.470   -9.580  1.00 13.02 ? 10  DG  A C5    1 
ATOM   177 C  C6    . DG  A 1 9  ? 0.800   6.837   -9.883  1.00 12.83 ? 10  DG  A C6    1 
ATOM   178 O  O6    . DG  A 1 9  ? -0.359  7.144   -9.569  1.00 13.20 ? 10  DG  A O6    1 
ATOM   179 N  N1    . DG  A 1 9  ? 1.000   5.688   -10.647 1.00 13.95 ? 10  DG  A N1    1 
ATOM   180 C  C2    . DG  A 1 9  ? 2.218   5.224   -11.068 1.00 11.86 ? 10  DG  A C2    1 
ATOM   181 N  N2    . DG  A 1 9  ? 2.179   4.102   -11.803 1.00 16.36 ? 10  DG  A N2    1 
ATOM   182 N  N3    . DG  A 1 9  ? 3.371   5.811   -10.797 1.00 13.30 ? 10  DG  A N3    1 
ATOM   183 C  C4    . DG  A 1 9  ? 3.207   6.922   -10.054 1.00 13.19 ? 10  DG  A C4    1 
ATOM   184 P  P     . DC  A 1 10 ? 9.107   8.593   -11.853 1.00 13.78 ? 11  DC  A P     1 
ATOM   185 O  OP1   . DC  A 1 10 ? 10.543  8.325   -12.110 1.00 15.13 ? 11  DC  A OP1   1 
ATOM   186 O  OP2   . DC  A 1 10 ? 8.626   10.001  -11.823 1.00 14.36 ? 11  DC  A OP2   1 
ATOM   187 O  "O5'" . DC  A 1 10 ? 8.227   7.790   -12.916 1.00 13.45 ? 11  DC  A "O5'" 1 
ATOM   188 C  "C5'" . DC  A 1 10 ? 8.463   6.377   -13.037 1.00 14.49 ? 11  DC  A "C5'" 1 
ATOM   189 C  "C4'" . DC  A 1 10 ? 7.599   5.804   -14.123 1.00 12.55 ? 11  DC  A "C4'" 1 
ATOM   190 O  "O4'" . DC  A 1 10 ? 6.208   5.864   -13.726 1.00 12.72 ? 11  DC  A "O4'" 1 
ATOM   191 C  "C3'" . DC  A 1 10 ? 7.666   6.546   -15.457 1.00 11.89 ? 11  DC  A "C3'" 1 
ATOM   192 O  "O3'" . DC  A 1 10 ? 7.619   5.624   -16.525 1.00 12.30 ? 11  DC  A "O3'" 1 
ATOM   193 C  "C2'" . DC  A 1 10 ? 6.453   7.447   -15.425 1.00 11.51 ? 11  DC  A "C2'" 1 
ATOM   194 C  "C1'" . DC  A 1 10 ? 5.456   6.521   -14.723 1.00 10.90 ? 11  DC  A "C1'" 1 
ATOM   195 N  N1    . DC  A 1 10 ? 4.331   7.229   -14.100 1.00 11.03 ? 11  DC  A N1    1 
ATOM   196 C  C2    . DC  A 1 10 ? 3.054   6.672   -14.205 1.00 11.05 ? 11  DC  A C2    1 
ATOM   197 O  O2    . DC  A 1 10 ? 2.918   5.622   -14.844 1.00 11.91 ? 11  DC  A O2    1 
ATOM   198 N  N3    . DC  A 1 10 ? 2.016   7.336   -13.651 1.00 12.20 ? 11  DC  A N3    1 
ATOM   199 C  C4    . DC  A 1 10 ? 2.209   8.478   -12.983 1.00 11.77 ? 11  DC  A C4    1 
ATOM   200 N  N4    . DC  A 1 10 ? 1.130   9.060   -12.455 1.00 12.69 ? 11  DC  A N4    1 
ATOM   201 C  C5    . DC  A 1 10 ? 3.502   9.037   -12.830 1.00 12.43 ? 11  DC  A C5    1 
ATOM   202 C  C6    . DC  A 1 10 ? 4.522   8.381   -13.397 1.00 11.29 ? 11  DC  A C6    1 
ATOM   203 P  P     . DG  A 1 11 ? 8.423   5.891   -17.884 1.00 12.77 ? 12  DG  A P     1 
ATOM   204 O  OP1   . DG  A 1 11 ? 8.434   4.602   -18.638 1.00 14.57 ? 12  DG  A OP1   1 
ATOM   205 O  OP2   . DG  A 1 11 ? 9.728   6.556   -17.609 1.00 13.99 ? 12  DG  A OP2   1 
ATOM   206 O  "O5'" . DG  A 1 11 ? 7.522   6.934   -18.674 1.00 12.00 ? 12  DG  A "O5'" 1 
ATOM   207 C  "C5'" . DG  A 1 11 ? 6.174   6.695   -19.079 1.00 11.83 ? 12  DG  A "C5'" 1 
ATOM   208 C  "C4'" . DG  A 1 11 ? 5.618   7.948   -19.727 1.00 11.74 ? 12  DG  A "C4'" 1 
ATOM   209 O  "O4'" . DG  A 1 11 ? 5.481   9.006   -18.747 1.00 12.10 ? 12  DG  A "O4'" 1 
ATOM   210 C  "C3'" . DG  A 1 11 ? 6.483   8.517   -20.848 1.00 11.50 ? 12  DG  A "C3'" 1 
ATOM   211 O  "O3'" . DG  A 1 11 ? 5.995   8.143   -22.136 1.00 13.32 ? 12  DG  A "O3'" 1 
ATOM   212 C  "C2'" . DG  A 1 11 ? 6.421   10.017  -20.630 1.00 12.39 ? 12  DG  A "C2'" 1 
ATOM   213 C  "C1'" . DG  A 1 11 ? 6.230   10.165  -19.145 1.00 11.42 ? 12  DG  A "C1'" 1 
ATOM   214 N  N9    . DG  A 1 11 ? 7.450   10.132  -18.348 1.00 11.90 ? 12  DG  A N9    1 
ATOM   215 C  C8    . DG  A 1 11 ? 8.723   9.818   -18.768 1.00 12.89 ? 12  DG  A C8    1 
ATOM   216 N  N7    . DG  A 1 11 ? 9.610   9.869   -17.804 1.00 12.38 ? 12  DG  A N7    1 
ATOM   217 C  C5    . DG  A 1 11 ? 8.877   10.215  -16.680 1.00 12.63 ? 12  DG  A C5    1 
ATOM   218 C  C6    . DG  A 1 11 ? 9.271   10.419  -15.334 1.00 11.50 ? 12  DG  A C6    1 
ATOM   219 O  O6    . DG  A 1 11 ? 10.396  10.329  -14.838 1.00 13.44 ? 12  DG  A O6    1 
ATOM   220 N  N1    . DG  A 1 11 ? 8.210   10.770  -14.510 1.00 12.71 ? 12  DG  A N1    1 
ATOM   221 C  C2    . DG  A 1 11 ? 6.911   10.913  -14.931 1.00 11.55 ? 12  DG  A C2    1 
ATOM   222 N  N2    . DG  A 1 11 ? 6.035   11.255  -13.985 1.00 13.34 ? 12  DG  A N2    1 
ATOM   223 N  N3    . DG  A 1 11 ? 6.523   10.736  -16.186 1.00 11.46 ? 12  DG  A N3    1 
ATOM   224 C  C4    . DG  A 1 11 ? 7.543   10.384  -16.999 1.00 10.94 ? 12  DG  A C4    1 
ATOM   225 O  "O5'" . DG  B 1 1  ? -7.394  5.865   -18.339 1.00 35.41 ? 14  DG  B "O5'" 1 
ATOM   226 C  "C5'" . DG  B 1 1  ? -7.381  5.113   -17.121 1.00 21.12 ? 14  DG  B "C5'" 1 
ATOM   227 C  "C4'" . DG  B 1 1  ? -6.454  3.933   -17.273 1.00 17.80 ? 14  DG  B "C4'" 1 
ATOM   228 O  "O4'" . DG  B 1 1  ? -5.106  4.295   -16.894 1.00 16.66 ? 14  DG  B "O4'" 1 
ATOM   229 C  "C3'" . DG  B 1 1  ? -6.767  2.738   -16.387 1.00 16.07 ? 14  DG  B "C3'" 1 
ATOM   230 O  "O3'" . DG  B 1 1  ? -6.306  1.554   -17.006 1.00 16.32 ? 14  DG  B "O3'" 1 
ATOM   231 C  "C2'" . DG  B 1 1  ? -6.028  3.073   -15.106 1.00 15.13 ? 14  DG  B "C2'" 1 
ATOM   232 C  "C1'" . DG  B 1 1  ? -4.767  3.727   -15.614 1.00 14.54 ? 14  DG  B "C1'" 1 
ATOM   233 N  N9    . DG  B 1 1  ? -4.239  4.878   -14.885 1.00 13.66 ? 14  DG  B N9    1 
ATOM   234 C  C8    . DG  B 1 1  ? -4.961  5.891   -14.303 1.00 14.58 ? 14  DG  B C8    1 
ATOM   235 N  N7    . DG  B 1 1  ? -4.207  6.792   -13.738 1.00 14.53 ? 14  DG  B N7    1 
ATOM   236 C  C5    . DG  B 1 1  ? -2.908  6.349   -13.963 1.00 12.53 ? 14  DG  B C5    1 
ATOM   237 C  C6    . DG  B 1 1  ? -1.658  6.907   -13.588 1.00 10.52 ? 14  DG  B C6    1 
ATOM   238 O  O6    . DG  B 1 1  ? -1.446  7.943   -12.954 1.00 14.51 ? 14  DG  B O6    1 
ATOM   239 N  N1    . DG  B 1 1  ? -0.578  6.137   -14.023 1.00 11.46 ? 14  DG  B N1    1 
ATOM   240 C  C2    . DG  B 1 1  ? -0.701  4.959   -14.724 1.00 11.08 ? 14  DG  B C2    1 
ATOM   241 N  N2    . DG  B 1 1  ? 0.444   4.345   -15.061 1.00 10.68 ? 14  DG  B N2    1 
ATOM   242 N  N3    . DG  B 1 1  ? -1.859  4.428   -15.079 1.00 12.09 ? 14  DG  B N3    1 
ATOM   243 C  C4    . DG  B 1 1  ? -2.912  5.175   -14.681 1.00 11.60 ? 14  DG  B C4    1 
ATOM   244 P  P     . DC  B 1 2  ? -6.505  0.113   -16.340 1.00 18.57 ? 15  DC  B P     1 
ATOM   245 O  OP1   . DC  B 1 2  ? -6.402  -0.907  -17.423 1.00 22.25 ? 15  DC  B OP1   1 
ATOM   246 O  OP2   . DC  B 1 2  ? -7.704  0.079   -15.452 1.00 20.57 ? 15  DC  B OP2   1 
ATOM   247 O  "O5'" . DC  B 1 2  ? -5.216  -0.047  -15.406 1.00 18.31 ? 15  DC  B "O5'" 1 
ATOM   248 C  "C5'" . DC  B 1 2  ? -3.938  -0.169  -16.043 1.00 18.72 ? 15  DC  B "C5'" 1 
ATOM   249 C  "C4'" . DC  B 1 2  ? -2.839  -0.079  -15.020 1.00 16.86 ? 15  DC  B "C4'" 1 
ATOM   250 O  "O4'" . DC  B 1 2  ? -2.821  1.221   -14.398 1.00 15.23 ? 15  DC  B "O4'" 1 
ATOM   251 C  "C3'" . DC  B 1 2  ? -2.970  -1.034  -13.831 1.00 20.14 ? 15  DC  B "C3'" 1 
ATOM   252 O  "O3'" . DC  B 1 2  ? -2.236  -2.206  -14.144 1.00 26.51 ? 15  DC  B "O3'" 1 
ATOM   253 C  "C2'" . DC  B 1 2  ? -2.440  -0.270  -12.642 1.00 21.75 ? 15  DC  B "C2'" 1 
ATOM   254 C  "C1'" . DC  B 1 2  ? -2.043  1.077   -13.205 1.00 17.55 ? 15  DC  B "C1'" 1 
ATOM   255 N  N1    . DC  B 1 2  ? -2.342  2.284   -12.422 1.00 15.86 ? 15  DC  B N1    1 
ATOM   256 C  C2    . DC  B 1 2  ? -1.224  3.018   -11.983 1.00 12.65 ? 15  DC  B C2    1 
ATOM   257 O  O2    . DC  B 1 2  ? -0.102  2.592   -12.271 1.00 13.13 ? 15  DC  B O2    1 
ATOM   258 N  N3    . DC  B 1 2  ? -1.408  4.170   -11.305 1.00 13.14 ? 15  DC  B N3    1 
ATOM   259 C  C4    . DC  B 1 2  ? -2.644  4.592   -11.035 1.00 14.31 ? 15  DC  B C4    1 
ATOM   260 N  N4    . DC  B 1 2  ? -2.757  5.719   -10.330 1.00 15.77 ? 15  DC  B N4    1 
ATOM   261 C  C5    . DC  B 1 2  ? -3.792  3.870   -11.467 1.00 16.71 ? 15  DC  B C5    1 
ATOM   262 C  C6    . DC  B 1 2  ? -3.597  2.740   -12.163 1.00 15.81 ? 15  DC  B C6    1 
ATOM   263 P  P     . DG  B 1 3  ? -2.217  -3.501  -13.207 1.00 28.34 ? 16  DG  B P     1 
ATOM   264 O  OP1   . DG  B 1 3  ? -2.316  -4.734  -14.039 1.00 31.86 ? 16  DG  B OP1   1 
ATOM   265 O  OP2   . DG  B 1 3  ? -3.168  -3.352  -12.069 1.00 30.52 ? 16  DG  B OP2   1 
ATOM   266 O  "O5'" . DG  B 1 3  ? -0.729  -3.477  -12.609 1.00 24.52 ? 16  DG  B "O5'" 1 
ATOM   267 C  "C5'" . DG  B 1 3  ? 0.368   -3.148  -13.457 1.00 25.30 ? 16  DG  B "C5'" 1 
ATOM   268 C  "C4'" . DG  B 1 3  ? 1.497   -2.571  -12.640 1.00 27.70 ? 16  DG  B "C4'" 1 
ATOM   269 O  "O4'" . DG  B 1 3  ? 1.098   -1.283  -12.097 1.00 22.93 ? 16  DG  B "O4'" 1 
ATOM   270 C  "C3'" . DG  B 1 3  ? 1.924   -3.403  -11.437 1.00 29.92 ? 16  DG  B "C3'" 1 
ATOM   271 O  "O3'" . DG  B 1 3  ? 3.320   -3.318  -11.213 1.00 35.80 ? 16  DG  B "O3'" 1 
ATOM   272 C  "C2'" . DG  B 1 3  ? 1.130   -2.781  -10.306 1.00 27.76 ? 16  DG  B "C2'" 1 
ATOM   273 C  "C1'" . DG  B 1 3  ? 1.274   -1.311  -10.679 1.00 23.73 ? 16  DG  B "C1'" 1 
ATOM   274 N  N9    . DG  B 1 3  ? 0.292   -0.416  -10.092 1.00 21.04 ? 16  DG  B N9    1 
ATOM   275 C  C8    . DG  B 1 3  ? -1.065  -0.573  -9.963  1.00 20.68 ? 16  DG  B C8    1 
ATOM   276 N  N7    . DG  B 1 3  ? -1.643  0.442   -9.383  1.00 20.37 ? 16  DG  B N7    1 
ATOM   277 C  C5    . DG  B 1 3  ? -0.611  1.323   -9.111  1.00 19.57 ? 16  DG  B C5    1 
ATOM   278 C  C6    . DG  B 1 3  ? -0.612  2.598   -8.490  1.00 17.19 ? 16  DG  B C6    1 
ATOM   279 O  O6    . DG  B 1 3  ? -1.581  3.212   -8.042  1.00 19.41 ? 16  DG  B O6    1 
ATOM   280 N  N1    . DG  B 1 3  ? 0.672   3.135   -8.417  1.00 18.71 ? 16  DG  B N1    1 
ATOM   281 C  C2    . DG  B 1 3  ? 1.814   2.533   -8.886  1.00 19.53 ? 16  DG  B C2    1 
ATOM   282 N  N2    . DG  B 1 3  ? 2.972   3.196   -8.739  1.00 19.83 ? 16  DG  B N2    1 
ATOM   283 N  N3    . DG  B 1 3  ? 1.828   1.347   -9.466  1.00 18.89 ? 16  DG  B N3    1 
ATOM   284 C  C4    . DG  B 1 3  ? 0.593   0.809   -9.542  1.00 20.14 ? 16  DG  B C4    1 
ATOM   285 P  P     . DA  B 1 4  ? 4.115   -4.328  -10.252 1.00 35.20 ? 17  DA  B P     1 
ATOM   286 O  OP1   . DA  B 1 4  ? 4.988   -5.208  -11.082 1.00 36.48 ? 17  DA  B OP1   1 
ATOM   287 O  OP2   . DA  B 1 4  ? 3.194   -4.981  -9.283  1.00 37.43 ? 17  DA  B OP2   1 
ATOM   288 O  "O5'" . DA  B 1 4  ? 5.074   -3.371  -9.411  1.00 35.97 ? 17  DA  B "O5'" 1 
ATOM   289 C  "C5'" . DA  B 1 4  ? 5.854   -2.350  -10.032 1.00 33.61 ? 17  DA  B "C5'" 1 
ATOM   290 C  "C4'" . DA  B 1 4  ? 6.354   -1.390  -8.975  1.00 35.26 ? 17  DA  B "C4'" 1 
ATOM   291 O  "O4'" . DA  B 1 4  ? 5.251   -0.565  -8.521  1.00 30.87 ? 17  DA  B "O4'" 1 
ATOM   292 C  "C3'" . DA  B 1 4  ? 6.935   -2.051  -7.731  1.00 39.53 ? 17  DA  B "C3'" 1 
ATOM   293 O  "O3'" . DA  B 1 4  ? 8.168   -1.436  -7.352  1.00 43.64 ? 17  DA  B "O3'" 1 
ATOM   294 C  "C2'" . DA  B 1 4  ? 5.866   -1.879  -6.675  1.00 32.37 ? 17  DA  B "C2'" 1 
ATOM   295 C  "C1'" . DA  B 1 4  ? 5.148   -0.618  -7.103  1.00 30.85 ? 17  DA  B "C1'" 1 
ATOM   296 N  N9    . DA  B 1 4  ? 3.711   -0.567  -6.821  1.00 26.11 ? 17  DA  B N9    1 
ATOM   297 C  C8    . DA  B 1 4  ? 2.758   -1.518  -7.099  1.00 25.87 ? 17  DA  B C8    1 
ATOM   298 N  N7    . DA  B 1 4  ? 1.546   -1.175  -6.737  1.00 24.11 ? 17  DA  B N7    1 
ATOM   299 C  C5    . DA  B 1 4  ? 1.711   0.087   -6.182  1.00 20.39 ? 17  DA  B C5    1 
ATOM   300 C  C6    . DA  B 1 4  ? 0.801   0.998   -5.619  1.00 17.43 ? 17  DA  B C6    1 
ATOM   301 N  N6    . DA  B 1 4  ? -0.503  0.753   -5.503  1.00 17.95 ? 17  DA  B N6    1 
ATOM   302 N  N1    . DA  B 1 4  ? 1.293   2.171   -5.165  1.00 19.45 ? 17  DA  B N1    1 
ATOM   303 C  C2    . DA  B 1 4  ? 2.602   2.404   -5.280  1.00 19.73 ? 17  DA  B C2    1 
ATOM   304 N  N3    . DA  B 1 4  ? 3.558   1.634   -5.789  1.00 22.17 ? 17  DA  B N3    1 
ATOM   305 C  C4    . DA  B 1 4  ? 3.039   0.478   -6.236  1.00 22.64 ? 17  DA  B C4    1 
ATOM   306 P  P     . DA  B 1 5  ? 8.956   -1.994  -6.059  1.00 44.82 ? 18  DA  B P     1 
ATOM   307 O  OP1   . DA  B 1 5  ? 10.407  -2.111  -6.361  1.00 52.44 ? 18  DA  B OP1   1 
ATOM   308 O  OP2   . DA  B 1 5  ? 8.246   -3.197  -5.537  1.00 52.97 ? 18  DA  B OP2   1 
ATOM   309 O  "O5'" . DA  B 1 5  ? 8.764   -0.821  -4.992  1.00 43.62 ? 18  DA  B "O5'" 1 
ATOM   310 C  "C5'" . DA  B 1 5  ? 8.462   0.503   -5.435  1.00 30.32 ? 18  DA  B "C5'" 1 
ATOM   311 C  "C4'" . DA  B 1 5  ? 8.101   1.385   -4.259  1.00 30.00 ? 18  DA  B "C4'" 1 
ATOM   312 O  "O4'" . DA  B 1 5  ? 6.660   1.436   -4.145  1.00 26.96 ? 18  DA  B "O4'" 1 
ATOM   313 C  "C3'" . DA  B 1 5  ? 8.630   0.926   -2.903  1.00 32.20 ? 18  DA  B "C3'" 1 
ATOM   314 O  "O3'" . DA  B 1 5  ? 9.250   2.013   -2.219  1.00 38.58 ? 18  DA  B "O3'" 1 
ATOM   315 C  "C2'" . DA  B 1 5  ? 7.415   0.403   -2.172  1.00 29.40 ? 18  DA  B "C2'" 1 
ATOM   316 C  "C1'" . DA  B 1 5  ? 6.263   1.155   -2.805  1.00 23.04 ? 18  DA  B "C1'" 1 
ATOM   317 N  N9    . DA  B 1 5  ? 5.010   0.410   -2.912  1.00 21.60 ? 18  DA  B N9    1 
ATOM   318 C  C8    . DA  B 1 5  ? 4.847   -0.852  -3.434  1.00 22.36 ? 18  DA  B C8    1 
ATOM   319 N  N7    . DA  B 1 5  ? 3.608   -1.275  -3.414  1.00 20.52 ? 18  DA  B N7    1 
ATOM   320 C  C5    . DA  B 1 5  ? 2.908   -0.213  -2.859  1.00 19.60 ? 18  DA  B C5    1 
ATOM   321 C  C6    . DA  B 1 5  ? 1.546   -0.044  -2.556  1.00 18.62 ? 18  DA  B C6    1 
ATOM   322 N  N6    . DA  B 1 5  ? 0.617   -0.968  -2.806  1.00 18.10 ? 18  DA  B N6    1 
ATOM   323 N  N1    . DA  B 1 5  ? 1.178   1.127   -1.993  1.00 17.63 ? 18  DA  B N1    1 
ATOM   324 C  C2    . DA  B 1 5  ? 2.112   2.053   -1.754  1.00 18.79 ? 18  DA  B C2    1 
ATOM   325 N  N3    . DA  B 1 5  ? 3.418   2.002   -1.980  1.00 20.16 ? 18  DA  B N3    1 
ATOM   326 C  C4    . DA  B 1 5  ? 3.758   0.830   -2.542  1.00 20.41 ? 18  DA  B C4    1 
ATOM   327 P  P     . DT  B 1 6  ? 9.688   1.937   -0.677  1.00 35.50 ? 19  DT  B P     1 
ATOM   328 O  OP1   . DT  B 1 6  ? 10.743  2.954   -0.400  1.00 41.73 ? 19  DT  B OP1   1 
ATOM   329 O  OP2   . DT  B 1 6  ? 9.965   0.525   -0.294  1.00 46.90 ? 19  DT  B OP2   1 
ATOM   330 O  "O5'" . DT  B 1 6  ? 8.380   2.393   0.128   1.00 37.53 ? 19  DT  B "O5'" 1 
ATOM   331 C  "C5'" . DT  B 1 6  ? 7.847   3.699   -0.052  1.00 29.32 ? 19  DT  B "C5'" 1 
ATOM   332 C  "C4'" . DT  B 1 6  ? 6.604   3.934   0.767   1.00 26.80 ? 19  DT  B "C4'" 1 
ATOM   333 O  "O4'" . DT  B 1 6  ? 5.572   2.977   0.429   1.00 25.09 ? 19  DT  B "O4'" 1 
ATOM   334 C  "C3'" . DT  B 1 6  ? 6.795   3.810   2.279   1.00 28.10 ? 19  DT  B "C3'" 1 
ATOM   335 O  "O3'" . DT  B 1 6  ? 6.338   5.022   2.867   1.00 32.18 ? 19  DT  B "O3'" 1 
ATOM   336 C  "C2'" . DT  B 1 6  ? 5.995   2.594   2.685   1.00 26.93 ? 19  DT  B "C2'" 1 
ATOM   337 C  "C1'" . DT  B 1 6  ? 4.918   2.542   1.627   1.00 22.92 ? 19  DT  B "C1'" 1 
ATOM   338 N  N1    . DT  B 1 6  ? 4.330   1.239   1.264   1.00 22.76 ? 19  DT  B N1    1 
ATOM   339 C  C2    . DT  B 1 6  ? 2.963   1.118   1.325   1.00 19.10 ? 19  DT  B C2    1 
ATOM   340 O  O2    . DT  B 1 6  ? 2.227   2.012   1.704   1.00 21.61 ? 19  DT  B O2    1 
ATOM   341 N  N3    . DT  B 1 6  ? 2.480   -0.107  0.942   1.00 17.73 ? 19  DT  B N3    1 
ATOM   342 C  C4    . DT  B 1 6  ? 3.215   -1.183  0.485   1.00 20.24 ? 19  DT  B C4    1 
ATOM   343 O  O4    . DT  B 1 6  ? 2.659   -2.229  0.179   1.00 20.78 ? 19  DT  B O4    1 
ATOM   344 C  C5    . DT  B 1 6  ? 4.647   -0.983  0.430   1.00 20.88 ? 19  DT  B C5    1 
ATOM   345 C  C7    . DT  B 1 6  ? 5.497   -2.114  -0.054  1.00 25.75 ? 19  DT  B C7    1 
ATOM   346 C  C6    . DT  B 1 6  ? 5.123   0.210   0.801   1.00 23.24 ? 19  DT  B C6    1 
ATOM   347 P  P     . DT  B 1 7  ? 6.428   5.299   4.444   1.00 31.60 ? 20  DT  B P     1 
ATOM   348 O  OP1   . DT  B 1 7  ? 6.554   6.766   4.674   1.00 47.29 ? 20  DT  B OP1   1 
ATOM   349 O  OP2   . DT  B 1 7  ? 7.432   4.383   5.048   1.00 36.79 ? 20  DT  B OP2   1 
ATOM   350 O  "O5'" . DT  B 1 7  ? 4.987   4.850   4.975   1.00 29.86 ? 20  DT  B "O5'" 1 
ATOM   351 C  "C5'" . DT  B 1 7  ? 3.839   5.574   4.516   1.00 24.88 ? 20  DT  B "C5'" 1 
ATOM   352 C  "C4'" . DT  B 1 7  ? 2.582   4.975   5.088   1.00 22.63 ? 20  DT  B "C4'" 1 
ATOM   353 O  "O4'" . DT  B 1 7  ? 2.382   3.640   4.579   1.00 22.64 ? 20  DT  B "O4'" 1 
ATOM   354 C  "C3'" . DT  B 1 7  ? 2.586   4.847   6.617   1.00 21.41 ? 20  DT  B "C3'" 1 
ATOM   355 O  "O3'" . DT  B 1 7  ? 1.461   5.567   7.089   1.00 22.50 ? 20  DT  B "O3'" 1 
ATOM   356 C  "C2'" . DT  B 1 7  ? 2.561   3.362   6.884   1.00 22.72 ? 20  DT  B "C2'" 1 
ATOM   357 C  "C1'" . DT  B 1 7  ? 1.921   2.793   5.641   1.00 19.81 ? 20  DT  B "C1'" 1 
ATOM   358 N  N1    . DT  B 1 7  ? 2.282   1.437   5.188   1.00 18.44 ? 20  DT  B N1    1 
ATOM   359 C  C2    . DT  B 1 7  ? 1.234   0.614   4.820   1.00 17.95 ? 20  DT  B C2    1 
ATOM   360 O  O2    . DT  B 1 7  ? 0.063   0.935   4.931   1.00 16.85 ? 20  DT  B O2    1 
ATOM   361 N  N3    . DT  B 1 7  ? 1.604   -0.633  4.370   1.00 17.71 ? 20  DT  B N3    1 
ATOM   362 C  C4    . DT  B 1 7  ? 2.890   -1.105  4.203   1.00 18.02 ? 20  DT  B C4    1 
ATOM   363 O  O4    . DT  B 1 7  ? 3.087   -2.243  3.796   1.00 20.68 ? 20  DT  B O4    1 
ATOM   364 C  C5    . DT  B 1 7  ? 3.937   -0.183  4.581   1.00 21.56 ? 20  DT  B C5    1 
ATOM   365 C  C7    . DT  B 1 7  ? 5.350   -0.650  4.427   1.00 22.25 ? 20  DT  B C7    1 
ATOM   366 C  C6    . DT  B 1 7  ? 3.585   1.033   5.024   1.00 19.43 ? 20  DT  B C6    1 
ATOM   367 P  P     . DC  B 1 8  ? 1.099   5.760   8.636   1.00 22.75 ? 21  DC  B P     1 
ATOM   368 O  OP1   . DC  B 1 8  ? 0.295   7.007   8.800   1.00 28.03 ? 21  DC  B OP1   1 
ATOM   369 O  OP2   . DC  B 1 8  ? 2.316   5.618   9.484   1.00 27.28 ? 21  DC  B OP2   1 
ATOM   370 O  "O5'" . DC  B 1 8  ? 0.140   4.516   8.924   1.00 21.28 ? 21  DC  B "O5'" 1 
ATOM   371 C  "C5'" . DC  B 1 8  ? -1.103  4.419   8.228   1.00 19.35 ? 21  DC  B "C5'" 1 
ATOM   372 C  "C4'" . DC  B 1 8  ? -1.746  3.074   8.459   1.00 19.44 ? 21  DC  B "C4'" 1 
ATOM   373 O  "O4'" . DC  B 1 8  ? -0.925  2.021   7.897   1.00 18.60 ? 21  DC  B "O4'" 1 
ATOM   374 C  "C3'" . DC  B 1 8  ? -1.943  2.686   9.924   1.00 20.22 ? 21  DC  B "C3'" 1 
ATOM   375 O  "O3'" . DC  B 1 8  ? -3.335  2.720   10.211  1.00 23.00 ? 21  DC  B "O3'" 1 
ATOM   376 C  "C2'" . DC  B 1 8  ? -1.342  1.308   10.062  1.00 21.11 ? 21  DC  B "C2'" 1 
ATOM   377 C  "C1'" . DC  B 1 8  ? -1.195  0.827   8.636   1.00 18.41 ? 21  DC  B "C1'" 1 
ATOM   378 N  N1    . DC  B 1 8  ? -0.083  -0.077  8.313   1.00 15.21 ? 21  DC  B N1    1 
ATOM   379 C  C2    . DC  B 1 8  ? -0.372  -1.318  7.733   1.00 14.17 ? 21  DC  B C2    1 
ATOM   380 O  O2    . DC  B 1 8  ? -1.569  -1.621  7.574   1.00 15.78 ? 21  DC  B O2    1 
ATOM   381 N  N3    . DC  B 1 8  ? 0.640   -2.160  7.426   1.00 14.35 ? 21  DC  B N3    1 
ATOM   382 C  C4    . DC  B 1 8  ? 1.909   -1.781  7.614   1.00 17.03 ? 21  DC  B C4    1 
ATOM   383 N  N4    . DC  B 1 8  ? 2.862   -2.654  7.277   1.00 18.93 ? 21  DC  B N4    1 
ATOM   384 C  C5    . DC  B 1 8  ? 2.239   -0.520  8.192   1.00 18.36 ? 21  DC  B C5    1 
ATOM   385 C  C6    . DC  B 1 8  ? 1.221   0.295   8.505   1.00 16.80 ? 21  DC  B C6    1 
ATOM   386 P  P     . DG  B 1 9  ? -3.903  2.851   11.709  1.00 23.03 ? 22  DG  B P     1 
ATOM   387 O  OP1   . DG  B 1 9  ? -5.282  3.416   11.659  1.00 30.18 ? 22  DG  B OP1   1 
ATOM   388 O  OP2   . DG  B 1 9  ? -2.872  3.450   12.593  1.00 26.73 ? 22  DG  B OP2   1 
ATOM   389 O  "O5'" . DG  B 1 9  ? -4.056  1.325   12.175  1.00 20.24 ? 22  DG  B "O5'" 1 
ATOM   390 C  "C5'" . DG  B 1 9  ? -5.064  0.496   11.600  1.00 18.09 ? 22  DG  B "C5'" 1 
ATOM   391 C  "C4'" . DG  B 1 9  ? -4.848  -0.919  12.070  1.00 16.99 ? 22  DG  B "C4'" 1 
ATOM   392 O  "O4'" . DG  B 1 9  ? -3.656  -1.465  11.436  1.00 14.43 ? 22  DG  B "O4'" 1 
ATOM   393 C  "C3'" . DG  B 1 9  ? -4.598  -1.101  13.559  1.00 14.45 ? 22  DG  B "C3'" 1 
ATOM   394 O  "O3'" . DG  B 1 9  ? -5.208  -2.288  14.026  1.00 16.73 ? 22  DG  B "O3'" 1 
ATOM   395 C  "C2'" . DG  B 1 9  ? -3.094  -1.218  13.672  1.00 13.84 ? 22  DG  B "C2'" 1 
ATOM   396 C  "C1'" . DG  B 1 9  ? -2.881  -2.109  12.450  1.00 12.35 ? 22  DG  B "C1'" 1 
ATOM   397 N  N9    . DG  B 1 9  ? -1.515  -2.227  11.992  1.00 13.66 ? 22  DG  B N9    1 
ATOM   398 C  C8    . DG  B 1 9  ? -0.461  -1.375  12.208  1.00 13.35 ? 22  DG  B C8    1 
ATOM   399 N  N7    . DG  B 1 9  ? 0.639   -1.796  11.647  1.00 14.55 ? 22  DG  B N7    1 
ATOM   400 C  C5    . DG  B 1 9  ? 0.299   -2.992  11.027  1.00 13.30 ? 22  DG  B C5    1 
ATOM   401 C  C6    . DG  B 1 9  ? 1.083   -3.895  10.268  1.00 15.06 ? 22  DG  B C6    1 
ATOM   402 O  O6    . DG  B 1 9  ? 2.281   -3.839  9.961   1.00 15.30 ? 22  DG  B O6    1 
ATOM   403 N  N1    . DG  B 1 9  ? 0.325   -4.974  9.825   1.00 13.05 ? 22  DG  B N1    1 
ATOM   404 C  C2    . DG  B 1 9  ? -1.011  -5.164  10.098  1.00 12.06 ? 22  DG  B C2    1 
ATOM   405 N  N2    . DG  B 1 9  ? -1.539  -6.276  9.576   1.00 11.03 ? 22  DG  B N2    1 
ATOM   406 N  N3    . DG  B 1 9  ? -1.761  -4.327  10.799  1.00 13.31 ? 22  DG  B N3    1 
ATOM   407 C  C4    . DG  B 1 9  ? -1.033  -3.268  11.232  1.00 12.93 ? 22  DG  B C4    1 
ATOM   408 P  P     . DC  B 1 10 ? -6.524  -2.325  14.934  1.00 15.54 ? 23  DC  B P     1 
ATOM   409 O  OP1   . DC  B 1 10 ? -7.574  -1.484  14.300  1.00 18.10 ? 23  DC  B OP1   1 
ATOM   410 O  OP2   . DC  B 1 10 ? -6.165  -2.069  16.355  1.00 20.03 ? 23  DC  B OP2   1 
ATOM   411 O  "O5'" . DC  B 1 10 ? -6.916  -3.868  14.773  1.00 13.91 ? 23  DC  B "O5'" 1 
ATOM   412 C  "C5'" . DC  B 1 10 ? -7.477  -4.309  13.534  1.00 13.39 ? 23  DC  B "C5'" 1 
ATOM   413 C  "C4'" . DC  B 1 10 ? -7.044  -5.733  13.270  1.00 12.82 ? 23  DC  B "C4'" 1 
ATOM   414 O  "O4'" . DC  B 1 10 ? -5.649  -5.755  12.882  1.00 13.14 ? 23  DC  B "O4'" 1 
ATOM   415 C  "C3'" . DC  B 1 10 ? -7.141  -6.700  14.451  1.00 11.37 ? 23  DC  B "C3'" 1 
ATOM   416 O  "O3'" . DC  B 1 10 ? -7.634  -7.943  13.987  1.00 11.69 ? 23  DC  B "O3'" 1 
ATOM   417 C  "C2'" . DC  B 1 10 ? -5.723  -6.786  14.970  1.00 12.66 ? 23  DC  B "C2'" 1 
ATOM   418 C  "C1'" . DC  B 1 10 ? -4.936  -6.706  13.665  1.00 12.28 ? 23  DC  B "C1'" 1 
ATOM   419 N  N1    . DC  B 1 10 ? -3.547  -6.243  13.787  1.00 11.23 ? 23  DC  B N1    1 
ATOM   420 C  C2    . DC  B 1 10 ? -2.549  -6.840  13.019  1.00 11.65 ? 23  DC  B C2    1 
ATOM   421 O  O2    . DC  B 1 10 ? -2.835  -7.774  12.248  1.00 11.78 ? 23  DC  B O2    1 
ATOM   422 N  N3    . DC  B 1 10 ? -1.278  -6.394  13.132  1.00 12.12 ? 23  DC  B N3    1 
ATOM   423 C  C4    . DC  B 1 10 ? -0.980  -5.384  13.956  1.00 10.98 ? 23  DC  B C4    1 
ATOM   424 N  N4    . DC  B 1 10 ? 0.291   -4.971  14.009  1.00 12.39 ? 23  DC  B N4    1 
ATOM   425 C  C5    . DC  B 1 10 ? -1.985  -4.728  14.720  1.00 11.81 ? 23  DC  B C5    1 
ATOM   426 C  C6    . DC  B 1 10 ? -3.234  -5.182  14.596  1.00 11.27 ? 23  DC  B C6    1 
ATOM   427 P  P     . DG  B 1 11 ? -8.511  -8.914  14.914  1.00 13.27 ? 24  DG  B P     1 
ATOM   428 O  OP1   . DG  B 1 11 ? -9.029  -10.004 14.047  1.00 15.07 ? 24  DG  B OP1   1 
ATOM   429 O  OP2   . DG  B 1 11 ? -9.464  -8.083  15.702  1.00 13.63 ? 24  DG  B OP2   1 
ATOM   430 O  "O5'" . DG  B 1 11 ? -7.462  -9.524  15.944  1.00 13.27 ? 24  DG  B "O5'" 1 
ATOM   431 C  "C5'" . DG  B 1 11 ? -6.370  -10.327 15.513  1.00 13.31 ? 24  DG  B "C5'" 1 
ATOM   432 C  "C4'" . DG  B 1 11 ? -5.509  -10.719 16.695  1.00 15.03 ? 24  DG  B "C4'" 1 
ATOM   433 O  "O4'" . DG  B 1 11 ? -4.900  -9.551  17.291  1.00 14.56 ? 24  DG  B "O4'" 1 
ATOM   434 C  "C3'" . DG  B 1 11 ? -6.257  -11.420 17.826  1.00 15.65 ? 24  DG  B "C3'" 1 
ATOM   435 O  "O3'" . DG  B 1 11 ? -6.070  -12.830 17.744  1.00 19.30 ? 24  DG  B "O3'" 1 
ATOM   436 C  "C2'" . DG  B 1 11 ? -5.667  -10.827 19.085  1.00 15.01 ? 24  DG  B "C2'" 1 
ATOM   437 C  "C1'" . DG  B 1 11 ? -5.268  -9.427  18.668  1.00 14.19 ? 24  DG  B "C1'" 1 
ATOM   438 N  N9    . DG  B 1 11 ? -6.310  -8.407  18.693  1.00 14.62 ? 24  DG  B N9    1 
ATOM   439 C  C8    . DG  B 1 11 ? -7.664  -8.581  18.868  1.00 15.46 ? 24  DG  B C8    1 
ATOM   440 N  N7    . DG  B 1 11 ? -8.334  -7.463  18.824  1.00 17.72 ? 24  DG  B N7    1 
ATOM   441 C  C5    . DG  B 1 11 ? -7.371  -6.491  18.589  1.00 14.30 ? 24  DG  B C5    1 
ATOM   442 C  C6    . DG  B 1 11 ? -7.491  -5.087  18.432  1.00 14.98 ? 24  DG  B C6    1 
ATOM   443 O  O6    . DG  B 1 11 ? -8.522  -4.410  18.489  1.00 21.55 ? 24  DG  B O6    1 
ATOM   444 N  N1    . DG  B 1 11 ? -6.268  -4.462  18.206  1.00 15.71 ? 24  DG  B N1    1 
ATOM   445 C  C2    . DG  B 1 11 ? -5.065  -5.127  18.144  1.00 13.18 ? 24  DG  B C2    1 
ATOM   446 N  N2    . DG  B 1 11 ? -3.977  -4.376  17.916  1.00 13.96 ? 24  DG  B N2    1 
ATOM   447 N  N3    . DG  B 1 11 ? -4.939  -6.436  18.286  1.00 12.08 ? 24  DG  B N3    1 
ATOM   448 C  C4    . DG  B 1 11 ? -6.118  -7.054  18.503  1.00 13.37 ? 24  DG  B C4    1 
HETATM 449 CA CA    . CA  C 2 .  ? -6.066  -2.021  7.551   1.00 17.20 ? 112 CA  A CA    1 
HETATM 450 CA CA    . CA  D 2 .  ? -9.139  -9.338  0.509   0.33 15.54 ? 120 CA  A CA    1 
HETATM 451 CA CA    A CA  E 2 .  ? 11.446  7.225   -19.338 0.33 19.87 ? 124 CA  A CA    1 
HETATM 452 CA CA    . CA  F 2 .  ? -9.760  -11.512 12.581  1.00 12.94 ? 101 CA  B CA    1 
HETATM 453 CA CA    . CA  G 2 .  ? -11.341 -6.692  15.673  1.00 19.94 ? 104 CA  B CA    1 
HETATM 454 CA CA    . CA  H 2 .  ? -9.366  0.317   -14.006 0.33 20.77 ? 122 CA  B CA    1 
HETATM 455 O  O     B HOH I 3 .  ? 11.446  7.225   -19.338 0.66 22.24 ? 125 HOH A O     1 
HETATM 456 O  O     . HOH I 3 .  ? -5.368  -4.319  6.756   1.00 16.00 ? 126 HOH A O     1 
HETATM 457 O  O     . HOH I 3 .  ? -6.163  0.355   7.025   1.00 22.42 ? 127 HOH A O     1 
HETATM 458 O  O     . HOH I 3 .  ? -8.071  -2.403  6.526   1.00 20.06 ? 128 HOH A O     1 
HETATM 459 O  O     . HOH I 3 .  ? -4.827  -1.585  5.585   1.00 17.30 ? 129 HOH A O     1 
HETATM 460 O  O     . HOH I 3 .  ? -7.550  -9.237  -1.200  1.00 16.02 ? 130 HOH A O     1 
HETATM 461 O  O     . HOH I 3 .  ? 3.933   -6.288  14.727  1.00 25.59 ? 131 HOH A O     1 
HETATM 462 O  O     . HOH I 3 .  ? -9.754  -4.536  6.443   1.00 21.28 ? 132 HOH A O     1 
HETATM 463 O  O     . HOH I 3 .  ? 8.324   7.149   -23.679 1.00 23.54 ? 133 HOH A O     1 
HETATM 464 O  O     . HOH I 3 .  ? 12.795  5.786   -17.695 0.33 20.95 ? 134 HOH A O     1 
HETATM 465 O  O     . HOH I 3 .  ? -4.413  2.124   5.868   1.00 25.69 ? 135 HOH A O     1 
HETATM 466 O  O     . HOH I 3 .  ? -7.418  -1.270  -1.251  1.00 29.05 ? 136 HOH A O     1 
HETATM 467 O  O     . HOH I 3 .  ? 1.261   11.505  -10.805 1.00 21.49 ? 137 HOH A O     1 
HETATM 468 O  O     . HOH I 3 .  ? 5.621   3.763   -6.153  1.00 40.32 ? 138 HOH A O     1 
HETATM 469 O  O     . HOH I 3 .  ? 5.925   -5.723  11.712  1.00 32.95 ? 139 HOH A O     1 
HETATM 470 O  O     . HOH I 3 .  ? 10.607  13.485  -15.047 1.00 23.47 ? 140 HOH A O     1 
HETATM 471 O  O     . HOH I 3 .  ? 6.400   12.502  -11.309 1.00 24.06 ? 141 HOH A O     1 
HETATM 472 O  O     . HOH I 3 .  ? 7.355   2.998   -7.993  1.00 27.91 ? 142 HOH A O     1 
HETATM 473 O  O     . HOH I 3 .  ? 5.472   4.098   -11.348 1.00 25.08 ? 143 HOH A O     1 
HETATM 474 O  O     . HOH I 3 .  ? -3.596  -1.525  -4.147  1.00 35.55 ? 144 HOH A O     1 
HETATM 475 O  O     . HOH I 3 .  ? 5.789   -8.438  14.372  1.00 33.85 ? 145 HOH A O     1 
HETATM 476 O  O     . HOH I 3 .  ? 10.323  9.351   -21.422 1.00 24.81 ? 146 HOH A O     1 
HETATM 477 O  O     . HOH I 3 .  ? -8.031  4.551   5.873   1.00 26.82 ? 147 HOH A O     1 
HETATM 478 O  O     . HOH I 3 .  ? 5.284   5.166   -22.150 1.00 30.95 ? 148 HOH A O     1 
HETATM 479 O  O     . HOH I 3 .  ? -3.734  7.509   -6.328  1.00 31.82 ? 149 HOH A O     1 
HETATM 480 O  O     . HOH I 3 .  ? 0.728   10.826  -8.322  1.00 24.42 ? 150 HOH A O     1 
HETATM 481 O  O     . HOH I 3 .  ? -6.703  4.407   -1.283  1.00 26.27 ? 151 HOH A O     1 
HETATM 482 O  O     . HOH I 3 .  ? -3.124  -7.792  -0.906  1.00 36.04 ? 152 HOH A O     1 
HETATM 483 O  O     . HOH I 3 .  ? -3.786  -3.715  -1.947  1.00 27.00 ? 153 HOH A O     1 
HETATM 484 O  O     . HOH I 3 .  ? -0.231  -6.232  0.056   1.00 36.08 ? 154 HOH A O     1 
HETATM 485 O  O     . HOH I 3 .  ? -6.775  -12.091 3.025   1.00 28.14 ? 155 HOH A O     1 
HETATM 486 O  O     . HOH I 3 .  ? 11.926  7.994   -9.583  1.00 29.94 ? 156 HOH A O     1 
HETATM 487 O  O     . HOH I 3 .  ? 7.527   4.657   -21.647 1.00 32.29 ? 157 HOH A O     1 
HETATM 488 O  O     . HOH I 3 .  ? -0.465  -16.497 2.293   1.00 27.43 ? 158 HOH A O     1 
HETATM 489 O  O     . HOH I 3 .  ? 4.158   -4.049  12.637  1.00 45.34 ? 159 HOH A O     1 
HETATM 490 O  O     . HOH I 3 .  ? 4.665   11.864  -8.895  1.00 39.67 ? 160 HOH A O     1 
HETATM 491 O  O     . HOH I 3 .  ? 6.434   -5.466  7.597   1.00 36.28 ? 161 HOH A O     1 
HETATM 492 O  O     . HOH I 3 .  ? -8.379  7.298   2.942   1.00 48.13 ? 162 HOH A O     1 
HETATM 493 O  O     . HOH I 3 .  ? 7.635   3.531   -10.323 1.00 40.66 ? 163 HOH A O     1 
HETATM 494 O  O     . HOH I 3 .  ? -8.327  -4.991  -1.299  1.00 30.38 ? 164 HOH A O     1 
HETATM 495 O  O     . HOH I 3 .  ? 5.560   -4.569  15.092  1.00 36.27 ? 165 HOH A O     1 
HETATM 496 O  O     A HOH I 3 .  ? 11.261  4.752   -11.521 0.50 37.46 ? 166 HOH A O     1 
HETATM 497 O  O     B HOH I 3 .  ? 11.342  6.052   -10.779 0.50 24.63 ? 166 HOH A O     1 
HETATM 498 O  O     . HOH I 3 .  ? -5.113  -6.003  -1.322  1.00 37.01 ? 167 HOH A O     1 
HETATM 499 O  O     . HOH I 3 .  ? 12.052  8.967   -17.534 1.00 31.12 ? 168 HOH A O     1 
HETATM 500 O  O     . HOH I 3 .  ? 10.342  11.256  -6.609  1.00 45.27 ? 169 HOH A O     1 
HETATM 501 O  O     . HOH I 3 .  ? 5.400   -10.586 4.966   1.00 32.12 ? 170 HOH A O     1 
HETATM 502 O  O     . HOH I 3 .  ? 12.314  6.367   -7.358  0.50 53.04 ? 171 HOH A O     1 
HETATM 503 O  O     . HOH I 3 .  ? -9.149  1.009   -1.519  0.50 36.36 ? 172 HOH A O     1 
HETATM 504 O  O     . HOH I 3 .  ? 3.672   -10.511 2.645   0.50 23.92 ? 173 HOH A O     1 
HETATM 505 O  O     . HOH I 3 .  ? 1.014   -8.201  -1.081  0.50 41.98 ? 174 HOH A O     1 
HETATM 506 O  O     . HOH I 3 .  ? -3.072  8.648   5.436   0.50 20.73 ? 175 HOH A O     1 
HETATM 507 O  O     . HOH I 3 .  ? -5.554  4.877   6.898   0.50 21.11 ? 176 HOH A O     1 
HETATM 508 O  O     . HOH I 3 .  ? 7.866   -8.543  7.366   0.50 36.81 ? 177 HOH A O     1 
HETATM 509 O  O     . HOH I 3 .  ? 2.929   -7.100  2.249   0.50 40.84 ? 178 HOH A O     1 
HETATM 510 O  O     . HOH I 3 .  ? -9.958  0.133   6.496   0.50 26.42 ? 179 HOH A O     1 
HETATM 511 O  O     . HOH I 3 .  ? 9.519   -9.025  11.562  0.50 36.85 ? 180 HOH A O     1 
HETATM 512 O  O     . HOH I 3 .  ? -3.482  8.787   -1.918  0.50 30.27 ? 181 HOH A O     1 
HETATM 513 O  O     . HOH I 3 .  ? -10.905 -1.201  -3.430  0.50 49.95 ? 182 HOH A O     1 
HETATM 514 O  O     . HOH I 3 .  ? -7.017  -1.967  -3.809  0.50 35.64 ? 183 HOH A O     1 
HETATM 515 O  O     . HOH I 3 .  ? -4.583  2.845   -5.396  0.50 25.07 ? 184 HOH A O     1 
HETATM 516 O  O     . HOH I 3 .  ? 4.716   13.023  -1.391  0.50 39.01 ? 185 HOH A O     1 
HETATM 517 O  O     . HOH J 3 .  ? -8.443  -13.238 13.434  1.00 15.95 ? 102 HOH B O     1 
HETATM 518 O  O     . HOH J 3 .  ? -10.531 -13.344 11.189  1.00 15.33 ? 103 HOH B O     1 
HETATM 519 O  O     . HOH J 3 .  ? -11.850 -7.949  13.718  1.00 22.27 ? 105 HOH B O     1 
HETATM 520 O  O     . HOH J 3 .  ? -10.991 -5.357  13.576  1.00 27.54 ? 106 HOH B O     1 
HETATM 521 O  O     . HOH J 3 .  ? -10.099 -4.748  16.248  1.00 23.46 ? 107 HOH B O     1 
HETATM 522 O  O     . HOH J 3 .  ? -11.001 -6.647  17.908  1.00 25.49 ? 108 HOH B O     1 
HETATM 523 O  O     . HOH J 3 .  ? -10.603 -8.369  17.491  1.00 25.73 ? 109 HOH B O     1 
HETATM 524 O  O     . HOH J 3 .  ? -13.266 -5.654  16.002  1.00 24.18 ? 110 HOH B O     1 
HETATM 525 O  O     . HOH J 3 .  ? -12.654 -8.417  16.210  1.00 25.15 ? 111 HOH B O     1 
HETATM 526 O  O     . HOH J 3 .  ? -4.042  -1.827  8.656   1.00 16.09 ? 113 HOH B O     1 
HETATM 527 O  O     . HOH J 3 .  ? -6.523  -3.585  9.310   1.00 19.50 ? 116 HOH B O     1 
HETATM 528 O  O     . HOH J 3 .  ? -7.252  -0.720  9.419   1.00 20.89 ? 119 HOH B O     1 
HETATM 529 O  O     . HOH J 3 .  ? -4.550  -4.872  10.551  1.00 13.24 ? 123 HOH B O     1 
HETATM 530 O  O     . HOH J 3 .  ? -0.172  6.873   13.179  0.33 14.31 ? 125 HOH B O     1 
HETATM 531 O  O     . HOH J 3 .  ? -1.982  2.321   4.604   1.00 21.48 ? 126 HOH B O     1 
HETATM 532 O  O     . HOH J 3 .  ? -7.607  -15.734 12.130  1.00 17.80 ? 129 HOH B O     1 
HETATM 533 O  O     . HOH J 3 .  ? 0.511   -2.406  15.589  1.00 19.49 ? 130 HOH B O     1 
HETATM 534 O  O     . HOH J 3 .  ? -0.779  4.833   4.025   1.00 24.59 ? 132 HOH B O     1 
HETATM 535 O  O     . HOH J 3 .  ? 1.256   4.525   2.043   1.00 25.15 ? 134 HOH B O     1 
HETATM 536 O  O     . HOH J 3 .  ? -0.199  8.024   11.450  0.33 19.82 ? 136 HOH B O     1 
HETATM 537 O  O     . HOH J 3 .  ? -2.667  9.428   -10.615 1.00 33.18 ? 138 HOH B O     1 
HETATM 538 O  O     . HOH J 3 .  ? -4.034  -1.282  17.642  1.00 22.98 ? 139 HOH B O     1 
HETATM 539 O  O     . HOH J 3 .  ? 4.259   4.527   -1.810  1.00 26.89 ? 142 HOH B O     1 
HETATM 540 O  O     . HOH J 3 .  ? 5.763   -2.090  8.048   1.00 27.53 ? 153 HOH B O     1 
HETATM 541 O  O     A HOH J 3 .  ? -7.672  1.413   14.993  0.50 29.83 ? 155 HOH B O     1 
HETATM 542 O  O     B HOH J 3 .  ? -6.109  2.185   15.375  0.50 35.23 ? 155 HOH B O     1 
HETATM 543 O  O     . HOH J 3 .  ? -0.921  -2.877  -6.291  1.00 42.13 ? 156 HOH B O     1 
HETATM 544 O  O     . HOH J 3 .  ? -7.630  -14.083 15.954  1.00 23.57 ? 157 HOH B O     1 
HETATM 545 O  O     . HOH J 3 .  ? -5.123  -0.862  -21.979 1.00 39.67 ? 158 HOH B O     1 
HETATM 546 O  O     . HOH J 3 .  ? -4.831  -0.412  -19.694 1.00 26.82 ? 160 HOH B O     1 
HETATM 547 O  O     . HOH J 3 .  ? -8.590  -1.522  11.586  1.00 25.31 ? 162 HOH B O     1 
HETATM 548 O  O     . HOH J 3 .  ? 2.891   -0.289  12.006  1.00 30.27 ? 163 HOH B O     1 
HETATM 549 O  O     . HOH J 3 .  ? -10.212 -2.134  15.037  1.00 26.92 ? 164 HOH B O     1 
HETATM 550 O  O     . HOH J 3 .  ? -10.542 -10.437 17.547  1.00 29.35 ? 169 HOH B O     1 
HETATM 551 O  O     . HOH J 3 .  ? 3.497   5.821   0.697   1.00 29.00 ? 170 HOH B O     1 
HETATM 552 O  O     . HOH J 3 .  ? -7.999  -1.738  20.881  1.00 40.83 ? 171 HOH B O     1 
HETATM 553 O  O     . HOH J 3 .  ? -2.537  0.622   16.548  1.00 48.90 ? 175 HOH B O     1 
HETATM 554 O  O     . HOH J 3 .  ? -1.121  6.942   5.118   1.00 36.80 ? 176 HOH B O     1 
HETATM 555 O  O     . HOH J 3 .  ? -4.838  8.472   -11.166 1.00 40.26 ? 177 HOH B O     1 
HETATM 556 O  O     . HOH J 3 .  ? -15.065 -5.574  18.075  1.00 33.25 ? 179 HOH B O     1 
HETATM 557 O  O     . HOH J 3 .  ? -0.240  9.740   8.869   0.33 35.78 ? 181 HOH B O     1 
HETATM 558 O  O     . HOH J 3 .  ? -4.212  2.901   -7.805  1.00 31.16 ? 182 HOH B O     1 
HETATM 559 O  O     . HOH J 3 .  ? -6.126  -3.481  -16.149 1.00 43.58 ? 184 HOH B O     1 
HETATM 560 O  O     . HOH J 3 .  ? -7.580  1.931   9.374   1.00 40.05 ? 188 HOH B O     1 
HETATM 561 O  O     . HOH J 3 .  ? -9.764  -6.001  21.326  1.00 34.49 ? 189 HOH B O     1 
HETATM 562 O  O     . HOH J 3 .  ? -4.011  0.372   -8.306  1.00 40.48 ? 191 HOH B O     1 
HETATM 563 O  O     . HOH J 3 .  ? -11.935 -2.654  13.081  1.00 33.24 ? 193 HOH B O     1 
HETATM 564 O  O     . HOH J 3 .  ? 4.380   1.494   10.182  1.00 50.22 ? 194 HOH B O     1 
HETATM 565 O  O     . HOH J 3 .  ? -1.090  -5.905  -10.184 1.00 39.18 ? 195 HOH B O     1 
HETATM 566 O  O     . HOH J 3 .  ? 6.508   4.682   -3.247  1.00 48.15 ? 199 HOH B O     1 
HETATM 567 O  O     . HOH J 3 .  ? -9.695  -2.135  19.142  1.00 33.27 ? 201 HOH B O     1 
HETATM 568 O  O     . HOH J 3 .  ? -2.042  8.348   7.845   0.50 27.93 ? 204 HOH B O     1 
HETATM 569 O  O     . HOH J 3 .  ? -16.737 -3.573  18.644  0.50 55.32 ? 206 HOH B O     1 
HETATM 570 O  O     A HOH J 3 .  ? 5.211   -4.378  3.350   0.50 28.07 ? 207 HOH B O     1 
HETATM 571 O  O     B HOH J 3 .  ? 4.421   -5.452  4.800   0.50 23.84 ? 207 HOH B O     1 
HETATM 572 O  O     . HOH J 3 .  ? -5.137  5.848   -7.857  0.50 34.42 ? 208 HOH B O     1 
HETATM 573 O  O     A HOH J 3 .  ? 13.435  5.145   0.572   0.50 38.53 ? 209 HOH B O     1 
HETATM 574 O  O     B HOH J 3 .  ? 4.296   -5.427  -6.780  0.50 37.77 ? 209 HOH B O     1 
HETATM 575 O  O     . HOH J 3 .  ? 4.865   7.685   2.050   0.50 26.13 ? 214 HOH B O     1 
HETATM 576 O  O     . HOH J 3 .  ? -8.226  -1.972  -14.243 0.50 36.08 ? 216 HOH B O     1 
HETATM 577 O  O     . HOH J 3 .  ? 1.056   -4.278  -3.626  0.50 41.87 ? 222 HOH B O     1 
HETATM 578 O  O     . HOH J 3 .  ? 14.179  3.034   3.200   0.50 41.32 ? 224 HOH B O     1 
HETATM 579 O  O     . HOH J 3 .  ? 8.676   -4.224  -9.726  0.50 45.25 ? 230 HOH B O     1 
# 
loop_
_atom_site_anisotrop.id 
_atom_site_anisotrop.type_symbol 
_atom_site_anisotrop.pdbx_label_atom_id 
_atom_site_anisotrop.pdbx_label_alt_id 
_atom_site_anisotrop.pdbx_label_comp_id 
_atom_site_anisotrop.pdbx_label_asym_id 
_atom_site_anisotrop.pdbx_label_seq_id 
_atom_site_anisotrop.pdbx_PDB_ins_code 
_atom_site_anisotrop.U[1][1] 
_atom_site_anisotrop.U[2][2] 
_atom_site_anisotrop.U[3][3] 
_atom_site_anisotrop.U[1][2] 
_atom_site_anisotrop.U[1][3] 
_atom_site_anisotrop.U[2][3] 
_atom_site_anisotrop.pdbx_auth_seq_id 
_atom_site_anisotrop.pdbx_auth_comp_id 
_atom_site_anisotrop.pdbx_auth_asym_id 
_atom_site_anisotrop.pdbx_auth_atom_id 
1   O  "O5'" . DG  A 1  ? 0.3022 0.4199 0.3774 0.0170  -0.0516 0.0277  2   DG  A "O5'" 
2   C  "C5'" . DG  A 1  ? 0.2748 0.3440 0.3103 0.1050  -0.0602 0.0078  2   DG  A "C5'" 
3   C  "C4'" . DG  A 1  ? 0.2714 0.2777 0.2377 0.1037  -0.0252 0.0047  2   DG  A "C4'" 
4   O  "O4'" . DG  A 1  ? 0.2391 0.2247 0.2008 0.0545  0.0020  0.0240  2   DG  A "O4'" 
5   C  "C3'" . DG  A 1  ? 0.2071 0.2310 0.2554 0.0268  0.0251  -0.0126 2   DG  A "C3'" 
6   O  "O3'" . DG  A 1  ? 0.2580 0.2429 0.2554 0.0187  -0.0324 0.0056  2   DG  A "O3'" 
7   C  "C2'" . DG  A 1  ? 0.1856 0.2484 0.1833 0.0303  -0.0002 -0.0172 2   DG  A "C2'" 
8   C  "C1'" . DG  A 1  ? 0.2057 0.1794 0.1945 0.0249  0.0132  0.0160  2   DG  A "C1'" 
9   N  N9    . DG  A 1  ? 0.1595 0.1956 0.1876 0.0097  0.0061  0.0056  2   DG  A N9    
10  C  C8    . DG  A 1  ? 0.1646 0.2188 0.2439 0.0111  -0.0045 -0.0130 2   DG  A C8    
11  N  N7    . DG  A 1  ? 0.1644 0.2045 0.1921 -0.0004 -0.0018 0.0050  2   DG  A N7    
12  C  C5    . DG  A 1  ? 0.1626 0.1764 0.1299 -0.0128 0.0078  0.0199  2   DG  A C5    
13  C  C6    . DG  A 1  ? 0.1630 0.1493 0.1235 -0.0223 0.0209  0.0303  2   DG  A C6    
14  O  O6    . DG  A 1  ? 0.1739 0.1523 0.1632 -0.0250 0.0049  0.0162  2   DG  A O6    
15  N  N1    . DG  A 1  ? 0.1678 0.1427 0.1201 -0.0098 -0.0123 0.0269  2   DG  A N1    
16  C  C2    . DG  A 1  ? 0.1597 0.1530 0.1666 0.0146  -0.0255 -0.0031 2   DG  A C2    
17  N  N2    . DG  A 1  ? 0.1548 0.1230 0.1455 -0.0042 0.0085  0.0224  2   DG  A N2    
18  N  N3    . DG  A 1  ? 0.1566 0.1458 0.1702 0.0040  0.0032  0.0171  2   DG  A N3    
19  C  C4    . DG  A 1  ? 0.1641 0.1566 0.1432 -0.0063 0.0285  0.0283  2   DG  A C4    
20  P  P     . DC  A 2  ? 0.2264 0.2709 0.2577 0.0342  -0.0081 -0.0147 3   DC  A P     
21  O  OP1   . DC  A 2  ? 0.3038 0.2641 0.2914 0.0782  -0.0288 -0.0286 3   DC  A OP1   
22  O  OP2   . DC  A 2  ? 0.2175 0.3998 0.2985 0.0094  0.0176  -0.0168 3   DC  A OP2   
23  O  "O5'" . DC  A 2  ? 0.2169 0.2329 0.2014 0.0227  0.0101  -0.0160 3   DC  A "O5'" 
24  C  "C5'" . DC  A 2  ? 0.2215 0.1714 0.2006 0.0083  -0.0090 0.0161  3   DC  A "C5'" 
25  C  "C4'" . DC  A 2  ? 0.2105 0.1579 0.1560 0.0004  0.0126  0.0026  3   DC  A "C4'" 
26  O  "O4'" . DC  A 2  ? 0.1830 0.1600 0.1579 -0.0177 -0.0035 0.0173  3   DC  A "O4'" 
27  C  "C3'" . DC  A 2  ? 0.2308 0.1988 0.1564 0.0122  0.0080  0.0158  3   DC  A "C3'" 
28  O  "O3'" . DC  A 2  ? 0.2818 0.2068 0.1937 0.0115  -0.0481 0.0271  3   DC  A "O3'" 
29  C  "C2'" . DC  A 2  ? 0.2077 0.1991 0.1582 -0.0022 0.0119  0.0321  3   DC  A "C2'" 
30  C  "C1'" . DC  A 2  ? 0.1866 0.1603 0.1656 -0.0070 0.0125  0.0280  3   DC  A "C1'" 
31  N  N1    . DC  A 2  ? 0.1657 0.1545 0.1631 -0.0008 0.0092  0.0486  3   DC  A N1    
32  C  C2    . DC  A 2  ? 0.1772 0.1652 0.0984 0.0055  0.0045  0.0495  3   DC  A C2    
33  O  O2    . DC  A 2  ? 0.1793 0.1664 0.1203 0.0058  0.0041  0.0230  3   DC  A O2    
34  N  N3    . DC  A 2  ? 0.1801 0.1689 0.1713 0.0000  0.0150  0.0335  3   DC  A N3    
35  C  C4    . DC  A 2  ? 0.1726 0.1902 0.1455 0.0079  -0.0166 0.0117  3   DC  A C4    
36  N  N4    . DC  A 2  ? 0.2045 0.1810 0.2011 -0.0100 -0.0126 0.0171  3   DC  A N4    
37  C  C5    . DC  A 2  ? 0.1805 0.2056 0.1857 -0.0177 0.0261  -0.0080 3   DC  A C5    
38  C  C6    . DC  A 2  ? 0.1737 0.1677 0.1875 -0.0069 0.0304  0.0242  3   DC  A C6    
39  P  P     . DG  A 3  ? 0.2724 0.2692 0.1785 0.0668  -0.0205 -0.0112 4   DG  A P     
40  O  OP1   . DG  A 3  ? 0.4490 0.3136 0.2232 0.0652  -0.0419 -0.0908 4   DG  A OP1   
41  O  OP2   . DG  A 3  ? 0.2685 0.4493 0.1725 0.0754  0.0401  0.0084  4   DG  A OP2   
42  O  "O5'" . DG  A 3  ? 0.2180 0.2427 0.1415 0.0206  0.0007  0.0251  4   DG  A "O5'" 
43  C  "C5'" . DG  A 3  ? 0.2410 0.2054 0.1654 -0.0063 0.0027  0.0501  4   DG  A "C5'" 
44  C  "C4'" . DG  A 3  ? 0.1867 0.2141 0.1515 -0.0179 0.0079  0.0566  4   DG  A "C4'" 
45  O  "O4'" . DG  A 3  ? 0.1749 0.2017 0.1414 -0.0022 0.0177  0.0571  4   DG  A "O4'" 
46  C  "C3'" . DG  A 3  ? 0.1981 0.2279 0.1408 0.0031  0.0167  0.0426  4   DG  A "C3'" 
47  O  "O3'" . DG  A 3  ? 0.2044 0.2739 0.1936 0.0351  -0.0136 0.0116  4   DG  A "O3'" 
48  C  "C2'" . DG  A 3  ? 0.2458 0.1958 0.1434 0.0012  0.0138  0.0487  4   DG  A "C2'" 
49  C  "C1'" . DG  A 3  ? 0.1820 0.2006 0.1393 0.0025  0.0327  0.0537  4   DG  A "C1'" 
50  N  N9    . DG  A 3  ? 0.1792 0.1971 0.1405 0.0005  0.0395  0.0562  4   DG  A N9    
51  C  C8    . DG  A 3  ? 0.1697 0.2206 0.2172 0.0138  0.0240  0.0318  4   DG  A C8    
52  N  N7    . DG  A 3  ? 0.1715 0.2286 0.1699 0.0118  -0.0045 0.0683  4   DG  A N7    
53  C  C5    . DG  A 3  ? 0.1893 0.2039 0.1461 -0.0047 0.0023  0.0785  4   DG  A C5    
54  C  C6    . DG  A 3  ? 0.1862 0.2032 0.1704 0.0046  -0.0166 0.0788  4   DG  A C6    
55  O  O6    . DG  A 3  ? 0.1914 0.2243 0.1800 -0.0181 -0.0131 0.0984  4   DG  A O6    
56  N  N1    . DG  A 3  ? 0.1965 0.1892 0.1596 -0.0146 -0.0023 0.0759  4   DG  A N1    
57  C  C2    . DG  A 3  ? 0.1973 0.1645 0.1420 -0.0179 0.0079  0.0684  4   DG  A C2    
58  N  N2    . DG  A 3  ? 0.2081 0.1729 0.1257 -0.0075 -0.0050 0.0577  4   DG  A N2    
59  N  N3    . DG  A 3  ? 0.1943 0.1707 0.1341 0.0015  0.0066  0.0570  4   DG  A N3    
60  C  C4    . DG  A 3  ? 0.1822 0.1825 0.1565 0.0183  0.0003  0.0650  4   DG  A C4    
61  P  P     . DA  A 4  ? 0.2030 0.2338 0.1675 0.0099  -0.0016 0.0084  5   DA  A P     
62  O  OP1   . DA  A 4  ? 0.2037 0.2187 0.2068 0.0029  -0.0214 0.0015  5   DA  A OP1   
63  O  OP2   . DA  A 4  ? 0.2330 0.3400 0.1657 0.0568  0.0165  -0.0074 5   DA  A OP2   
64  O  "O5'" . DA  A 4  ? 0.2729 0.2098 0.1526 -0.0237 0.0263  0.0233  5   DA  A "O5'" 
65  C  "C5'" . DA  A 4  ? 0.2552 0.1854 0.1280 -0.0293 -0.0049 0.0215  5   DA  A "C5'" 
66  C  "C4'" . DA  A 4  ? 0.2540 0.1824 0.1521 -0.0239 -0.0097 0.0265  5   DA  A "C4'" 
67  O  "O4'" . DA  A 4  ? 0.2387 0.1494 0.1751 -0.0102 0.0038  0.0514  5   DA  A "O4'" 
68  C  "C3'" . DA  A 4  ? 0.2441 0.2041 0.1560 -0.0251 -0.0027 0.0409  5   DA  A "C3'" 
69  O  "O3'" . DA  A 4  ? 0.3154 0.2262 0.2244 0.0210  -0.0084 0.0404  5   DA  A "O3'" 
70  C  "C2'" . DA  A 4  ? 0.2345 0.2426 0.1968 -0.0612 -0.0394 0.0839  5   DA  A "C2'" 
71  C  "C1'" . DA  A 4  ? 0.2306 0.1730 0.1555 0.0005  -0.0167 0.0615  5   DA  A "C1'" 
72  N  N9    . DA  A 4  ? 0.2284 0.2005 0.1270 -0.0095 -0.0162 0.0444  5   DA  A N9    
73  C  C8    . DA  A 4  ? 0.2276 0.1782 0.1906 -0.0143 0.0099  0.0522  5   DA  A C8    
74  N  N7    . DA  A 4  ? 0.2303 0.2195 0.1593 -0.0090 0.0053  0.0566  5   DA  A N7    
75  C  C5    . DA  A 4  ? 0.2270 0.2239 0.1834 -0.0051 -0.0275 0.0515  5   DA  A C5    
76  C  C6    . DA  A 4  ? 0.2325 0.1678 0.1930 -0.0204 -0.0081 0.1087  5   DA  A C6    
77  N  N6    . DA  A 4  ? 0.2321 0.2879 0.1749 -0.0075 0.0051  0.0965  5   DA  A N6    
78  N  N1    . DA  A 4  ? 0.2080 0.1883 0.1716 -0.0267 -0.0296 0.1053  5   DA  A N1    
79  C  C2    . DA  A 4  ? 0.2041 0.2089 0.1611 -0.0311 -0.0308 0.0806  5   DA  A C2    
80  N  N3    . DA  A 4  ? 0.2123 0.2355 0.1553 -0.0374 -0.0197 0.0346  5   DA  A N3    
81  C  C4    . DA  A 4  ? 0.2288 0.1682 0.1616 0.0017  -0.0376 0.0735  5   DA  A C4    
82  P  P     . DA  A 5  ? 0.2784 0.2212 0.2506 -0.0012 -0.0307 0.0414  6   DA  A P     
83  O  OP1   . DA  A 5  ? 0.2567 0.3174 0.3298 -0.0139 -0.0300 0.0725  6   DA  A OP1   
84  O  OP2   . DA  A 5  ? 0.3336 0.2341 0.2306 0.0303  -0.0748 0.0324  6   DA  A OP2   
85  O  "O5'" . DA  A 5  ? 0.2538 0.2306 0.2006 0.0097  -0.0321 0.0438  6   DA  A "O5'" 
86  C  "C5'" . DA  A 5  ? 0.3018 0.2612 0.1950 -0.0273 -0.0165 0.0505  6   DA  A "C5'" 
87  C  "C4'" . DA  A 5  ? 0.2167 0.2555 0.1494 -0.0026 -0.0230 0.0647  6   DA  A "C4'" 
88  O  "O4'" . DA  A 5  ? 0.2427 0.2448 0.1819 0.0452  0.0113  0.0908  6   DA  A "O4'" 
89  C  "C3'" . DA  A 5  ? 0.2467 0.2421 0.1522 0.0494  -0.0045 0.0491  6   DA  A "C3'" 
90  O  "O3'" . DA  A 5  ? 0.3036 0.2409 0.1929 0.0191  0.0232  0.0313  6   DA  A "O3'" 
91  C  "C2'" . DA  A 5  ? 0.2338 0.2090 0.1639 0.0220  -0.0039 0.0658  6   DA  A "C2'" 
92  C  "C1'" . DA  A 5  ? 0.2234 0.1772 0.1343 -0.0116 -0.0190 0.0224  6   DA  A "C1'" 
93  N  N9    . DA  A 5  ? 0.2335 0.2020 0.1530 0.0154  -0.0174 0.0348  6   DA  A N9    
94  C  C8    . DA  A 5  ? 0.2394 0.2056 0.1224 0.0244  -0.0075 0.0291  6   DA  A C8    
95  N  N7    . DA  A 5  ? 0.2409 0.1681 0.1734 -0.0156 0.0596  0.0688  6   DA  A N7    
96  C  C5    . DA  A 5  ? 0.2424 0.1950 0.1574 0.0037  0.0147  0.0747  6   DA  A C5    
97  C  C6    . DA  A 5  ? 0.2406 0.1865 0.1556 0.0002  0.0137  0.0793  6   DA  A C6    
98  N  N6    . DA  A 5  ? 0.2374 0.2180 0.1366 -0.0125 0.0175  0.0597  6   DA  A N6    
99  N  N1    . DA  A 5  ? 0.2422 0.1493 0.1764 0.0106  0.0021  0.0935  6   DA  A N1    
100 C  C2    . DA  A 5  ? 0.2346 0.1954 0.1441 0.0111  0.0043  0.0796  6   DA  A C2    
101 N  N3    . DA  A 5  ? 0.2328 0.1869 0.1994 -0.0025 0.0115  0.0668  6   DA  A N3    
102 C  C4    . DA  A 5  ? 0.2397 0.2132 0.1377 -0.0096 0.0193  0.0632  6   DA  A C4    
103 P  P     . DT  A 6  ? 0.2972 0.2474 0.2384 0.0435  -0.0106 0.0440  7   DT  A P     
104 O  OP1   . DT  A 6  ? 0.3913 0.2792 0.3204 0.0840  0.0957  0.0684  7   DT  A OP1   
105 O  OP2   . DT  A 6  ? 0.3308 0.3765 0.2820 0.0661  -0.0956 0.0530  7   DT  A OP2   
106 O  "O5'" . DT  A 6  ? 0.3195 0.2172 0.2082 0.0118  0.0065  0.0212  7   DT  A "O5'" 
107 C  "C5'" . DT  A 6  ? 0.3145 0.2907 0.1865 -0.0261 0.0260  0.0138  7   DT  A "C5'" 
108 C  "C4'" . DT  A 6  ? 0.3057 0.2470 0.2157 -0.0010 0.0335  0.0317  7   DT  A "C4'" 
109 O  "O4'" . DT  A 6  ? 0.3273 0.2167 0.1886 -0.0158 0.0377  0.0504  7   DT  A "O4'" 
110 C  "C3'" . DT  A 6  ? 0.3432 0.2354 0.2905 0.0234  0.0703  0.0530  7   DT  A "C3'" 
111 O  "O3'" . DT  A 6  ? 0.4729 0.2107 0.3605 0.0078  0.0644  0.0044  7   DT  A "O3'" 
112 C  "C2'" . DT  A 6  ? 0.3402 0.2061 0.2550 0.0115  0.0415  0.0791  7   DT  A "C2'" 
113 C  "C1'" . DT  A 6  ? 0.3201 0.2079 0.1888 0.0052  0.0311  0.0638  7   DT  A "C1'" 
114 N  N1    . DT  A 6  ? 0.2600 0.2481 0.1601 0.0312  -0.0127 0.0543  7   DT  A N1    
115 C  C2    . DT  A 6  ? 0.2642 0.2623 0.1597 0.0334  -0.0049 0.0717  7   DT  A C2    
116 O  O2    . DT  A 6  ? 0.2545 0.2614 0.2170 0.0346  0.0151  0.0300  7   DT  A O2    
117 N  N3    . DT  A 6  ? 0.2529 0.2511 0.1470 0.0303  -0.0003 0.0812  7   DT  A N3    
118 C  C4    . DT  A 6  ? 0.2535 0.2831 0.0831 -0.0042 0.0328  0.0991  7   DT  A C4    
119 O  O4    . DT  A 6  ? 0.2283 0.2228 0.2018 0.0050  0.0180  0.0882  7   DT  A O4    
120 C  C5    . DT  A 6  ? 0.2558 0.2202 0.1513 -0.0013 0.0182  0.0859  7   DT  A C5    
121 C  C7    . DT  A 6  ? 0.2599 0.2033 0.2823 0.0112  -0.0101 0.0542  7   DT  A C7    
122 C  C6    . DT  A 6  ? 0.2685 0.2251 0.1477 0.0251  -0.0142 0.0851  7   DT  A C6    
123 P  P     . DT  A 7  ? 0.4579 0.2343 0.4419 0.0014  0.1067  0.0415  8   DT  A P     
124 O  OP1   . DT  A 7  ? 0.5509 0.2422 0.4920 -0.0930 0.2318  -0.0133 8   DT  A OP1   
125 O  OP2   . DT  A 7  ? 0.4698 0.3663 0.5200 0.0583  0.1195  0.1649  8   DT  A OP2   
126 O  "O5'" . DT  A 7  ? 0.4593 0.2599 0.3755 0.0283  0.0797  0.0293  8   DT  A "O5'" 
127 C  "C5'" . DT  A 7  ? 0.4473 0.3207 0.1918 -0.0055 0.1032  0.0320  8   DT  A "C5'" 
128 C  "C4'" . DT  A 7  ? 0.4248 0.3535 0.1868 -0.0240 0.0924  0.0255  8   DT  A "C4'" 
129 O  "O4'" . DT  A 7  ? 0.5072 0.2992 0.1867 0.0208  0.1043  0.0504  8   DT  A "O4'" 
130 C  "C3'" . DT  A 7  ? 0.4106 0.3151 0.2065 -0.0173 0.1180  0.0060  8   DT  A "C3'" 
131 O  "O3'" . DT  A 7  ? 0.4486 0.3682 0.2655 -0.0740 0.1052  -0.0244 8   DT  A "O3'" 
132 C  "C2'" . DT  A 7  ? 0.4324 0.2665 0.1988 -0.0454 0.1064  0.0351  8   DT  A "C2'" 
133 C  "C1'" . DT  A 7  ? 0.3939 0.2792 0.1756 -0.0218 0.0652  0.0492  8   DT  A "C1'" 
134 N  N1    . DT  A 7  ? 0.3571 0.2229 0.1957 0.0069  0.0271  0.0970  8   DT  A N1    
135 C  C2    . DT  A 7  ? 0.3171 0.2402 0.1585 0.0206  -0.0347 0.0831  8   DT  A C2    
136 O  O2    . DT  A 7  ? 0.3018 0.2429 0.1793 -0.0330 0.0025  0.0651  8   DT  A O2    
137 N  N3    . DT  A 7  ? 0.2786 0.3216 0.1266 -0.0204 0.0234  0.0516  8   DT  A N3    
138 C  C4    . DT  A 7  ? 0.2888 0.3534 0.1159 0.0156  0.0073  0.0508  8   DT  A C4    
139 O  O4    . DT  A 7  ? 0.2353 0.3180 0.2254 -0.0060 0.0383  0.0469  8   DT  A O4    
140 C  C5    . DT  A 7  ? 0.3241 0.2549 0.1554 -0.0023 0.0760  0.1194  8   DT  A C5    
141 C  C7    . DT  A 7  ? 0.3432 0.2720 0.1775 0.0545  0.0176  0.1183  8   DT  A C7    
142 C  C6    . DT  A 7  ? 0.3528 0.2195 0.2299 0.0207  0.0444  0.1017  8   DT  A C6    
143 P  P     . DC  A 8  ? 0.4641 0.3598 0.4178 -0.0697 0.1426  0.0096  9   DC  A P     
144 O  OP1   . DC  A 8  ? 0.5482 0.4275 0.5307 -0.1444 0.1733  -0.1109 9   DC  A OP1   
145 O  OP2   . DC  A 8  ? 0.4724 0.3566 0.7179 -0.0343 0.1802  0.1363  9   DC  A OP2   
146 O  "O5'" . DC  A 8  ? 0.4406 0.3698 0.3140 -0.0676 0.1131  0.0611  9   DC  A "O5'" 
147 C  "C5'" . DC  A 8  ? 0.4502 0.4376 0.1917 -0.0226 0.0659  0.0215  9   DC  A "C5'" 
148 C  "C4'" . DC  A 8  ? 0.4026 0.3804 0.1629 -0.0823 0.0140  0.0047  9   DC  A "C4'" 
149 O  "O4'" . DC  A 8  ? 0.3626 0.4236 0.1779 -0.1059 -0.0084 0.0795  9   DC  A "O4'" 
150 C  "C3'" . DC  A 8  ? 0.4203 0.3616 0.1746 -0.1044 0.0409  -0.0159 9   DC  A "C3'" 
151 O  "O3'" . DC  A 8  ? 0.4236 0.6011 0.2695 -0.1067 0.0752  0.0188  9   DC  A "O3'" 
152 C  "C2'" . DC  A 8  ? 0.4702 0.3613 0.1453 -0.1276 0.0452  0.0100  9   DC  A "C2'" 
153 C  "C1'" . DC  A 8  ? 0.3652 0.3327 0.1682 -0.0704 0.0190  0.0082  9   DC  A "C1'" 
154 N  N1    . DC  A 8  ? 0.3585 0.3501 0.1498 -0.0665 0.0135  0.0522  9   DC  A N1    
155 C  C2    . DC  A 8  ? 0.2930 0.2787 0.1684 -0.0615 0.0103  0.0902  9   DC  A C2    
156 O  O2    . DC  A 8  ? 0.2880 0.3213 0.2010 -0.0445 -0.0192 0.0737  9   DC  A O2    
157 N  N3    . DC  A 8  ? 0.2836 0.2687 0.1986 -0.0577 0.0157  0.1160  9   DC  A N3    
158 C  C4    . DC  A 8  ? 0.3030 0.3280 0.1053 -0.0353 -0.0125 0.0561  9   DC  A C4    
159 N  N4    . DC  A 8  ? 0.2945 0.2200 0.2113 -0.0429 0.0019  0.0815  9   DC  A N4    
160 C  C5    . DC  A 8  ? 0.3688 0.3730 0.0947 -0.0419 -0.0415 0.0328  9   DC  A C5    
161 C  C6    . DC  A 8  ? 0.3727 0.3487 0.1094 -0.0395 -0.0407 0.0305  9   DC  A C6    
162 P  P     . DG  A 9  ? 0.4352 0.4878 0.2508 -0.0907 0.1098  -0.0522 10  DG  A P     
163 O  OP1   . DG  A 9  ? 0.5000 0.6537 0.3214 -0.2276 -0.0014 0.0740  10  DG  A OP1   
164 O  OP2   . DG  A 9  ? 0.5128 0.4200 0.4988 -0.0758 0.3071  -0.0997 10  DG  A OP2   
165 O  "O5'" . DG  A 9  ? 0.4208 0.3063 0.2774 -0.1111 0.0984  -0.0193 10  DG  A "O5'" 
166 C  "C5'" . DG  A 9  ? 0.2645 0.3970 0.1620 -0.0218 -0.0219 0.0392  10  DG  A "C5'" 
167 C  "C4'" . DG  A 9  ? 0.1934 0.2994 0.1605 -0.0470 0.0253  0.0403  10  DG  A "C4'" 
168 O  "O4'" . DG  A 9  ? 0.1836 0.2870 0.2052 -0.0318 0.0140  0.0542  10  DG  A "O4'" 
169 C  "C3'" . DG  A 9  ? 0.1918 0.2448 0.1612 -0.0324 0.0118  0.0224  10  DG  A "C3'" 
170 O  "O3'" . DG  A 9  ? 0.2044 0.2202 0.1415 -0.0407 0.0115  0.0420  10  DG  A "O3'" 
171 C  "C2'" . DG  A 9  ? 0.1827 0.2648 0.1318 -0.0589 0.0069  0.0022  10  DG  A "C2'" 
172 C  "C1'" . DG  A 9  ? 0.1914 0.2427 0.1442 -0.0389 0.0294  -0.0026 10  DG  A "C1'" 
173 N  N9    . DG  A 9  ? 0.1837 0.1975 0.1773 -0.0340 0.0211  0.0171  10  DG  A N9    
174 C  C8    . DG  A 9  ? 0.1846 0.1942 0.1780 -0.0021 -0.0241 0.0167  10  DG  A C8    
175 N  N7    . DG  A 9  ? 0.1915 0.1847 0.1859 -0.0063 0.0056  0.0287  10  DG  A N7    
176 C  C5    . DG  A 9  ? 0.1817 0.1477 0.1654 -0.0185 0.0180  0.0639  10  DG  A C5    
177 C  C6    . DG  A 9  ? 0.1807 0.1830 0.1240 -0.0011 -0.0034 0.0499  10  DG  A C6    
178 O  O6    . DG  A 9  ? 0.1778 0.1984 0.1254 -0.0134 -0.0073 0.0348  10  DG  A O6    
179 N  N1    . DG  A 9  ? 0.1687 0.1872 0.1740 -0.0135 0.0038  0.0304  10  DG  A N1    
180 C  C2    . DG  A 9  ? 0.1645 0.1701 0.1160 -0.0123 -0.0029 0.0576  10  DG  A C2    
181 N  N2    . DG  A 9  ? 0.2005 0.1927 0.2285 -0.0495 0.0596  -0.0010 10  DG  A N2    
182 N  N3    . DG  A 9  ? 0.1722 0.1868 0.1463 -0.0314 0.0234  0.0334  10  DG  A N3    
183 C  C4    . DG  A 9  ? 0.1860 0.1896 0.1255 -0.0294 0.0225  0.0353  10  DG  A C4    
184 P  P     . DC  A 10 ? 0.1700 0.2065 0.1472 -0.0320 -0.0019 0.0436  11  DC  A P     
185 O  OP1   . DC  A 10 ? 0.1689 0.2460 0.1598 -0.0246 0.0020  0.0531  11  DC  A OP1   
186 O  OP2   . DC  A 10 ? 0.1948 0.1999 0.1509 -0.0395 0.0169  0.0304  11  DC  A OP2   
187 O  "O5'" . DC  A 10 ? 0.1842 0.1750 0.1519 -0.0045 -0.0293 0.0606  11  DC  A "O5'" 
188 C  "C5'" . DC  A 10 ? 0.1692 0.1902 0.1912 0.0071  -0.0439 0.0300  11  DC  A "C5'" 
189 C  "C4'" . DC  A 10 ? 0.1499 0.1880 0.1390 -0.0081 -0.0117 0.0570  11  DC  A "C4'" 
190 O  "O4'" . DC  A 10 ? 0.1492 0.1899 0.1441 0.0031  -0.0119 0.0775  11  DC  A "O4'" 
191 C  "C3'" . DC  A 10 ? 0.1624 0.1375 0.1519 -0.0064 0.0071  0.0413  11  DC  A "C3'" 
192 O  "O3'" . DC  A 10 ? 0.1889 0.1306 0.1480 -0.0200 0.0093  0.0365  11  DC  A "O3'" 
193 C  "C2'" . DC  A 10 ? 0.1591 0.1554 0.1229 -0.0036 0.0018  0.0456  11  DC  A "C2'" 
194 C  "C1'" . DC  A 10 ? 0.1481 0.1528 0.1136 -0.0060 -0.0032 0.0407  11  DC  A "C1'" 
195 N  N1    . DC  A 10 ? 0.1507 0.1409 0.1274 -0.0053 -0.0096 0.0383  11  DC  A N1    
196 C  C2    . DC  A 10 ? 0.1500 0.1593 0.1107 -0.0113 0.0105  0.0233  11  DC  A C2    
197 O  O2    . DC  A 10 ? 0.1443 0.1446 0.1637 -0.0083 0.0172  0.0178  11  DC  A O2    
198 N  N3    . DC  A 10 ? 0.1647 0.1891 0.1098 -0.0159 0.0191  -0.0105 11  DC  A N3    
199 C  C4    . DC  A 10 ? 0.1840 0.1260 0.1373 -0.0160 0.0306  0.0368  11  DC  A C4    
200 N  N4    . DC  A 10 ? 0.1842 0.1554 0.1426 0.0095  0.0200  0.0237  11  DC  A N4    
201 C  C5    . DC  A 10 ? 0.1730 0.1578 0.1413 -0.0034 -0.0082 0.0184  11  DC  A C5    
202 C  C6    . DC  A 10 ? 0.1815 0.1130 0.1344 0.0004  -0.0060 0.0515  11  DC  A C6    
203 P  P     . DG  A 11 ? 0.1726 0.1502 0.1623 0.0180  0.0131  0.0564  12  DG  A P     
204 O  OP1   . DG  A 11 ? 0.2434 0.1670 0.1434 0.0440  0.0269  0.0564  12  DG  A OP1   
205 O  OP2   . DG  A 11 ? 0.1454 0.2042 0.1820 0.0182  0.0042  0.1013  12  DG  A OP2   
206 O  "O5'" . DG  A 11 ? 0.1392 0.1461 0.1708 -0.0056 -0.0085 0.0518  12  DG  A "O5'" 
207 C  "C5'" . DG  A 11 ? 0.1491 0.1448 0.1552 -0.0182 -0.0025 0.0176  12  DG  A "C5'" 
208 C  "C4'" . DG  A 11 ? 0.1381 0.1627 0.1452 -0.0018 -0.0199 0.0098  12  DG  A "C4'" 
209 O  "O4'" . DG  A 11 ? 0.1529 0.1553 0.1513 0.0036  0.0086  0.0139  12  DG  A "O4'" 
210 C  "C3'" . DG  A 11 ? 0.1675 0.1493 0.1200 0.0184  -0.0266 0.0203  12  DG  A "C3'" 
211 O  "O3'" . DG  A 11 ? 0.1855 0.1808 0.1398 0.0002  -0.0339 0.0159  12  DG  A "O3'" 
212 C  "C2'" . DG  A 11 ? 0.1985 0.1461 0.1263 0.0288  -0.0049 0.0226  12  DG  A "C2'" 
213 C  "C1'" . DG  A 11 ? 0.1366 0.1592 0.1382 -0.0051 -0.0075 0.0090  12  DG  A "C1'" 
214 N  N9    . DG  A 11 ? 0.1332 0.1808 0.1383 0.0199  -0.0105 0.0487  12  DG  A N9    
215 C  C8    . DG  A 11 ? 0.1424 0.2116 0.1359 0.0252  -0.0041 0.0631  12  DG  A C8    
216 N  N7    . DG  A 11 ? 0.1372 0.1725 0.1608 0.0006  -0.0139 0.0188  12  DG  A N7    
217 C  C5    . DG  A 11 ? 0.1297 0.1841 0.1659 -0.0211 -0.0212 -0.0061 12  DG  A C5    
218 C  C6    . DG  A 11 ? 0.1353 0.1460 0.1558 -0.0406 -0.0213 0.0209  12  DG  A C6    
219 O  O6    . DG  A 11 ? 0.1583 0.1906 0.1615 0.0091  -0.0320 0.0164  12  DG  A O6    
220 N  N1    . DG  A 11 ? 0.1585 0.1720 0.1523 -0.0085 -0.0260 0.0191  12  DG  A N1    
221 C  C2    . DG  A 11 ? 0.1472 0.1478 0.1441 -0.0127 -0.0124 0.0422  12  DG  A C2    
222 N  N2    . DG  A 11 ? 0.1720 0.1855 0.1493 0.0026  -0.0050 0.0344  12  DG  A N2    
223 N  N3    . DG  A 11 ? 0.1450 0.1614 0.1289 0.0129  -0.0077 0.0680  12  DG  A N3    
224 C  C4    . DG  A 11 ? 0.1272 0.1397 0.1488 -0.0102 -0.0159 0.0289  12  DG  A C4    
225 O  "O5'" . DG  B 1  ? 0.5706 0.4171 0.3579 0.1410  -0.0196 0.1111  14  DG  B "O5'" 
226 C  "C5'" . DG  B 1  ? 0.2092 0.2854 0.3078 -0.0078 -0.0828 0.0312  14  DG  B "C5'" 
227 C  "C4'" . DG  B 1  ? 0.1746 0.2793 0.2224 -0.0351 -0.0082 0.0312  14  DG  B "C4'" 
228 O  "O4'" . DG  B 1  ? 0.1678 0.2935 0.1718 -0.0433 0.0125  0.0136  14  DG  B "O4'" 
229 C  "C3'" . DG  B 1  ? 0.1701 0.2514 0.1894 -0.0325 0.0008  -0.0040 14  DG  B "C3'" 
230 O  "O3'" . DG  B 1  ? 0.1531 0.2655 0.2016 -0.0221 -0.0176 -0.0171 14  DG  B "O3'" 
231 C  "C2'" . DG  B 1  ? 0.1315 0.2545 0.1890 -0.0415 0.0125  -0.0050 14  DG  B "C2'" 
232 C  "C1'" . DG  B 1  ? 0.1503 0.1982 0.2038 -0.0307 0.0142  0.0294  14  DG  B "C1'" 
233 N  N9    . DG  B 1  ? 0.1281 0.2130 0.1779 -0.0140 0.0075  0.0297  14  DG  B N9    
234 C  C8    . DG  B 1  ? 0.1512 0.1952 0.2076 0.0151  -0.0145 0.0324  14  DG  B C8    
235 N  N7    . DG  B 1  ? 0.1446 0.2688 0.1388 0.0165  -0.0142 0.0001  14  DG  B N7    
236 C  C5    . DG  B 1  ? 0.1455 0.2184 0.1123 0.0007  0.0127  0.0299  14  DG  B C5    
237 C  C6    . DG  B 1  ? 0.1491 0.1387 0.1119 -0.0001 0.0219  0.0523  14  DG  B C6    
238 O  O6    . DG  B 1  ? 0.2038 0.1622 0.1853 0.0148  0.0014  0.0039  14  DG  B O6    
239 N  N1    . DG  B 1  ? 0.1493 0.1652 0.1209 -0.0048 0.0318  0.0267  14  DG  B N1    
240 C  C2    . DG  B 1  ? 0.1347 0.1674 0.1188 0.0031  0.0018  0.0230  14  DG  B C2    
241 N  N2    . DG  B 1  ? 0.1386 0.1394 0.1278 -0.0114 0.0255  0.0365  14  DG  B N2    
242 N  N3    . DG  B 1  ? 0.1365 0.1702 0.1528 -0.0208 0.0149  0.0448  14  DG  B N3    
243 C  C4    . DG  B 1  ? 0.1299 0.1996 0.1113 -0.0326 0.0295  0.0475  14  DG  B C4    
244 P  P     . DC  B 2  ? 0.1740 0.2521 0.2795 -0.0431 0.0067  -0.0175 15  DC  B P     
245 O  OP1   . DC  B 2  ? 0.2495 0.2684 0.3277 -0.0150 0.0116  -0.0444 15  DC  B OP1   
246 O  OP2   . DC  B 2  ? 0.1814 0.2626 0.3375 -0.0572 0.0357  -0.0128 15  DC  B OP2   
247 O  "O5'" . DC  B 2  ? 0.1746 0.2227 0.2983 -0.0473 0.0085  0.0554  15  DC  B "O5'" 
248 C  "C5'" . DC  B 2  ? 0.1712 0.2968 0.2432 -0.0660 -0.0124 -0.0183 15  DC  B "C5'" 
249 C  "C4'" . DC  B 2  ? 0.1872 0.2234 0.2299 -0.0654 -0.0194 0.0017  15  DC  B "C4'" 
250 O  "O4'" . DC  B 2  ? 0.1815 0.2086 0.1886 -0.0383 -0.0139 0.0297  15  DC  B "O4'" 
251 C  "C3'" . DC  B 2  ? 0.2945 0.2034 0.2672 -0.0454 -0.0021 0.0166  15  DC  B "C3'" 
252 O  "O3'" . DC  B 2  ? 0.3732 0.2669 0.3673 0.0467  0.0056  0.0270  15  DC  B "O3'" 
253 C  "C2'" . DC  B 2  ? 0.3524 0.2310 0.2432 -0.0707 -0.0490 0.0688  15  DC  B "C2'" 
254 C  "C1'" . DC  B 2  ? 0.2712 0.2154 0.1802 -0.0500 -0.0419 0.0405  15  DC  B "C1'" 
255 N  N1    . DC  B 2  ? 0.1968 0.2318 0.1739 -0.0470 -0.0221 0.0480  15  DC  B N1    
256 C  C2    . DC  B 2  ? 0.1723 0.2058 0.1027 -0.0280 -0.0259 0.0620  15  DC  B C2    
257 O  O2    . DC  B 2  ? 0.1846 0.1614 0.1531 -0.0332 -0.0085 0.0544  15  DC  B O2    
258 N  N3    . DC  B 2  ? 0.1559 0.2171 0.1263 -0.0358 0.0186  0.0538  15  DC  B N3    
259 C  C4    . DC  B 2  ? 0.1601 0.2480 0.1358 -0.0237 0.0116  0.0605  15  DC  B C4    
260 N  N4    . DC  B 2  ? 0.1956 0.2520 0.1518 -0.0011 0.0194  0.0517  15  DC  B N4    
261 C  C5    . DC  B 2  ? 0.1544 0.3003 0.1804 -0.0332 -0.0036 0.0553  15  DC  B C5    
262 C  C6    . DC  B 2  ? 0.1763 0.2572 0.1674 -0.0649 -0.0104 0.0853  15  DC  B C6    
263 P  P     . DG  B 3  ? 0.3795 0.2315 0.4659 0.0019  0.0178  0.0391  16  DG  B P     
264 O  OP1   . DG  B 3  ? 0.3970 0.2640 0.5495 0.0065  -0.0477 -0.0081 16  DG  B OP1   
265 O  OP2   . DG  B 3  ? 0.3675 0.3485 0.4436 -0.0552 0.0175  0.0606  16  DG  B OP2   
266 O  "O5'" . DG  B 3  ? 0.3834 0.2128 0.3356 0.0144  0.0271  0.0447  16  DG  B "O5'" 
267 C  "C5'" . DG  B 3  ? 0.3849 0.1729 0.4035 0.0165  0.0565  0.0144  16  DG  B "C5'" 
268 C  "C4'" . DG  B 3  ? 0.3735 0.2365 0.4423 0.0180  0.0228  0.0450  16  DG  B "C4'" 
269 O  "O4'" . DG  B 3  ? 0.2808 0.2340 0.3562 -0.0258 0.0066  0.0416  16  DG  B "O4'" 
270 C  "C3'" . DG  B 3  ? 0.3695 0.2741 0.4931 0.0191  0.0171  0.0929  16  DG  B "C3'" 
271 O  "O3'" . DG  B 3  ? 0.3630 0.4137 0.5834 0.0641  0.0108  0.1140  16  DG  B "O3'" 
272 C  "C2'" . DG  B 3  ? 0.3477 0.2695 0.4374 0.0119  -0.0232 0.0994  16  DG  B "C2'" 
273 C  "C1'" . DG  B 3  ? 0.2665 0.2765 0.3585 -0.0106 -0.0051 0.0898  16  DG  B "C1'" 
274 N  N9    . DG  B 3  ? 0.2554 0.2716 0.2725 -0.0051 -0.0326 0.1090  16  DG  B N9    
275 C  C8    . DG  B 3  ? 0.2572 0.2621 0.2667 -0.0031 -0.0353 0.1110  16  DG  B C8    
276 N  N7    . DG  B 3  ? 0.2558 0.3495 0.1688 -0.0378 -0.0169 0.0425  16  DG  B N7    
277 C  C5    . DG  B 3  ? 0.2444 0.3262 0.1728 -0.0240 -0.0421 0.0691  16  DG  B C5    
278 C  C6    . DG  B 3  ? 0.2676 0.2960 0.0895 -0.0438 0.0056  0.1185  16  DG  B C6    
279 O  O6    . DG  B 3  ? 0.2768 0.3151 0.1458 -0.0508 0.0221  0.0859  16  DG  B O6    
280 N  N1    . DG  B 3  ? 0.2665 0.2655 0.1790 -0.0415 -0.0033 0.1316  16  DG  B N1    
281 C  C2    . DG  B 3  ? 0.2633 0.3151 0.1638 -0.0394 -0.0107 0.1036  16  DG  B C2    
282 N  N2    . DG  B 3  ? 0.2642 0.3104 0.1787 -0.0404 -0.0105 0.1239  16  DG  B N2    
283 N  N3    . DG  B 3  ? 0.2527 0.2930 0.1722 -0.0177 -0.0218 0.1249  16  DG  B N3    
284 C  C4    . DG  B 3  ? 0.2511 0.2794 0.2348 -0.0111 -0.0265 0.1109  16  DG  B C4    
285 P  P     . DA  B 4  ? 0.3803 0.4477 0.5095 0.1117  0.0424  0.0855  17  DA  B P     
286 O  OP1   . DA  B 4  ? 0.5262 0.3971 0.4627 0.1333  0.0799  0.1224  17  DA  B OP1   
287 O  OP2   . DA  B 4  ? 0.5911 0.2767 0.5544 0.0851  0.1490  0.0290  17  DA  B OP2   
288 O  "O5'" . DA  B 4  ? 0.4026 0.5242 0.4398 0.0870  0.0654  0.0652  17  DA  B "O5'" 
289 C  "C5'" . DA  B 4  ? 0.4407 0.4358 0.4005 0.0984  0.1100  -0.0234 17  DA  B "C5'" 
290 C  "C4'" . DA  B 4  ? 0.3628 0.5710 0.4058 0.1039  0.0912  -0.0685 17  DA  B "C4'" 
291 O  "O4'" . DA  B 4  ? 0.2862 0.5625 0.3241 0.0699  0.0231  -0.0987 17  DA  B "O4'" 
292 C  "C3'" . DA  B 4  ? 0.2953 0.7445 0.4622 0.1680  0.0660  -0.0353 17  DA  B "C3'" 
293 O  "O3'" . DA  B 4  ? 0.3638 0.7484 0.5461 0.1032  0.0307  -0.0037 17  DA  B "O3'" 
294 C  "C2'" . DA  B 4  ? 0.3236 0.5752 0.3309 0.1816  -0.0027 -0.1368 17  DA  B "C2'" 
295 C  "C1'" . DA  B 4  ? 0.2816 0.5571 0.3336 0.0944  0.0454  -0.0106 17  DA  B "C1'" 
296 N  N9    . DA  B 4  ? 0.2644 0.4407 0.2868 0.0876  -0.0086 -0.0377 17  DA  B N9    
297 C  C8    . DA  B 4  ? 0.3142 0.3445 0.3244 0.0891  0.0167  0.0155  17  DA  B C8    
298 N  N7    . DA  B 4  ? 0.3014 0.3477 0.2670 0.0412  0.0269  0.0105  17  DA  B N7    
299 C  C5    . DA  B 4  ? 0.2764 0.3250 0.1733 0.0390  0.0470  0.0567  17  DA  B C5    
300 C  C6    . DA  B 4  ? 0.2689 0.2869 0.1065 0.0275  0.0382  0.0984  17  DA  B C6    
301 N  N6    . DA  B 4  ? 0.2633 0.2640 0.1546 0.0379  0.0226  0.1010  17  DA  B N6    
302 N  N1    . DA  B 4  ? 0.2857 0.3236 0.1295 -0.0018 0.0725  0.0576  17  DA  B N1    
303 C  C2    . DA  B 4  ? 0.2900 0.3192 0.1405 -0.0069 0.0763  0.0789  17  DA  B C2    
304 N  N3    . DA  B 4  ? 0.2782 0.3670 0.1972 0.0199  0.0510  0.0517  17  DA  B N3    
305 C  C4    . DA  B 4  ? 0.2592 0.3245 0.2766 0.0626  0.0090  0.0595  17  DA  B C4    
306 P  P     . DA  B 5  ? 0.4022 0.7116 0.5889 0.0487  -0.0501 -0.0319 18  DA  B P     
307 O  OP1   . DA  B 5  ? 0.4598 0.9371 0.5955 0.2525  0.0222  0.0931  18  DA  B OP1   
308 O  OP2   . DA  B 5  ? 0.5460 0.5839 0.8827 0.1542  -0.0541 0.0853  18  DA  B OP2   
309 O  "O5'" . DA  B 5  ? 0.4075 0.6855 0.5645 0.0479  0.0045  0.0006  18  DA  B "O5'" 
310 C  "C5'" . DA  B 5  ? 0.1743 0.6723 0.3054 -0.0796 -0.0510 -0.0046 18  DA  B "C5'" 
311 C  "C4'" . DA  B 5  ? 0.2816 0.5936 0.2646 -0.1059 0.0552  0.0810  18  DA  B "C4'" 
312 O  "O4'" . DA  B 5  ? 0.2838 0.4902 0.2502 -0.1118 0.0441  0.0900  18  DA  B "O4'" 
313 C  "C3'" . DA  B 5  ? 0.2733 0.6891 0.2610 -0.0518 0.0666  0.0833  18  DA  B "C3'" 
314 O  "O3'" . DA  B 5  ? 0.2584 0.8594 0.3484 -0.1065 0.0008  0.0128  18  DA  B "O3'" 
315 C  "C2'" . DA  B 5  ? 0.2487 0.5919 0.2765 0.0215  0.0798  0.1117  18  DA  B "C2'" 
316 C  "C1'" . DA  B 5  ? 0.2777 0.3343 0.2636 -0.0524 0.0599  0.0947  18  DA  B "C1'" 
317 N  N9    . DA  B 5  ? 0.2686 0.3680 0.1841 -0.0421 0.0537  0.0540  18  DA  B N9    
318 C  C8    . DA  B 5  ? 0.2544 0.3583 0.2368 -0.0479 0.0767  0.0506  18  DA  B C8    
319 N  N7    . DA  B 5  ? 0.2385 0.3280 0.2132 -0.0154 0.0550  0.0803  18  DA  B N7    
320 C  C5    . DA  B 5  ? 0.2505 0.2546 0.2396 0.0071  0.0208  0.1384  18  DA  B C5    
321 C  C6    . DA  B 5  ? 0.2495 0.2726 0.1854 -0.0017 0.0220  0.0984  18  DA  B C6    
322 N  N6    . DA  B 5  ? 0.2623 0.2728 0.1527 -0.0079 0.0230  0.0754  18  DA  B N6    
323 N  N1    . DA  B 5  ? 0.2455 0.2762 0.1483 -0.0324 0.0203  0.0818  18  DA  B N1    
324 C  C2    . DA  B 5  ? 0.2368 0.3428 0.1342 -0.0480 0.0031  0.0549  18  DA  B C2    
325 N  N3    . DA  B 5  ? 0.2357 0.3401 0.1902 -0.0267 -0.0092 0.0670  18  DA  B N3    
326 C  C4    . DA  B 5  ? 0.2784 0.2864 0.2106 -0.0396 0.0826  0.1330  18  DA  B C4    
327 P  P     . DT  B 6  ? 0.3165 0.6888 0.3436 -0.0290 0.0055  0.0380  19  DT  B P     
328 O  OP1   . DT  B 6  ? 0.3911 0.8434 0.3509 -0.1099 0.0199  -0.0987 19  DT  B OP1   
329 O  OP2   . DT  B 6  ? 0.4213 0.7559 0.6048 0.0697  0.2028  0.1824  19  DT  B OP2   
330 O  "O5'" . DT  B 6  ? 0.3859 0.6629 0.3772 -0.0027 0.0669  0.0769  19  DT  B "O5'" 
331 C  "C5'" . DT  B 6  ? 0.2416 0.5778 0.2947 -0.1313 0.0207  0.0461  19  DT  B "C5'" 
332 C  "C4'" . DT  B 6  ? 0.2468 0.5000 0.2715 -0.1265 0.0223  0.1237  19  DT  B "C4'" 
333 O  "O4'" . DT  B 6  ? 0.2482 0.4964 0.2089 -0.1215 -0.0073 0.1395  19  DT  B "O4'" 
334 C  "C3'" . DT  B 6  ? 0.3023 0.5038 0.2616 -0.1475 0.0012  0.0603  19  DT  B "C3'" 
335 O  "O3'" . DT  B 6  ? 0.3866 0.4931 0.3430 -0.1377 0.0619  0.0684  19  DT  B "O3'" 
336 C  "C2'" . DT  B 6  ? 0.3403 0.4936 0.1896 -0.1367 -0.0164 0.0852  19  DT  B "C2'" 
337 C  "C1'" . DT  B 6  ? 0.2803 0.3831 0.2074 -0.1085 0.0036  0.1130  19  DT  B "C1'" 
338 N  N1    . DT  B 6  ? 0.2654 0.3683 0.2309 -0.0744 -0.0003 0.0873  19  DT  B N1    
339 C  C2    . DT  B 6  ? 0.2589 0.2950 0.1717 -0.0507 -0.0410 0.1179  19  DT  B C2    
340 O  O2    . DT  B 6  ? 0.2619 0.2866 0.2725 -0.0971 -0.0027 0.0557  19  DT  B O2    
341 N  N3    . DT  B 6  ? 0.2405 0.2912 0.1420 -0.0218 -0.0287 0.0962  19  DT  B N3    
342 C  C4    . DT  B 6  ? 0.2380 0.3068 0.2241 -0.0150 0.0156  0.1057  19  DT  B C4    
343 O  O4    . DT  B 6  ? 0.2579 0.2725 0.2589 -0.0105 0.0423  0.1146  19  DT  B O4    
344 C  C5    . DT  B 6  ? 0.2340 0.4099 0.1496 -0.0182 -0.0148 0.0679  19  DT  B C5    
345 C  C7    . DT  B 6  ? 0.2311 0.4948 0.2527 0.0038  -0.0099 -0.0076 19  DT  B C7    
346 C  C6    . DT  B 6  ? 0.2611 0.4455 0.1766 -0.0645 0.0122  0.0433  19  DT  B C6    
347 P  P     . DT  B 7  ? 0.2987 0.5155 0.3864 -0.1742 0.0141  -0.0350 20  DT  B P     
348 O  OP1   . DT  B 7  ? 0.5317 0.5497 0.7156 -0.2329 0.1710  -0.1534 20  DT  B OP1   
349 O  OP2   . DT  B 7  ? 0.2712 0.7648 0.3620 -0.1000 0.0303  0.0205  20  DT  B OP2   
350 O  "O5'" . DT  B 7  ? 0.2739 0.5700 0.2906 -0.1276 -0.0121 0.0402  20  DT  B "O5'" 
351 C  "C5'" . DT  B 7  ? 0.3020 0.4251 0.2181 -0.1548 -0.0232 0.0069  20  DT  B "C5'" 
352 C  "C4'" . DT  B 7  ? 0.2755 0.3392 0.2453 -0.1075 -0.0462 0.0548  20  DT  B "C4'" 
353 O  "O4'" . DT  B 7  ? 0.3157 0.3151 0.2294 -0.0863 -0.0173 0.0791  20  DT  B "O4'" 
354 C  "C3'" . DT  B 7  ? 0.2314 0.3327 0.2493 -0.1116 -0.0400 0.0623  20  DT  B "C3'" 
355 O  "O3'" . DT  B 7  ? 0.2364 0.3252 0.2930 -0.1157 -0.0013 0.0841  20  DT  B "O3'" 
356 C  "C2'" . DT  B 7  ? 0.3063 0.3308 0.2262 -0.0918 -0.0388 0.0440  20  DT  B "C2'" 
357 C  "C1'" . DT  B 7  ? 0.2376 0.3235 0.1916 -0.0747 0.0059  0.0431  20  DT  B "C1'" 
358 N  N1    . DT  B 7  ? 0.2353 0.3143 0.1510 -0.0514 -0.0196 0.0746  20  DT  B N1    
359 C  C2    . DT  B 7  ? 0.2422 0.2699 0.1700 -0.0362 -0.0503 0.0984  20  DT  B C2    
360 O  O2    . DT  B 7  ? 0.2440 0.2673 0.1290 -0.0476 -0.0315 0.0565  20  DT  B O2    
361 N  N3    . DT  B 7  ? 0.2417 0.2863 0.1448 -0.0497 0.0228  0.0917  20  DT  B N3    
362 C  C4    . DT  B 7  ? 0.2484 0.2510 0.1853 -0.0451 0.0374  0.1755  20  DT  B C4    
363 O  O4    . DT  B 7  ? 0.2458 0.3079 0.2322 -0.0146 -0.0164 0.0991  20  DT  B O4    
364 C  C5    . DT  B 7  ? 0.2400 0.3246 0.2546 -0.0600 0.0512  0.0956  20  DT  B C5    
365 C  C7    . DT  B 7  ? 0.2506 0.3681 0.2266 -0.0326 0.0194  0.0765  20  DT  B C7    
366 C  C6    . DT  B 7  ? 0.2346 0.3298 0.1739 -0.0481 -0.0082 0.0936  20  DT  B C6    
367 P  P     . DC  B 8  ? 0.2748 0.2939 0.2956 -0.0632 -0.0042 0.0942  21  DC  B P     
368 O  OP1   . DC  B 8  ? 0.3710 0.2861 0.4077 -0.0402 0.0157  0.0629  21  DC  B OP1   
369 O  OP2   . DC  B 8  ? 0.2894 0.4315 0.3156 -0.0754 -0.0396 0.0238  21  DC  B OP2   
370 O  "O5'" . DC  B 8  ? 0.3019 0.2937 0.2129 -0.0735 -0.0422 0.1205  21  DC  B "O5'" 
371 C  "C5'" . DC  B 8  ? 0.3188 0.2260 0.1906 -0.0593 -0.0478 0.0784  21  DC  B "C5'" 
372 C  "C4'" . DC  B 8  ? 0.3105 0.2149 0.2131 -0.0467 0.0172  0.0396  21  DC  B "C4'" 
373 O  "O4'" . DC  B 8  ? 0.2621 0.2450 0.1997 -0.0280 -0.0136 0.0361  21  DC  B "O4'" 
374 C  "C3'" . DC  B 8  ? 0.3437 0.1926 0.2320 -0.0209 0.0460  0.0617  21  DC  B "C3'" 
375 O  "O3'" . DC  B 8  ? 0.3538 0.2385 0.2816 0.0072  0.0716  0.1076  21  DC  B "O3'" 
376 C  "C2'" . DC  B 8  ? 0.3733 0.2116 0.2172 0.0110  0.0445  0.0337  21  DC  B "C2'" 
377 C  "C1'" . DC  B 8  ? 0.2611 0.2383 0.2001 -0.0158 -0.0055 0.0379  21  DC  B "C1'" 
378 N  N1    . DC  B 8  ? 0.2118 0.2355 0.1307 -0.0556 0.0049  0.0479  21  DC  B N1    
379 C  C2    . DC  B 8  ? 0.1915 0.2347 0.1122 -0.0410 -0.0292 0.0451  21  DC  B C2    
380 O  O2    . DC  B 8  ? 0.1889 0.2340 0.1766 -0.0395 -0.0138 0.0486  21  DC  B O2    
381 N  N3    . DC  B 8  ? 0.1791 0.2299 0.1362 -0.0537 -0.0174 0.0597  21  DC  B N3    
382 C  C4    . DC  B 8  ? 0.1839 0.2630 0.2001 -0.0457 -0.0412 0.0594  21  DC  B C4    
383 N  N4    . DC  B 8  ? 0.1788 0.3233 0.2173 -0.0384 -0.0015 0.0516  21  DC  B N4    
384 C  C5    . DC  B 8  ? 0.1931 0.3123 0.1921 -0.0880 -0.0196 0.0252  21  DC  B C5    
385 C  C6    . DC  B 8  ? 0.2269 0.2734 0.1382 -0.0889 -0.0022 0.0311  21  DC  B C6    
386 P  P     . DG  B 9  ? 0.3799 0.2033 0.2918 0.0275  0.0879  0.0674  22  DG  B P     
387 O  OP1   . DG  B 9  ? 0.4142 0.2876 0.4450 0.0902  0.1320  0.1119  22  DG  B OP1   
388 O  OP2   . DG  B 9  ? 0.4463 0.2434 0.3259 -0.0616 0.1143  0.0192  22  DG  B OP2   
389 O  "O5'" . DG  B 9  ? 0.3156 0.2196 0.2338 -0.0117 0.0462  0.0722  22  DG  B "O5'" 
390 C  "C5'" . DG  B 9  ? 0.2529 0.2194 0.2150 0.0413  0.0346  0.0683  22  DG  B "C5'" 
391 C  "C4'" . DG  B 9  ? 0.2239 0.2110 0.2107 0.0283  -0.0254 0.0487  22  DG  B "C4'" 
392 O  "O4'" . DG  B 9  ? 0.2230 0.1647 0.1606 -0.0002 -0.0249 0.0490  22  DG  B "O4'" 
393 C  "C3'" . DG  B 9  ? 0.2056 0.1471 0.1964 -0.0167 0.0014  0.0290  22  DG  B "C3'" 
394 O  "O3'" . DG  B 9  ? 0.2236 0.1468 0.2653 -0.0221 0.0312  0.0365  22  DG  B "O3'" 
395 C  "C2'" . DG  B 9  ? 0.2082 0.1530 0.1646 -0.0177 -0.0149 0.0137  22  DG  B "C2'" 
396 C  "C1'" . DG  B 9  ? 0.1988 0.1182 0.1522 -0.0153 -0.0117 0.0400  22  DG  B "C1'" 
397 N  N9    . DG  B 9  ? 0.1940 0.1629 0.1622 -0.0329 -0.0116 0.0174  22  DG  B N9    
398 C  C8    . DG  B 9  ? 0.1991 0.1613 0.1466 -0.0401 0.0023  0.0353  22  DG  B C8    
399 N  N7    . DG  B 9  ? 0.2042 0.1811 0.1677 -0.0337 -0.0002 0.0207  22  DG  B N7    
400 C  C5    . DG  B 9  ? 0.2031 0.1706 0.1314 -0.0341 0.0026  0.0391  22  DG  B C5    
401 C  C6    . DG  B 9  ? 0.1989 0.1691 0.2044 -0.0226 0.0114  0.0265  22  DG  B C6    
402 O  O6    . DG  B 9  ? 0.1942 0.1618 0.2254 -0.0193 0.0033  0.0275  22  DG  B O6    
403 N  N1    . DG  B 9  ? 0.1674 0.1529 0.1756 0.0056  -0.0152 0.0449  22  DG  B N1    
404 C  C2    . DG  B 9  ? 0.1681 0.1397 0.1507 0.0092  0.0015  0.0461  22  DG  B C2    
405 N  N2    . DG  B 9  ? 0.1723 0.1363 0.1106 0.0036  0.0201  0.0558  22  DG  B N2    
406 N  N3    . DG  B 9  ? 0.1755 0.1682 0.1622 -0.0153 0.0005  0.0045  22  DG  B N3    
407 C  C4    . DG  B 9  ? 0.1945 0.1646 0.1321 -0.0238 -0.0087 0.0296  22  DG  B C4    
408 P  P     . DC  B 10 ? 0.2334 0.1694 0.1878 -0.0205 0.0157  0.0094  23  DC  B P     
409 O  OP1   . DC  B 10 ? 0.2350 0.1920 0.2605 0.0023  0.0195  0.0285  23  DC  B OP1   
410 O  OP2   . DC  B 10 ? 0.3473 0.2036 0.2101 -0.0435 -0.0201 -0.0232 23  DC  B OP2   
411 O  "O5'" . DC  B 10 ? 0.1958 0.1795 0.1531 -0.0325 0.0066  0.0151  23  DC  B "O5'" 
412 C  "C5'" . DC  B 10 ? 0.1906 0.1655 0.1528 -0.0008 -0.0139 0.0298  23  DC  B "C5'" 
413 C  "C4'" . DC  B 10 ? 0.1829 0.1656 0.1387 0.0009  0.0124  0.0284  23  DC  B "C4'" 
414 O  "O4'" . DC  B 10 ? 0.1716 0.1770 0.1505 -0.0128 -0.0097 0.0190  23  DC  B "O4'" 
415 C  "C3'" . DC  B 10 ? 0.1722 0.1433 0.1164 -0.0094 -0.0159 0.0024  23  DC  B "C3'" 
416 O  "O3'" . DC  B 10 ? 0.1736 0.1453 0.1251 -0.0097 0.0042  -0.0126 23  DC  B "O3'" 
417 C  "C2'" . DC  B 10 ? 0.1612 0.1673 0.1524 -0.0151 -0.0043 0.0153  23  DC  B "C2'" 
418 C  "C1'" . DC  B 10 ? 0.1690 0.1650 0.1325 -0.0214 -0.0136 0.0136  23  DC  B "C1'" 
419 N  N1    . DC  B 10 ? 0.1704 0.1329 0.1233 -0.0091 -0.0009 0.0283  23  DC  B N1    
420 C  C2    . DC  B 10 ? 0.1675 0.1703 0.1050 -0.0043 -0.0149 0.0157  23  DC  B C2    
421 O  O2    . DC  B 10 ? 0.1702 0.1646 0.1130 -0.0069 -0.0054 0.0200  23  DC  B O2    
422 N  N3    . DC  B 10 ? 0.1708 0.1847 0.1050 -0.0195 0.0002  0.0168  23  DC  B N3    
423 C  C4    . DC  B 10 ? 0.1567 0.1738 0.0870 -0.0119 -0.0112 0.0361  23  DC  B C4    
424 N  N4    . DC  B 10 ? 0.1611 0.1557 0.1540 -0.0220 -0.0073 0.0322  23  DC  B N4    
425 C  C5    . DC  B 10 ? 0.1593 0.1904 0.0989 -0.0056 -0.0168 0.0171  23  DC  B C5    
426 C  C6    . DC  B 10 ? 0.1606 0.1696 0.0980 -0.0122 -0.0108 0.0147  23  DC  B C6    
427 P  P     . DG  B 11 ? 0.1679 0.1760 0.1602 -0.0195 0.0030  0.0108  24  DG  B P     
428 O  OP1   . DG  B 11 ? 0.1622 0.1905 0.2197 -0.0409 0.0159  -0.0253 24  DG  B OP1   
429 O  OP2   . DG  B 11 ? 0.1663 0.2086 0.1429 -0.0079 0.0091  0.0051  24  DG  B OP2   
430 O  "O5'" . DG  B 11 ? 0.1912 0.1410 0.1721 -0.0085 0.0112  0.0195  24  DG  B "O5'" 
431 C  "C5'" . DG  B 11 ? 0.1937 0.1264 0.1857 -0.0067 -0.0187 -0.0111 24  DG  B "C5'" 
432 C  "C4'" . DG  B 11 ? 0.1888 0.1903 0.1918 -0.0039 -0.0251 -0.0062 24  DG  B "C4'" 
433 O  "O4'" . DG  B 11 ? 0.1754 0.1883 0.1894 -0.0180 -0.0158 0.0040  24  DG  B "O4'" 
434 C  "C3'" . DG  B 11 ? 0.2144 0.1679 0.2123 -0.0161 -0.0389 0.0244  24  DG  B "C3'" 
435 O  "O3'" . DG  B 11 ? 0.3115 0.1808 0.2409 0.0312  -0.0405 0.0236  24  DG  B "O3'" 
436 C  "C2'" . DG  B 11 ? 0.1574 0.2116 0.2014 -0.0254 -0.0129 0.0187  24  DG  B "C2'" 
437 C  "C1'" . DG  B 11 ? 0.1608 0.1997 0.1786 -0.0185 -0.0260 0.0064  24  DG  B "C1'" 
438 N  N9    . DG  B 11 ? 0.1604 0.2157 0.1794 -0.0205 0.0093  0.0430  24  DG  B N9    
439 C  C8    . DG  B 11 ? 0.1575 0.2476 0.1823 -0.0044 -0.0060 0.0508  24  DG  B C8    
440 N  N7    . DG  B 11 ? 0.1856 0.2554 0.2324 0.0113  0.0139  0.0389  24  DG  B N7    
441 C  C5    . DG  B 11 ? 0.1955 0.2411 0.1069 0.0092  0.0062  0.0325  24  DG  B C5    
442 C  C6    . DG  B 11 ? 0.1823 0.2356 0.1512 0.0231  -0.0134 0.0002  24  DG  B C6    
443 O  O6    . DG  B 11 ? 0.1954 0.2720 0.3515 0.0395  -0.0017 -0.0477 24  DG  B O6    
444 N  N1    . DG  B 11 ? 0.1875 0.2011 0.2085 0.0160  -0.0374 -0.0355 24  DG  B N1    
445 C  C2    . DG  B 11 ? 0.1819 0.1659 0.1528 0.0026  -0.0091 -0.0487 24  DG  B C2    
446 N  N2    . DG  B 11 ? 0.1913 0.1567 0.1824 -0.0012 -0.0291 -0.0151 24  DG  B N2    
447 N  N3    . DG  B 11 ? 0.1962 0.1652 0.0978 -0.0056 0.0081  -0.0081 24  DG  B N3    
448 C  C4    . DG  B 11 ? 0.2008 0.1939 0.1132 -0.0020 0.0428  -0.0143 24  DG  B C4    
449 CA CA    . CA  C .  ? 0.2312 0.2502 0.1720 0.0046  -0.0058 0.0346  112 CA  A CA    
450 CA CA    . CA  D .  ? 0.2053 0.1974 0.1876 0.0002  -0.0003 0.0118  120 CA  A CA    
451 CA CA    A CA  E .  ? 0.2117 0.2929 0.2501 -0.0635 0.0635  0.0082  124 CA  A CA    
452 CA CA    . CA  F .  ? 0.1499 0.2114 0.1305 -0.0122 -0.0100 0.0334  101 CA  B CA    
453 CA CA    . CA  G .  ? 0.2431 0.2424 0.2720 -0.0150 0.0042  -0.0113 104 CA  B CA    
454 CA CA    . CA  H .  ? 0.2968 0.2657 0.2266 0.0007  -0.0011 0.0467  122 CA  B CA    
455 O  O     B HOH I .  ? 0.2326 0.3213 0.2911 -0.0601 0.0680  0.0095  125 HOH A O     
456 O  O     . HOH I .  ? 0.2128 0.1715 0.2238 0.0007  0.0188  0.0264  126 HOH A O     
457 O  O     . HOH I .  ? 0.2979 0.2782 0.2757 -0.0113 -0.0029 -0.0356 127 HOH A O     
458 O  O     . HOH I .  ? 0.2765 0.2708 0.2149 -0.0347 -0.0328 0.0287  128 HOH A O     
459 O  O     . HOH I .  ? 0.2394 0.2541 0.1637 -0.0094 -0.0064 0.0430  129 HOH A O     
460 O  O     . HOH I .  ? 0.2103 0.1892 0.2091 -0.0011 -0.0057 0.0002  130 HOH A O     
461 O  O     . HOH I .  ? 0.2754 0.4096 0.2875 -0.0428 -0.0689 -0.0086 131 HOH A O     
462 O  O     . HOH I .  ? 0.2677 0.2457 0.2952 -0.0235 0.0623  0.0585  132 HOH A O     
463 O  O     . HOH I .  ? 0.3506 0.2252 0.3189 -0.0034 0.0737  -0.0450 133 HOH A O     
464 O  O     . HOH I .  ? 0.3404 0.2714 0.1844 0.0016  -0.0024 0.1037  134 HOH A O     
465 O  O     . HOH I .  ? 0.3726 0.3078 0.2958 -0.0248 -0.0199 0.0360  135 HOH A O     
466 O  O     . HOH I .  ? 0.3295 0.4439 0.3303 -0.0324 -0.0410 -0.0588 136 HOH A O     
467 O  O     . HOH I .  ? 0.3463 0.2820 0.1881 0.0260  0.0430  -0.0059 137 HOH A O     
468 O  O     . HOH I .  ? 0.5058 0.6591 0.3672 0.0549  0.0313  0.0881  138 HOH A O     
469 O  O     . HOH I .  ? 0.4385 0.3150 0.4984 -0.0546 0.0007  -0.0616 139 HOH A O     
470 O  O     . HOH I .  ? 0.3816 0.2079 0.3022 0.0357  0.0734  0.0568  140 HOH A O     
471 O  O     . HOH I .  ? 0.3545 0.3515 0.2084 0.0249  -0.0063 0.0004  141 HOH A O     
472 O  O     . HOH I .  ? 0.2618 0.4252 0.3735 0.0518  0.0938  0.1586  142 HOH A O     
473 O  O     . HOH I .  ? 0.2972 0.3887 0.2670 -0.0144 0.0339  -0.0731 143 HOH A O     
474 O  O     . HOH I .  ? 0.4514 0.4455 0.4538 0.0247  -0.0261 -0.0945 144 HOH A O     
475 O  O     . HOH I .  ? 0.3833 0.5060 0.3969 0.0218  -0.0090 -0.0059 145 HOH A O     
476 O  O     . HOH I .  ? 0.3256 0.3799 0.2372 -0.0381 0.0400  -0.0271 146 HOH A O     
477 O  O     . HOH I .  ? 0.3746 0.3603 0.2841 -0.0034 0.0200  0.0384  147 HOH A O     
478 O  O     . HOH I .  ? 0.4177 0.3276 0.4305 -0.0144 0.1118  0.0666  148 HOH A O     
479 O  O     . HOH I .  ? 0.4730 0.4113 0.3248 0.0855  0.0219  0.1083  149 HOH A O     
480 O  O     . HOH I .  ? 0.3114 0.3546 0.2618 0.0891  0.0035  -0.0068 150 HOH A O     
481 O  O     . HOH I .  ? 0.3675 0.3763 0.2545 0.0099  -0.0182 0.0126  151 HOH A O     
482 O  O     . HOH I .  ? 0.4617 0.4060 0.5016 -0.0633 0.0821  -0.0375 152 HOH A O     
483 O  O     . HOH I .  ? 0.4044 0.3392 0.2823 -0.0152 0.0099  -0.0324 153 HOH A O     
484 O  O     . HOH I .  ? 0.5250 0.4880 0.3580 0.1000  0.0533  0.0237  154 HOH A O     
485 O  O     . HOH I .  ? 0.3132 0.4216 0.3343 0.0260  -0.0028 0.1305  155 HOH A O     
486 O  O     . HOH I .  ? 0.3666 0.4725 0.2984 0.0181  -0.0790 0.0294  156 HOH A O     
487 O  O     . HOH I .  ? 0.4280 0.4193 0.3796 -0.0382 -0.0246 -0.0891 157 HOH A O     
488 O  O     . HOH I .  ? 0.3896 0.2573 0.3953 -0.0033 0.0052  0.0453  158 HOH A O     
489 O  O     . HOH I .  ? 0.5635 0.6120 0.5473 -0.0437 -0.1369 -0.1105 159 HOH A O     
490 O  O     . HOH I .  ? 0.4364 0.5431 0.5277 0.0758  -0.0525 0.0624  160 HOH A O     
517 O  O     . HOH J .  ? 0.2181 0.1847 0.2031 -0.0134 0.0108  0.0635  102 HOH B O     
518 O  O     . HOH J .  ? 0.1952 0.2265 0.1607 -0.0226 -0.0044 0.0513  103 HOH B O     
519 O  O     . HOH J .  ? 0.2800 0.2759 0.2904 0.0163  -0.0402 0.0303  105 HOH B O     
520 O  O     . HOH J .  ? 0.3130 0.4316 0.3018 -0.0532 0.0415  -0.0144 106 HOH B O     
521 O  O     . HOH J .  ? 0.2908 0.2878 0.3129 -0.0038 -0.0390 -0.0093 107 HOH B O     
522 O  O     . HOH J .  ? 0.2853 0.3844 0.2987 -0.0081 0.0456  -0.1005 108 HOH B O     
523 O  O     . HOH J .  ? 0.3081 0.3316 0.3379 -0.0757 0.0047  -0.0651 109 HOH B O     
524 O  O     . HOH J .  ? 0.3161 0.3446 0.2582 0.0248  -0.0257 -0.0541 110 HOH B O     
525 O  O     . HOH J .  ? 0.2805 0.3776 0.2976 -0.0503 -0.0163 -0.1010 111 HOH B O     
526 O  O     . HOH J .  ? 0.2298 0.2399 0.1417 -0.0132 0.0077  0.0358  113 HOH B O     
527 O  O     . HOH J .  ? 0.2156 0.2420 0.2832 0.0031  0.0351  0.1029  116 HOH B O     
528 O  O     . HOH J .  ? 0.2953 0.2713 0.2271 -0.0046 -0.0076 0.0103  119 HOH B O     
529 O  O     . HOH J .  ? 0.1798 0.1711 0.1523 -0.0005 -0.0075 0.0264  123 HOH B O     
530 O  O     . HOH J .  ? 0.1950 0.1824 0.1664 0.0003  -0.0004 0.0190  125 HOH B O     
531 O  O     . HOH J .  ? 0.2959 0.2927 0.2277 -0.0167 -0.0109 0.0293  126 HOH B O     
532 O  O     . HOH J .  ? 0.2528 0.2066 0.2169 -0.0031 0.0232  -0.0473 129 HOH B O     
533 O  O     . HOH J .  ? 0.2668 0.2558 0.2178 -0.0421 -0.0152 -0.0157 130 HOH B O     
534 O  O     . HOH J .  ? 0.2967 0.3359 0.3017 -0.0336 -0.0005 0.0710  132 HOH B O     
535 O  O     . HOH J .  ? 0.3059 0.3297 0.3198 -0.0391 -0.0375 -0.0412 134 HOH B O     
536 O  O     . HOH J .  ? 0.2445 0.2504 0.2579 -0.0001 0.0002  -0.0089 136 HOH B O     
537 O  O     . HOH J .  ? 0.4943 0.2756 0.4906 0.0325  0.0569  0.0380  138 HOH B O     
538 O  O     . HOH J .  ? 0.3012 0.2953 0.2765 0.0317  -0.0507 -0.0458 139 HOH B O     
539 O  O     . HOH J .  ? 0.3432 0.4003 0.2782 -0.0312 -0.0474 0.0694  142 HOH B O     
540 O  O     . HOH J .  ? 0.2968 0.4059 0.3434 -0.0706 -0.0259 0.0880  153 HOH B O     
541 O  O     A HOH J .  ? 0.4380 0.3353 0.3602 0.0042  0.0577  0.0394  155 HOH B O     
543 O  O     . HOH J .  ? 0.6557 0.3594 0.5855 0.0828  -0.0358 0.0886  156 HOH B O     
544 O  O     . HOH J .  ? 0.3216 0.3137 0.2604 -0.0431 -0.0291 0.0466  157 HOH B O     
545 O  O     . HOH J .  ? 0.5000 0.3539 0.6535 -0.0204 0.0643  0.0992  158 HOH B O     
546 O  O     . HOH J .  ? 0.2705 0.4352 0.3132 -0.0784 0.0210  0.0301  160 HOH B O     
547 O  O     . HOH J .  ? 0.3115 0.3501 0.2999 -0.0014 -0.0035 0.1487  162 HOH B O     
548 O  O     . HOH J .  ? 0.3999 0.4611 0.2891 0.0216  -0.0020 0.0453  163 HOH B O     
549 O  O     . HOH J .  ? 0.2871 0.3168 0.4189 -0.0415 0.0493  0.0422  164 HOH B O     
550 O  O     . HOH J .  ? 0.3645 0.5113 0.2393 0.0378  0.0154  0.0494  169 HOH B O     
551 O  O     . HOH J .  ? 0.3150 0.3629 0.4238 -0.1055 0.0210  -0.0051 170 HOH B O     
552 O  O     . HOH J .  ? 0.5109 0.6433 0.3972 0.0863  -0.0762 0.0323  171 HOH B O     
553 O  O     . HOH J .  ? 0.5814 0.6246 0.6518 0.0086  -0.0184 -0.0463 175 HOH B O     
554 O  O     . HOH J .  ? 0.5124 0.5612 0.3246 0.0461  0.0221  -0.0198 176 HOH B O     
555 O  O     . HOH J .  ? 0.5241 0.5191 0.4865 0.1164  0.1412  0.1405  177 HOH B O     
556 O  O     . HOH J .  ? 0.3498 0.5471 0.3665 -0.0302 -0.0070 -0.0463 179 HOH B O     
# 
